data_6I0A
# 
_entry.id   6I0A 
# 
_audit_conform.dict_name       mmcif_pdbx.dic 
_audit_conform.dict_version    5.383 
_audit_conform.dict_location   http://mmcif.pdb.org/dictionaries/ascii/mmcif_pdbx.dic 
# 
loop_
_database_2.database_id 
_database_2.database_code 
_database_2.pdbx_database_accession 
_database_2.pdbx_DOI 
PDB   6I0A         pdb_00006i0a 10.2210/pdb6i0a/pdb 
WWPDB D_1200012611 ?            ?                   
# 
loop_
_pdbx_audit_revision_history.ordinal 
_pdbx_audit_revision_history.data_content_type 
_pdbx_audit_revision_history.major_revision 
_pdbx_audit_revision_history.minor_revision 
_pdbx_audit_revision_history.revision_date 
1 'Structure model' 1 0 2019-11-13 
2 'Structure model' 1 1 2020-05-27 
3 'Structure model' 2 0 2020-07-29 
4 'Structure model' 2 1 2024-01-24 
# 
loop_
_pdbx_audit_revision_details.ordinal 
_pdbx_audit_revision_details.revision_ordinal 
_pdbx_audit_revision_details.data_content_type 
_pdbx_audit_revision_details.provider 
_pdbx_audit_revision_details.type 
_pdbx_audit_revision_details.description 
_pdbx_audit_revision_details.details 
1 1 'Structure model' repository 'Initial release' ?                          ? 
2 3 'Structure model' repository Remediation       'Carbohydrate remediation' ? 
# 
loop_
_pdbx_audit_revision_group.ordinal 
_pdbx_audit_revision_group.revision_ordinal 
_pdbx_audit_revision_group.data_content_type 
_pdbx_audit_revision_group.group 
1  2 'Structure model' 'Data collection'        
2  2 'Structure model' 'Database references'    
3  3 'Structure model' Advisory                 
4  3 'Structure model' 'Atomic model'           
5  3 'Structure model' 'Data collection'        
6  3 'Structure model' 'Derived calculations'   
7  3 'Structure model' 'Structure summary'      
8  4 'Structure model' 'Data collection'        
9  4 'Structure model' 'Database references'    
10 4 'Structure model' 'Derived calculations'   
11 4 'Structure model' 'Refinement description' 
12 4 'Structure model' 'Structure summary'      
# 
loop_
_pdbx_audit_revision_category.ordinal 
_pdbx_audit_revision_category.revision_ordinal 
_pdbx_audit_revision_category.data_content_type 
_pdbx_audit_revision_category.category 
1  2 'Structure model' chem_comp                     
2  2 'Structure model' citation                      
3  2 'Structure model' citation_author               
4  3 'Structure model' atom_site                     
5  3 'Structure model' chem_comp                     
6  3 'Structure model' entity                        
7  3 'Structure model' pdbx_branch_scheme            
8  3 'Structure model' pdbx_chem_comp_identifier     
9  3 'Structure model' pdbx_entity_branch            
10 3 'Structure model' pdbx_entity_branch_descriptor 
11 3 'Structure model' pdbx_entity_branch_link       
12 3 'Structure model' pdbx_entity_branch_list       
13 3 'Structure model' pdbx_entity_nonpoly           
14 3 'Structure model' pdbx_nonpoly_scheme           
15 3 'Structure model' pdbx_struct_assembly_gen      
16 3 'Structure model' pdbx_struct_special_symmetry  
17 3 'Structure model' pdbx_validate_close_contact   
18 3 'Structure model' struct_asym                   
19 3 'Structure model' struct_conn                   
20 3 'Structure model' struct_site                   
21 3 'Structure model' struct_site_gen               
22 4 'Structure model' chem_comp                     
23 4 'Structure model' chem_comp_atom                
24 4 'Structure model' chem_comp_bond                
25 4 'Structure model' database_2                    
26 4 'Structure model' pdbx_initial_refinement_model 
27 4 'Structure model' struct_conn                   
# 
loop_
_pdbx_audit_revision_item.ordinal 
_pdbx_audit_revision_item.revision_ordinal 
_pdbx_audit_revision_item.data_content_type 
_pdbx_audit_revision_item.item 
1  2 'Structure model' '_chem_comp.type'                             
2  2 'Structure model' '_citation.country'                           
3  2 'Structure model' '_citation.journal_abbrev'                    
4  2 'Structure model' '_citation.journal_id_CSD'                    
5  2 'Structure model' '_citation.journal_id_ISSN'                   
6  2 'Structure model' '_citation.journal_volume'                    
7  2 'Structure model' '_citation.page_first'                        
8  2 'Structure model' '_citation.page_last'                         
9  2 'Structure model' '_citation.pdbx_database_id_DOI'              
10 2 'Structure model' '_citation.pdbx_database_id_PubMed'           
11 2 'Structure model' '_citation.title'                             
12 2 'Structure model' '_citation.year'                              
13 3 'Structure model' '_atom_site.auth_asym_id'                     
14 3 'Structure model' '_atom_site.auth_seq_id'                      
15 3 'Structure model' '_atom_site.label_asym_id'                    
16 3 'Structure model' '_atom_site.label_entity_id'                  
17 3 'Structure model' '_chem_comp.mon_nstd_flag'                    
18 3 'Structure model' '_chem_comp.name'                             
19 3 'Structure model' '_chem_comp.type'                             
20 3 'Structure model' '_pdbx_struct_assembly_gen.asym_id_list'      
21 3 'Structure model' '_pdbx_struct_special_symmetry.label_asym_id' 
22 3 'Structure model' '_pdbx_validate_close_contact.auth_asym_id_1' 
23 3 'Structure model' '_pdbx_validate_close_contact.auth_asym_id_2' 
24 3 'Structure model' '_pdbx_validate_close_contact.auth_seq_id_1'  
25 3 'Structure model' '_pdbx_validate_close_contact.auth_seq_id_2'  
26 3 'Structure model' '_struct_conn.ptnr1_auth_asym_id'             
27 3 'Structure model' '_struct_conn.ptnr1_auth_seq_id'              
28 3 'Structure model' '_struct_conn.ptnr1_label_asym_id'            
29 3 'Structure model' '_struct_conn.ptnr2_auth_asym_id'             
30 3 'Structure model' '_struct_conn.ptnr2_auth_seq_id'              
31 3 'Structure model' '_struct_conn.ptnr2_label_asym_id'            
32 4 'Structure model' '_chem_comp.pdbx_synonyms'                    
33 4 'Structure model' '_database_2.pdbx_DOI'                        
34 4 'Structure model' '_database_2.pdbx_database_accession'         
35 4 'Structure model' '_struct_conn.pdbx_leaving_atom_flag'         
# 
_pdbx_database_status.status_code                     REL 
_pdbx_database_status.status_code_sf                  REL 
_pdbx_database_status.status_code_mr                  ? 
_pdbx_database_status.entry_id                        6I0A 
_pdbx_database_status.recvd_initial_deposition_date   2018-10-25 
_pdbx_database_status.SG_entry                        N 
_pdbx_database_status.deposit_site                    PDBE 
_pdbx_database_status.process_site                    PDBE 
_pdbx_database_status.status_code_cs                  ? 
_pdbx_database_status.methods_development_category    ? 
_pdbx_database_status.pdb_format_compatible           Y 
_pdbx_database_status.status_code_nmr_data            ? 
# 
loop_
_audit_author.name 
_audit_author.pdbx_ordinal 
_audit_author.identifier_ORCID 
'Alcorlo, M.'   1 0000-0001-8337-6203 
'Hermoso, J.A.' 2 0000-0002-1862-8950 
# 
_citation.abstract                  ? 
_citation.abstract_id_CAS           ? 
_citation.book_id_ISBN              ? 
_citation.book_publisher            ? 
_citation.book_publisher_city       ? 
_citation.book_title                ? 
_citation.coordinate_linkage        ? 
_citation.country                   UK 
_citation.database_id_Medline       ? 
_citation.details                   ? 
_citation.id                        primary 
_citation.journal_abbrev            'Nat Commun' 
_citation.journal_id_ASTM           ? 
_citation.journal_id_CSD            ? 
_citation.journal_id_ISSN           2041-1723 
_citation.journal_full              ? 
_citation.journal_issue             ? 
_citation.journal_volume            10 
_citation.language                  ? 
_citation.page_first                5567 
_citation.page_last                 5567 
_citation.title                     'Structural basis of denuded glycan recognition by SPOR domains in bacterial cell division.' 
_citation.year                      2019 
_citation.database_id_CSD           ? 
_citation.pdbx_database_id_DOI      10.1038/s41467-019-13354-4 
_citation.pdbx_database_id_PubMed   31804467 
_citation.unpublished_flag          ? 
# 
loop_
_citation_author.citation_id 
_citation_author.name 
_citation_author.ordinal 
_citation_author.identifier_ORCID 
primary 'Alcorlo, M.'       1  0000-0001-8337-6203 
primary 'Dik, D.A.'         2  ?                   
primary 'De Benedetti, S.'  3  ?                   
primary 'Mahasenan, K.V.'   4  0000-0001-5591-7324 
primary 'Lee, M.'           5  ?                   
primary 'Dominguez-Gil, T.' 6  ?                   
primary 'Hesek, D.'         7  ?                   
primary 'Lastochkin, E.'    8  ?                   
primary 'Lopez, D.'         9  0000-0002-8627-3813 
primary 'Boggess, B.'       10 ?                   
primary 'Mobashery, S.'     11 ?                   
primary 'Hermoso, J.A.'     12 ?                   
# 
loop_
_entity.id 
_entity.type 
_entity.src_method 
_entity.pdbx_description 
_entity.formula_weight 
_entity.pdbx_number_of_molecules 
_entity.pdbx_ec 
_entity.pdbx_mutation 
_entity.pdbx_fragment 
_entity.details 
1 polymer  man 'Endolytic peptidoglycan transglycosylase RlpA' 8173.327 1  4.2.2.- ? 'SPOR Domain, UNP residues 265-342' ? 
2 branched man 
;2-acetamido-2-deoxy-beta-D-glucopyranose-(1-4)-N-acetyl-beta-muramic acid-(1-4)-2-acetamido-2-deoxy-beta-D-glucopyranose-(1-4)-methyl 2-acetamido-3-O-[(1R)-1-carboxyethyl]-2-deoxy-beta-D-glucopyranoside
;
988.937  1  ?       ? ?                                   ? 
3 water    nat water 18.015   84 ?       ? ?                                   ? 
# 
_entity_poly.entity_id                      1 
_entity_poly.type                           'polypeptide(L)' 
_entity_poly.nstd_linkage                   no 
_entity_poly.nstd_monomer                   no 
_entity_poly.pdbx_seq_one_letter_code       GLYLQVGAFANPDAAELLKAKLSGVTAAPVFISSVVRNQQILHRVRLGPIGSADEVSRTQDSIRVANLGQPTLVRPD 
_entity_poly.pdbx_seq_one_letter_code_can   GLYLQVGAFANPDAAELLKAKLSGVTAAPVFISSVVRNQQILHRVRLGPIGSADEVSRTQDSIRVANLGQPTLVRPD 
_entity_poly.pdbx_strand_id                 A 
_entity_poly.pdbx_target_identifier         ? 
# 
_pdbx_entity_nonpoly.entity_id   3 
_pdbx_entity_nonpoly.name        water 
_pdbx_entity_nonpoly.comp_id     HOH 
# 
loop_
_entity_poly_seq.entity_id 
_entity_poly_seq.num 
_entity_poly_seq.mon_id 
_entity_poly_seq.hetero 
1 1  GLY n 
1 2  LEU n 
1 3  TYR n 
1 4  LEU n 
1 5  GLN n 
1 6  VAL n 
1 7  GLY n 
1 8  ALA n 
1 9  PHE n 
1 10 ALA n 
1 11 ASN n 
1 12 PRO n 
1 13 ASP n 
1 14 ALA n 
1 15 ALA n 
1 16 GLU n 
1 17 LEU n 
1 18 LEU n 
1 19 LYS n 
1 20 ALA n 
1 21 LYS n 
1 22 LEU n 
1 23 SER n 
1 24 GLY n 
1 25 VAL n 
1 26 THR n 
1 27 ALA n 
1 28 ALA n 
1 29 PRO n 
1 30 VAL n 
1 31 PHE n 
1 32 ILE n 
1 33 SER n 
1 34 SER n 
1 35 VAL n 
1 36 VAL n 
1 37 ARG n 
1 38 ASN n 
1 39 GLN n 
1 40 GLN n 
1 41 ILE n 
1 42 LEU n 
1 43 HIS n 
1 44 ARG n 
1 45 VAL n 
1 46 ARG n 
1 47 LEU n 
1 48 GLY n 
1 49 PRO n 
1 50 ILE n 
1 51 GLY n 
1 52 SER n 
1 53 ALA n 
1 54 ASP n 
1 55 GLU n 
1 56 VAL n 
1 57 SER n 
1 58 ARG n 
1 59 THR n 
1 60 GLN n 
1 61 ASP n 
1 62 SER n 
1 63 ILE n 
1 64 ARG n 
1 65 VAL n 
1 66 ALA n 
1 67 ASN n 
1 68 LEU n 
1 69 GLY n 
1 70 GLN n 
1 71 PRO n 
1 72 THR n 
1 73 LEU n 
1 74 VAL n 
1 75 ARG n 
1 76 PRO n 
1 77 ASP n 
# 
_entity_src_gen.entity_id                          1 
_entity_src_gen.pdbx_src_id                        1 
_entity_src_gen.pdbx_alt_source_flag               sample 
_entity_src_gen.pdbx_seq_type                      'Biological sequence' 
_entity_src_gen.pdbx_beg_seq_num                   1 
_entity_src_gen.pdbx_end_seq_num                   77 
_entity_src_gen.gene_src_common_name               ? 
_entity_src_gen.gene_src_genus                     ? 
_entity_src_gen.pdbx_gene_src_gene                 'rlpA, PAMH19_1027' 
_entity_src_gen.gene_src_species                   ? 
_entity_src_gen.gene_src_strain                    ? 
_entity_src_gen.gene_src_tissue                    ? 
_entity_src_gen.gene_src_tissue_fraction           ? 
_entity_src_gen.gene_src_details                   ? 
_entity_src_gen.pdbx_gene_src_fragment             ? 
_entity_src_gen.pdbx_gene_src_scientific_name      'Pseudomonas aeruginosa' 
_entity_src_gen.pdbx_gene_src_ncbi_taxonomy_id     287 
_entity_src_gen.pdbx_gene_src_variant              ? 
_entity_src_gen.pdbx_gene_src_cell_line            ? 
_entity_src_gen.pdbx_gene_src_atcc                 ? 
_entity_src_gen.pdbx_gene_src_organ                ? 
_entity_src_gen.pdbx_gene_src_organelle            ? 
_entity_src_gen.pdbx_gene_src_cell                 ? 
_entity_src_gen.pdbx_gene_src_cellular_location    ? 
_entity_src_gen.host_org_common_name               ? 
_entity_src_gen.pdbx_host_org_scientific_name      'Escherichia coli' 
_entity_src_gen.pdbx_host_org_ncbi_taxonomy_id     562 
_entity_src_gen.host_org_genus                     ? 
_entity_src_gen.pdbx_host_org_gene                 ? 
_entity_src_gen.pdbx_host_org_organ                ? 
_entity_src_gen.host_org_species                   ? 
_entity_src_gen.pdbx_host_org_tissue               ? 
_entity_src_gen.pdbx_host_org_tissue_fraction      ? 
_entity_src_gen.pdbx_host_org_strain               ? 
_entity_src_gen.pdbx_host_org_variant              ? 
_entity_src_gen.pdbx_host_org_cell_line            ? 
_entity_src_gen.pdbx_host_org_atcc                 ? 
_entity_src_gen.pdbx_host_org_culture_collection   ? 
_entity_src_gen.pdbx_host_org_cell                 ? 
_entity_src_gen.pdbx_host_org_organelle            ? 
_entity_src_gen.pdbx_host_org_cellular_location    ? 
_entity_src_gen.pdbx_host_org_vector_type          ? 
_entity_src_gen.pdbx_host_org_vector               ? 
_entity_src_gen.host_org_details                   ? 
_entity_src_gen.expression_system_id               ? 
_entity_src_gen.plasmid_name                       ? 
_entity_src_gen.plasmid_details                    ? 
_entity_src_gen.pdbx_description                   ? 
# 
_pdbx_entity_branch.entity_id   2 
_pdbx_entity_branch.type        oligosaccharide 
# 
loop_
_pdbx_entity_branch_descriptor.ordinal 
_pdbx_entity_branch_descriptor.entity_id 
_pdbx_entity_branch_descriptor.descriptor 
_pdbx_entity_branch_descriptor.type 
_pdbx_entity_branch_descriptor.program 
_pdbx_entity_branch_descriptor.program_version 
1 2 
;WURCS=2.0/3,4,3/[a2122h-1b_1-5_1*OC_2*NCC/3=O_3*OC^RCO/4=O/3C][a2122h-1b_1-5_2*NCC/3=O][a2122h-1b_1-5_2*NCC/3=O_3*OC^RCO/4=O/3C]/1-2-3-2/a4-b1_b4-c1_c4-d1
;
WURCS  PDB2Glycan 1.1.0 
2 2 
;[][methyl]{[(1+1)][b-D-GlcpNAc]{[(3+1)][&lt;C3O2&gt;]{}[(4+1)][b-D-GlcpNAc]{[(4+1)][b-D-GlcpNAc]{[(3+1)][&lt;C3O2&gt;]{}[(4+1)][b-D-GlcpNAc]{}}}}}
;
LINUCS PDB-CARE   ?     
# 
loop_
_pdbx_entity_branch_link.link_id 
_pdbx_entity_branch_link.entity_id 
_pdbx_entity_branch_link.entity_branch_list_num_1 
_pdbx_entity_branch_link.comp_id_1 
_pdbx_entity_branch_link.atom_id_1 
_pdbx_entity_branch_link.leaving_atom_id_1 
_pdbx_entity_branch_link.entity_branch_list_num_2 
_pdbx_entity_branch_link.comp_id_2 
_pdbx_entity_branch_link.atom_id_2 
_pdbx_entity_branch_link.leaving_atom_id_2 
_pdbx_entity_branch_link.value_order 
_pdbx_entity_branch_link.details 
1 2 2 NAG C1 O1 1 AMV O4 HO4 sing ? 
2 2 3 AMU C1 O1 2 NAG O4 HO4 sing ? 
3 2 4 NAG C1 O1 3 AMU O4 HO4 sing ? 
# 
loop_
_chem_comp.id 
_chem_comp.type 
_chem_comp.mon_nstd_flag 
_chem_comp.name 
_chem_comp.pdbx_synonyms 
_chem_comp.formula 
_chem_comp.formula_weight 
ALA 'L-peptide linking'          y ALANINE                                                                       ? 'C3 H7 N O2' 
89.093  
AMU 'D-saccharide, beta linking' . 'N-acetyl-beta-muramic acid'                                                  
'N-acetyl-muramic acid; BETA-N-ACETYLMURAMIC ACID' 'C11 H19 N O8'   293.270 
AMV D-saccharide                 n 'methyl 2-acetamido-3-O-[(1R)-1-carboxyethyl]-2-deoxy-beta-D-glucopyranoside' 
;METHYL 2-(ACETYLAMINO)-3-O-[(1R)-1-CARBOXYETHYL]-2-DEOXY-BETA-D-GLUCOPYRANOSIDE; methyl 2-acetamido-3-O-[(1R)-1-carboxyethyl]-2-deoxy-beta-D-glucoside; methyl 2-acetamido-3-O-[(1R)-1-carboxyethyl]-2-deoxy-D-glucoside; methyl 2-acetamido-3-O-[(1R)-1-carboxyethyl]-2-deoxy-glucoside
;
'C12 H21 N O8'   307.297 
ARG 'L-peptide linking'          y ARGININE                                                                      ? 
'C6 H15 N4 O2 1' 175.209 
ASN 'L-peptide linking'          y ASPARAGINE                                                                    ? 'C4 H8 N2 O3' 
132.118 
ASP 'L-peptide linking'          y 'ASPARTIC ACID'                                                               ? 'C4 H7 N O4' 
133.103 
GLN 'L-peptide linking'          y GLUTAMINE                                                                     ? 'C5 H10 N2 O3' 
146.144 
GLU 'L-peptide linking'          y 'GLUTAMIC ACID'                                                               ? 'C5 H9 N O4' 
147.129 
GLY 'peptide linking'            y GLYCINE                                                                       ? 'C2 H5 N O2' 
75.067  
HIS 'L-peptide linking'          y HISTIDINE                                                                     ? 
'C6 H10 N3 O2 1' 156.162 
HOH non-polymer                  . WATER                                                                         ? 'H2 O' 18.015  
ILE 'L-peptide linking'          y ISOLEUCINE                                                                    ? 'C6 H13 N O2' 
131.173 
LEU 'L-peptide linking'          y LEUCINE                                                                       ? 'C6 H13 N O2' 
131.173 
LYS 'L-peptide linking'          y LYSINE                                                                        ? 
'C6 H15 N2 O2 1' 147.195 
NAG 'D-saccharide, beta linking' . 2-acetamido-2-deoxy-beta-D-glucopyranose                                      
;N-acetyl-beta-D-glucosamine; 2-acetamido-2-deoxy-beta-D-glucose; 2-acetamido-2-deoxy-D-glucose; 2-acetamido-2-deoxy-glucose; N-ACETYL-D-GLUCOSAMINE
;
'C8 H15 N O6'    221.208 
PHE 'L-peptide linking'          y PHENYLALANINE                                                                 ? 'C9 H11 N O2' 
165.189 
PRO 'L-peptide linking'          y PROLINE                                                                       ? 'C5 H9 N O2' 
115.130 
SER 'L-peptide linking'          y SERINE                                                                        ? 'C3 H7 N O3' 
105.093 
THR 'L-peptide linking'          y THREONINE                                                                     ? 'C4 H9 N O3' 
119.119 
TYR 'L-peptide linking'          y TYROSINE                                                                      ? 'C9 H11 N O3' 
181.189 
VAL 'L-peptide linking'          y VALINE                                                                        ? 'C5 H11 N O2' 
117.146 
# 
loop_
_pdbx_chem_comp_identifier.comp_id 
_pdbx_chem_comp_identifier.type 
_pdbx_chem_comp_identifier.program 
_pdbx_chem_comp_identifier.program_version 
_pdbx_chem_comp_identifier.identifier 
AMU 'IUPAC CARBOHYDRATE SYMBOL'           PDB-CARE 1.0 b-D-GlcpNAc3<C3O2>             
AMU 'SNFG CARBOHYDRATE SYMBOL'            GMML     1.0 MurNAc                         
NAG 'CONDENSED IUPAC CARBOHYDRATE SYMBOL' GMML     1.0 DGlcpNAcb                      
NAG 'COMMON NAME'                         GMML     1.0 N-acetyl-b-D-glucopyranosamine 
NAG 'IUPAC CARBOHYDRATE SYMBOL'           PDB-CARE 1.0 b-D-GlcpNAc                    
NAG 'SNFG CARBOHYDRATE SYMBOL'            GMML     1.0 GlcNAc                         
# 
loop_
_pdbx_poly_seq_scheme.asym_id 
_pdbx_poly_seq_scheme.entity_id 
_pdbx_poly_seq_scheme.seq_id 
_pdbx_poly_seq_scheme.mon_id 
_pdbx_poly_seq_scheme.ndb_seq_num 
_pdbx_poly_seq_scheme.pdb_seq_num 
_pdbx_poly_seq_scheme.auth_seq_num 
_pdbx_poly_seq_scheme.pdb_mon_id 
_pdbx_poly_seq_scheme.auth_mon_id 
_pdbx_poly_seq_scheme.pdb_strand_id 
_pdbx_poly_seq_scheme.pdb_ins_code 
_pdbx_poly_seq_scheme.hetero 
A 1 1  GLY 1  266 266 GLY GLY A . n 
A 1 2  LEU 2  267 267 LEU LEU A . n 
A 1 3  TYR 3  268 268 TYR TYR A . n 
A 1 4  LEU 4  269 269 LEU LEU A . n 
A 1 5  GLN 5  270 270 GLN GLN A . n 
A 1 6  VAL 6  271 271 VAL VAL A . n 
A 1 7  GLY 7  272 272 GLY GLY A . n 
A 1 8  ALA 8  273 273 ALA ALA A . n 
A 1 9  PHE 9  274 274 PHE PHE A . n 
A 1 10 ALA 10 275 275 ALA ALA A . n 
A 1 11 ASN 11 276 276 ASN ASN A . n 
A 1 12 PRO 12 277 277 PRO PRO A . n 
A 1 13 ASP 13 278 278 ASP ASP A . n 
A 1 14 ALA 14 279 279 ALA ALA A . n 
A 1 15 ALA 15 280 280 ALA ALA A . n 
A 1 16 GLU 16 281 281 GLU GLU A . n 
A 1 17 LEU 17 282 282 LEU LEU A . n 
A 1 18 LEU 18 283 283 LEU LEU A . n 
A 1 19 LYS 19 284 284 LYS LYS A . n 
A 1 20 ALA 20 285 285 ALA ALA A . n 
A 1 21 LYS 21 286 286 LYS LYS A . n 
A 1 22 LEU 22 287 287 LEU LEU A . n 
A 1 23 SER 23 288 288 SER SER A . n 
A 1 24 GLY 24 289 289 GLY GLY A . n 
A 1 25 VAL 25 290 290 VAL VAL A . n 
A 1 26 THR 26 291 291 THR THR A . n 
A 1 27 ALA 27 292 292 ALA ALA A . n 
A 1 28 ALA 28 293 293 ALA ALA A . n 
A 1 29 PRO 29 294 294 PRO PRO A . n 
A 1 30 VAL 30 295 295 VAL VAL A . n 
A 1 31 PHE 31 296 296 PHE PHE A . n 
A 1 32 ILE 32 297 297 ILE ILE A . n 
A 1 33 SER 33 298 298 SER SER A . n 
A 1 34 SER 34 299 299 SER SER A . n 
A 1 35 VAL 35 300 300 VAL VAL A . n 
A 1 36 VAL 36 301 301 VAL VAL A . n 
A 1 37 ARG 37 302 302 ARG ARG A . n 
A 1 38 ASN 38 303 303 ASN ASN A . n 
A 1 39 GLN 39 304 304 GLN GLN A . n 
A 1 40 GLN 40 305 305 GLN GLN A . n 
A 1 41 ILE 41 306 306 ILE ILE A . n 
A 1 42 LEU 42 307 307 LEU LEU A . n 
A 1 43 HIS 43 308 308 HIS HIS A . n 
A 1 44 ARG 44 309 309 ARG ARG A . n 
A 1 45 VAL 45 310 310 VAL VAL A . n 
A 1 46 ARG 46 311 311 ARG ARG A . n 
A 1 47 LEU 47 312 312 LEU LEU A . n 
A 1 48 GLY 48 313 313 GLY GLY A . n 
A 1 49 PRO 49 314 314 PRO PRO A . n 
A 1 50 ILE 50 315 315 ILE ILE A . n 
A 1 51 GLY 51 316 316 GLY GLY A . n 
A 1 52 SER 52 317 317 SER SER A . n 
A 1 53 ALA 53 318 318 ALA ALA A . n 
A 1 54 ASP 54 319 319 ASP ASP A . n 
A 1 55 GLU 55 320 320 GLU GLU A . n 
A 1 56 VAL 56 321 321 VAL VAL A . n 
A 1 57 SER 57 322 322 SER SER A . n 
A 1 58 ARG 58 323 323 ARG ARG A . n 
A 1 59 THR 59 324 324 THR THR A . n 
A 1 60 GLN 60 325 325 GLN GLN A . n 
A 1 61 ASP 61 326 326 ASP ASP A . n 
A 1 62 SER 62 327 327 SER SER A . n 
A 1 63 ILE 63 328 328 ILE ILE A . n 
A 1 64 ARG 64 329 329 ARG ARG A . n 
A 1 65 VAL 65 330 330 VAL VAL A . n 
A 1 66 ALA 66 331 331 ALA ALA A . n 
A 1 67 ASN 67 332 332 ASN ASN A . n 
A 1 68 LEU 68 333 333 LEU LEU A . n 
A 1 69 GLY 69 334 334 GLY GLY A . n 
A 1 70 GLN 70 335 335 GLN GLN A . n 
A 1 71 PRO 71 336 336 PRO PRO A . n 
A 1 72 THR 72 337 337 THR THR A . n 
A 1 73 LEU 73 338 338 LEU LEU A . n 
A 1 74 VAL 74 339 339 VAL VAL A . n 
A 1 75 ARG 75 340 340 ARG ARG A . n 
A 1 76 PRO 76 341 341 PRO PRO A . n 
A 1 77 ASP 77 342 342 ASP ASP A . n 
# 
loop_
_pdbx_branch_scheme.asym_id 
_pdbx_branch_scheme.entity_id 
_pdbx_branch_scheme.mon_id 
_pdbx_branch_scheme.num 
_pdbx_branch_scheme.pdb_asym_id 
_pdbx_branch_scheme.pdb_mon_id 
_pdbx_branch_scheme.pdb_seq_num 
_pdbx_branch_scheme.auth_asym_id 
_pdbx_branch_scheme.auth_mon_id 
_pdbx_branch_scheme.auth_seq_num 
_pdbx_branch_scheme.hetero 
B 2 AMV 1 B AMV 1 A AMV 401 n 
B 2 NAG 2 B NAG 2 A NAG 402 n 
B 2 AMU 3 B AMU 3 A AMU 403 n 
B 2 NAG 4 B NAG 4 A NAG 404 n 
# 
loop_
_pdbx_nonpoly_scheme.asym_id 
_pdbx_nonpoly_scheme.entity_id 
_pdbx_nonpoly_scheme.mon_id 
_pdbx_nonpoly_scheme.ndb_seq_num 
_pdbx_nonpoly_scheme.pdb_seq_num 
_pdbx_nonpoly_scheme.auth_seq_num 
_pdbx_nonpoly_scheme.pdb_mon_id 
_pdbx_nonpoly_scheme.auth_mon_id 
_pdbx_nonpoly_scheme.pdb_strand_id 
_pdbx_nonpoly_scheme.pdb_ins_code 
C 3 HOH 1  501 501 HOH HOH A . 
C 3 HOH 2  502 505 HOH HOH A . 
C 3 HOH 3  503 503 HOH HOH A . 
C 3 HOH 4  504 534 HOH HOH A . 
C 3 HOH 5  505 504 HOH HOH A . 
C 3 HOH 6  506 506 HOH HOH A . 
C 3 HOH 7  507 507 HOH HOH A . 
C 3 HOH 8  508 508 HOH HOH A . 
C 3 HOH 9  509 509 HOH HOH A . 
C 3 HOH 10 510 511 HOH HOH A . 
C 3 HOH 11 511 510 HOH HOH A . 
C 3 HOH 12 512 521 HOH HOH A . 
C 3 HOH 13 513 516 HOH HOH A . 
C 3 HOH 14 514 520 HOH HOH A . 
C 3 HOH 15 515 523 HOH HOH A . 
C 3 HOH 16 516 531 HOH HOH A . 
C 3 HOH 17 517 524 HOH HOH A . 
C 3 HOH 18 518 526 HOH HOH A . 
C 3 HOH 19 519 536 HOH HOH A . 
C 3 HOH 20 520 527 HOH HOH A . 
C 3 HOH 21 521 522 HOH HOH A . 
C 3 HOH 22 522 518 HOH HOH A . 
C 3 HOH 23 523 529 HOH HOH A . 
C 3 HOH 24 524 517 HOH HOH A . 
C 3 HOH 25 525 514 HOH HOH A . 
C 3 HOH 26 526 528 HOH HOH A . 
C 3 HOH 27 527 530 HOH HOH A . 
C 3 HOH 28 528 515 HOH HOH A . 
C 3 HOH 29 529 513 HOH HOH A . 
C 3 HOH 30 530 537 HOH HOH A . 
C 3 HOH 31 531 512 HOH HOH A . 
C 3 HOH 32 532 532 HOH HOH A . 
C 3 HOH 33 533 546 HOH HOH A . 
C 3 HOH 34 534 533 HOH HOH A . 
C 3 HOH 35 535 539 HOH HOH A . 
C 3 HOH 36 536 538 HOH HOH A . 
C 3 HOH 37 537 519 HOH HOH A . 
C 3 HOH 38 538 540 HOH HOH A . 
C 3 HOH 39 539 535 HOH HOH A . 
C 3 HOH 40 540 548 HOH HOH A . 
C 3 HOH 41 541 543 HOH HOH A . 
C 3 HOH 42 542 557 HOH HOH A . 
C 3 HOH 43 543 549 HOH HOH A . 
C 3 HOH 44 544 554 HOH HOH A . 
C 3 HOH 45 545 541 HOH HOH A . 
C 3 HOH 46 546 544 HOH HOH A . 
C 3 HOH 47 547 525 HOH HOH A . 
C 3 HOH 48 548 552 HOH HOH A . 
C 3 HOH 49 549 551 HOH HOH A . 
C 3 HOH 50 550 542 HOH HOH A . 
C 3 HOH 51 551 547 HOH HOH A . 
C 3 HOH 52 552 560 HOH HOH A . 
C 3 HOH 53 553 556 HOH HOH A . 
C 3 HOH 54 554 553 HOH HOH A . 
C 3 HOH 55 555 563 HOH HOH A . 
C 3 HOH 56 556 566 HOH HOH A . 
C 3 HOH 57 557 550 HOH HOH A . 
C 3 HOH 58 558 545 HOH HOH A . 
C 3 HOH 59 559 558 HOH HOH A . 
C 3 HOH 60 560 565 HOH HOH A . 
C 3 HOH 61 561 561 HOH HOH A . 
C 3 HOH 62 562 564 HOH HOH A . 
C 3 HOH 63 563 567 HOH HOH A . 
C 3 HOH 64 564 559 HOH HOH A . 
C 3 HOH 65 565 569 HOH HOH A . 
C 3 HOH 66 566 568 HOH HOH A . 
C 3 HOH 67 567 570 HOH HOH A . 
C 3 HOH 68 568 571 HOH HOH A . 
C 3 HOH 69 569 572 HOH HOH A . 
C 3 HOH 70 570 574 HOH HOH A . 
C 3 HOH 71 571 573 HOH HOH A . 
C 3 HOH 72 572 576 HOH HOH A . 
C 3 HOH 73 573 578 HOH HOH A . 
C 3 HOH 74 574 577 HOH HOH A . 
C 3 HOH 75 575 582 HOH HOH A . 
C 3 HOH 76 576 581 HOH HOH A . 
C 3 HOH 77 577 575 HOH HOH A . 
C 3 HOH 78 578 580 HOH HOH A . 
C 3 HOH 79 579 584 HOH HOH A . 
C 3 HOH 80 580 586 HOH HOH A . 
C 3 HOH 81 581 585 HOH HOH A . 
C 3 HOH 82 582 587 HOH HOH A . 
C 3 HOH 83 583 579 HOH HOH A . 
C 3 HOH 84 584 588 HOH HOH A . 
# 
loop_
_software.citation_id 
_software.classification 
_software.compiler_name 
_software.compiler_version 
_software.contact_author 
_software.contact_author_email 
_software.date 
_software.description 
_software.dependencies 
_software.hardware 
_software.language 
_software.location 
_software.mods 
_software.name 
_software.os 
_software.os_version 
_software.type 
_software.version 
_software.pdbx_ordinal 
? refinement       ? ? ? ? ? ? ? ? ? ? ? PHENIX  ? ? ? 1.15.2_3472 1 
? refinement       ? ? ? ? ? ? ? ? ? ? ? PHENIX  ? ? ? 1.15.2_3472 2 
? 'data reduction' ? ? ? ? ? ? ? ? ? ? ? XDS     ? ? ? .           3 
? 'data scaling'   ? ? ? ? ? ? ? ? ? ? ? Aimless ? ? ? .           4 
? phasing          ? ? ? ? ? ? ? ? ? ? ? MOLREP  ? ? ? .           5 
# 
_cell.angle_alpha                  90.000 
_cell.angle_alpha_esd              ? 
_cell.angle_beta                   90.000 
_cell.angle_beta_esd               ? 
_cell.angle_gamma                  90.000 
_cell.angle_gamma_esd              ? 
_cell.entry_id                     6I0A 
_cell.details                      ? 
_cell.formula_units_Z              ? 
_cell.length_a                     67.567 
_cell.length_a_esd                 ? 
_cell.length_b                     68.219 
_cell.length_b_esd                 ? 
_cell.length_c                     39.097 
_cell.length_c_esd                 ? 
_cell.volume                       180211.881 
_cell.volume_esd                   ? 
_cell.Z_PDB                        8 
_cell.reciprocal_angle_alpha       ? 
_cell.reciprocal_angle_beta        ? 
_cell.reciprocal_angle_gamma       ? 
_cell.reciprocal_angle_alpha_esd   ? 
_cell.reciprocal_angle_beta_esd    ? 
_cell.reciprocal_angle_gamma_esd   ? 
_cell.reciprocal_length_a          ? 
_cell.reciprocal_length_b          ? 
_cell.reciprocal_length_c          ? 
_cell.reciprocal_length_a_esd      ? 
_cell.reciprocal_length_b_esd      ? 
_cell.reciprocal_length_c_esd      ? 
_cell.pdbx_unique_axis             ? 
# 
_symmetry.entry_id                         6I0A 
_symmetry.cell_setting                     ? 
_symmetry.Int_Tables_number                20 
_symmetry.space_group_name_Hall            'C 2c 2' 
_symmetry.space_group_name_H-M             'C 2 2 21' 
_symmetry.pdbx_full_space_group_name_H-M   ? 
# 
_exptl.absorpt_coefficient_mu     ? 
_exptl.absorpt_correction_T_max   ? 
_exptl.absorpt_correction_T_min   ? 
_exptl.absorpt_correction_type    ? 
_exptl.absorpt_process_details    ? 
_exptl.entry_id                   6I0A 
_exptl.crystals_number            1 
_exptl.details                    ? 
_exptl.method                     'X-RAY DIFFRACTION' 
_exptl.method_details             ? 
# 
_exptl_crystal.colour                      ? 
_exptl_crystal.density_diffrn              ? 
_exptl_crystal.density_Matthews            2.72 
_exptl_crystal.density_method              ? 
_exptl_crystal.density_percent_sol         54.74 
_exptl_crystal.description                 ? 
_exptl_crystal.F_000                       ? 
_exptl_crystal.id                          1 
_exptl_crystal.preparation                 ? 
_exptl_crystal.size_max                    ? 
_exptl_crystal.size_mid                    ? 
_exptl_crystal.size_min                    ? 
_exptl_crystal.size_rad                    ? 
_exptl_crystal.colour_lustre               ? 
_exptl_crystal.colour_modifier             ? 
_exptl_crystal.colour_primary              ? 
_exptl_crystal.density_meas                ? 
_exptl_crystal.density_meas_esd            ? 
_exptl_crystal.density_meas_gt             ? 
_exptl_crystal.density_meas_lt             ? 
_exptl_crystal.density_meas_temp           ? 
_exptl_crystal.density_meas_temp_esd       ? 
_exptl_crystal.density_meas_temp_gt        ? 
_exptl_crystal.density_meas_temp_lt        ? 
_exptl_crystal.pdbx_crystal_image_url      ? 
_exptl_crystal.pdbx_crystal_image_format   ? 
_exptl_crystal.pdbx_mosaicity              ? 
_exptl_crystal.pdbx_mosaicity_esd          ? 
# 
_exptl_crystal_grow.apparatus       ? 
_exptl_crystal_grow.atmosphere      ? 
_exptl_crystal_grow.crystal_id      1 
_exptl_crystal_grow.details         ? 
_exptl_crystal_grow.method          'VAPOR DIFFUSION, SITTING DROP' 
_exptl_crystal_grow.method_ref      ? 
_exptl_crystal_grow.pH              ? 
_exptl_crystal_grow.pressure        ? 
_exptl_crystal_grow.pressure_esd    ? 
_exptl_crystal_grow.seeding         ? 
_exptl_crystal_grow.seeding_ref     ? 
_exptl_crystal_grow.temp            291 
_exptl_crystal_grow.temp_details    ? 
_exptl_crystal_grow.temp_esd        ? 
_exptl_crystal_grow.time            ? 
_exptl_crystal_grow.pdbx_details    '0.15 M NaF and 16% (w/v) PEG3350' 
_exptl_crystal_grow.pdbx_pH_range   ? 
# 
_diffrn.ambient_environment              ? 
_diffrn.ambient_temp                     100 
_diffrn.ambient_temp_details             ? 
_diffrn.ambient_temp_esd                 ? 
_diffrn.crystal_id                       1 
_diffrn.crystal_support                  ? 
_diffrn.crystal_treatment                ? 
_diffrn.details                          ? 
_diffrn.id                               1 
_diffrn.ambient_pressure                 ? 
_diffrn.ambient_pressure_esd             ? 
_diffrn.ambient_pressure_gt              ? 
_diffrn.ambient_pressure_lt              ? 
_diffrn.ambient_temp_gt                  ? 
_diffrn.ambient_temp_lt                  ? 
_diffrn.pdbx_serial_crystal_experiment   N 
# 
_diffrn_detector.details                      ? 
_diffrn_detector.detector                     PIXEL 
_diffrn_detector.diffrn_id                    1 
_diffrn_detector.type                         'DECTRIS PILATUS3 S 6M' 
_diffrn_detector.area_resol_mean              ? 
_diffrn_detector.dtime                        ? 
_diffrn_detector.pdbx_frames_total            ? 
_diffrn_detector.pdbx_collection_time_total   ? 
_diffrn_detector.pdbx_collection_date         2017-10-10 
_diffrn_detector.pdbx_frequency               ? 
# 
_diffrn_radiation.collimation                      ? 
_diffrn_radiation.diffrn_id                        1 
_diffrn_radiation.filter_edge                      ? 
_diffrn_radiation.inhomogeneity                    ? 
_diffrn_radiation.monochromator                    ? 
_diffrn_radiation.polarisn_norm                    ? 
_diffrn_radiation.polarisn_ratio                   ? 
_diffrn_radiation.probe                            ? 
_diffrn_radiation.type                             ? 
_diffrn_radiation.xray_symbol                      ? 
_diffrn_radiation.wavelength_id                    1 
_diffrn_radiation.pdbx_monochromatic_or_laue_m_l   M 
_diffrn_radiation.pdbx_wavelength_list             ? 
_diffrn_radiation.pdbx_wavelength                  ? 
_diffrn_radiation.pdbx_diffrn_protocol             'SINGLE WAVELENGTH' 
_diffrn_radiation.pdbx_analyzer                    ? 
_diffrn_radiation.pdbx_scattering_type             x-ray 
# 
_diffrn_radiation_wavelength.id           1 
_diffrn_radiation_wavelength.wavelength   0.979257 
_diffrn_radiation_wavelength.wt           1.0 
# 
_diffrn_source.current                     ? 
_diffrn_source.details                     ? 
_diffrn_source.diffrn_id                   1 
_diffrn_source.power                       ? 
_diffrn_source.size                        ? 
_diffrn_source.source                      SYNCHROTRON 
_diffrn_source.target                      ? 
_diffrn_source.type                        'ALBA BEAMLINE XALOC' 
_diffrn_source.voltage                     ? 
_diffrn_source.take-off_angle              ? 
_diffrn_source.pdbx_wavelength_list        0.979257 
_diffrn_source.pdbx_wavelength             ? 
_diffrn_source.pdbx_synchrotron_beamline   XALOC 
_diffrn_source.pdbx_synchrotron_site       ALBA 
# 
_reflns.B_iso_Wilson_estimate            17.93 
_reflns.entry_id                         6I0A 
_reflns.data_reduction_details           ? 
_reflns.data_reduction_method            ? 
_reflns.d_resolution_high                1.30 
_reflns.d_resolution_low                 48.01 
_reflns.details                          ? 
_reflns.limit_h_max                      ? 
_reflns.limit_h_min                      ? 
_reflns.limit_k_max                      ? 
_reflns.limit_k_min                      ? 
_reflns.limit_l_max                      ? 
_reflns.limit_l_min                      ? 
_reflns.number_all                       22538 
_reflns.number_obs                       272584 
_reflns.observed_criterion               ? 
_reflns.observed_criterion_F_max         ? 
_reflns.observed_criterion_F_min         ? 
_reflns.observed_criterion_I_max         ? 
_reflns.observed_criterion_I_min         ? 
_reflns.observed_criterion_sigma_F       ? 
_reflns.observed_criterion_sigma_I       ? 
_reflns.percent_possible_obs             99.7 
_reflns.R_free_details                   ? 
_reflns.Rmerge_F_all                     ? 
_reflns.Rmerge_F_obs                     ? 
_reflns.Friedel_coverage                 ? 
_reflns.number_gt                        ? 
_reflns.threshold_expression             ? 
_reflns.pdbx_redundancy                  12.1 
_reflns.pdbx_Rmerge_I_obs                0.038 
_reflns.pdbx_Rmerge_I_all                ? 
_reflns.pdbx_Rsym_value                  ? 
_reflns.pdbx_netI_over_av_sigmaI         ? 
_reflns.pdbx_netI_over_sigmaI            23.3 
_reflns.pdbx_res_netI_over_av_sigmaI_2   ? 
_reflns.pdbx_res_netI_over_sigmaI_2      ? 
_reflns.pdbx_chi_squared                 ? 
_reflns.pdbx_scaling_rejects             ? 
_reflns.pdbx_d_res_high_opt              ? 
_reflns.pdbx_d_res_low_opt               ? 
_reflns.pdbx_d_res_opt_method            ? 
_reflns.phase_calculation_details        ? 
_reflns.pdbx_Rrim_I_all                  ? 
_reflns.pdbx_Rpim_I_all                  0.011 
_reflns.pdbx_d_opt                       ? 
_reflns.pdbx_number_measured_all         ? 
_reflns.pdbx_diffrn_id                   1 
_reflns.pdbx_ordinal                     1 
_reflns.pdbx_CC_half                     ? 
_reflns.pdbx_R_split                     ? 
# 
_reflns_shell.d_res_high                  1.3 
_reflns_shell.d_res_low                   1.346 
_reflns_shell.meanI_over_sigI_all         ? 
_reflns_shell.meanI_over_sigI_obs         ? 
_reflns_shell.number_measured_all         ? 
_reflns_shell.number_measured_obs         ? 
_reflns_shell.number_possible             ? 
_reflns_shell.number_unique_all           ? 
_reflns_shell.number_unique_obs           2207 
_reflns_shell.percent_possible_all        ? 
_reflns_shell.percent_possible_obs        ? 
_reflns_shell.Rmerge_F_all                ? 
_reflns_shell.Rmerge_F_obs                ? 
_reflns_shell.Rmerge_I_all                ? 
_reflns_shell.Rmerge_I_obs                ? 
_reflns_shell.meanI_over_sigI_gt          ? 
_reflns_shell.meanI_over_uI_all           ? 
_reflns_shell.meanI_over_uI_gt            ? 
_reflns_shell.number_measured_gt          ? 
_reflns_shell.number_unique_gt            ? 
_reflns_shell.percent_possible_gt         ? 
_reflns_shell.Rmerge_F_gt                 ? 
_reflns_shell.Rmerge_I_gt                 ? 
_reflns_shell.pdbx_redundancy             ? 
_reflns_shell.pdbx_Rsym_value             ? 
_reflns_shell.pdbx_chi_squared            ? 
_reflns_shell.pdbx_netI_over_sigmaI_all   ? 
_reflns_shell.pdbx_netI_over_sigmaI_obs   ? 
_reflns_shell.pdbx_Rrim_I_all             ? 
_reflns_shell.pdbx_Rpim_I_all             0.34 
_reflns_shell.pdbx_rejects                ? 
_reflns_shell.pdbx_ordinal                1 
_reflns_shell.pdbx_diffrn_id              1 
_reflns_shell.pdbx_CC_half                ? 
_reflns_shell.pdbx_R_split                ? 
# 
_refine.aniso_B[1][1]                            ? 
_refine.aniso_B[1][2]                            ? 
_refine.aniso_B[1][3]                            ? 
_refine.aniso_B[2][2]                            ? 
_refine.aniso_B[2][3]                            ? 
_refine.aniso_B[3][3]                            ? 
_refine.B_iso_max                                ? 
_refine.B_iso_mean                               30.33 
_refine.B_iso_min                                ? 
_refine.correlation_coeff_Fo_to_Fc               ? 
_refine.correlation_coeff_Fo_to_Fc_free          ? 
_refine.details                                  ? 
_refine.diff_density_max                         ? 
_refine.diff_density_max_esd                     ? 
_refine.diff_density_min                         ? 
_refine.diff_density_min_esd                     ? 
_refine.diff_density_rms                         ? 
_refine.diff_density_rms_esd                     ? 
_refine.entry_id                                 6I0A 
_refine.pdbx_refine_id                           'X-RAY DIFFRACTION' 
_refine.ls_abs_structure_details                 ? 
_refine.ls_abs_structure_Flack                   ? 
_refine.ls_abs_structure_Flack_esd               ? 
_refine.ls_abs_structure_Rogers                  ? 
_refine.ls_abs_structure_Rogers_esd              ? 
_refine.ls_d_res_high                            1.30 
_refine.ls_d_res_low                             48.01 
_refine.ls_extinction_coef                       ? 
_refine.ls_extinction_coef_esd                   ? 
_refine.ls_extinction_expression                 ? 
_refine.ls_extinction_method                     ? 
_refine.ls_goodness_of_fit_all                   ? 
_refine.ls_goodness_of_fit_all_esd               ? 
_refine.ls_goodness_of_fit_obs                   ? 
_refine.ls_goodness_of_fit_obs_esd               ? 
_refine.ls_hydrogen_treatment                    ? 
_refine.ls_matrix_type                           ? 
_refine.ls_number_constraints                    ? 
_refine.ls_number_parameters                     ? 
_refine.ls_number_reflns_all                     ? 
_refine.ls_number_reflns_obs                     22536 
_refine.ls_number_reflns_R_free                  1072 
_refine.ls_number_reflns_R_work                  21464 
_refine.ls_number_restraints                     ? 
_refine.ls_percent_reflns_obs                    99.59 
_refine.ls_percent_reflns_R_free                 4.76 
_refine.ls_R_factor_all                          ? 
_refine.ls_R_factor_obs                          0.1696 
_refine.ls_R_factor_R_free                       0.1906 
_refine.ls_R_factor_R_free_error                 ? 
_refine.ls_R_factor_R_free_error_details         ? 
_refine.ls_R_factor_R_work                       0.1685 
_refine.ls_R_Fsqd_factor_obs                     ? 
_refine.ls_R_I_factor_obs                        ? 
_refine.ls_redundancy_reflns_all                 ? 
_refine.ls_redundancy_reflns_obs                 ? 
_refine.ls_restrained_S_all                      ? 
_refine.ls_restrained_S_obs                      ? 
_refine.ls_shift_over_esd_max                    ? 
_refine.ls_shift_over_esd_mean                   ? 
_refine.ls_structure_factor_coef                 ? 
_refine.ls_weighting_details                     ? 
_refine.ls_weighting_scheme                      ? 
_refine.ls_wR_factor_all                         ? 
_refine.ls_wR_factor_obs                         ? 
_refine.ls_wR_factor_R_free                      ? 
_refine.ls_wR_factor_R_work                      ? 
_refine.occupancy_max                            ? 
_refine.occupancy_min                            ? 
_refine.solvent_model_details                    'FLAT BULK SOLVENT MODEL' 
_refine.solvent_model_param_bsol                 ? 
_refine.solvent_model_param_ksol                 ? 
_refine.ls_R_factor_gt                           ? 
_refine.ls_goodness_of_fit_gt                    ? 
_refine.ls_goodness_of_fit_ref                   ? 
_refine.ls_shift_over_su_max                     ? 
_refine.ls_shift_over_su_max_lt                  ? 
_refine.ls_shift_over_su_mean                    ? 
_refine.ls_shift_over_su_mean_lt                 ? 
_refine.pdbx_ls_sigma_I                          ? 
_refine.pdbx_ls_sigma_F                          1.35 
_refine.pdbx_ls_sigma_Fsqd                       ? 
_refine.pdbx_data_cutoff_high_absF               ? 
_refine.pdbx_data_cutoff_high_rms_absF           ? 
_refine.pdbx_data_cutoff_low_absF                ? 
_refine.pdbx_isotropic_thermal_model             ? 
_refine.pdbx_ls_cross_valid_method               THROUGHOUT 
_refine.pdbx_method_to_determine_struct          'MOLECULAR REPLACEMENT' 
_refine.pdbx_starting_model                      6I05 
_refine.pdbx_stereochemistry_target_values       'GeoStd + Monomer Library + CDL v1.2' 
_refine.pdbx_R_Free_selection_details            ? 
_refine.pdbx_stereochem_target_val_spec_case     ? 
_refine.pdbx_overall_ESU_R                       ? 
_refine.pdbx_overall_ESU_R_Free                  ? 
_refine.pdbx_solvent_vdw_probe_radii             1.1100 
_refine.pdbx_solvent_ion_probe_radii             ? 
_refine.pdbx_solvent_shrinkage_radii             0.9000 
_refine.pdbx_real_space_R                        ? 
_refine.pdbx_density_correlation                 ? 
_refine.pdbx_pd_number_of_powder_patterns        ? 
_refine.pdbx_pd_number_of_points                 ? 
_refine.pdbx_pd_meas_number_of_points            ? 
_refine.pdbx_pd_proc_ls_prof_R_factor            ? 
_refine.pdbx_pd_proc_ls_prof_wR_factor           ? 
_refine.pdbx_pd_Marquardt_correlation_coeff      ? 
_refine.pdbx_pd_Fsqrd_R_factor                   ? 
_refine.pdbx_pd_ls_matrix_band_width             ? 
_refine.pdbx_overall_phase_error                 21.4182 
_refine.pdbx_overall_SU_R_free_Cruickshank_DPI   ? 
_refine.pdbx_overall_SU_R_free_Blow_DPI          ? 
_refine.pdbx_overall_SU_R_Blow_DPI               ? 
_refine.pdbx_TLS_residual_ADP_flag               ? 
_refine.pdbx_diffrn_id                           1 
_refine.overall_SU_B                             ? 
_refine.overall_SU_ML                            0.1159 
_refine.overall_SU_R_Cruickshank_DPI             ? 
_refine.overall_SU_R_free                        ? 
_refine.overall_FOM_free_R_set                   ? 
_refine.overall_FOM_work_R_set                   ? 
_refine.pdbx_average_fsc_overall                 ? 
_refine.pdbx_average_fsc_work                    ? 
_refine.pdbx_average_fsc_free                    ? 
# 
_refine_hist.pdbx_refine_id                   'X-RAY DIFFRACTION' 
_refine_hist.cycle_id                         LAST 
_refine_hist.details                          ? 
_refine_hist.d_res_high                       1.30 
_refine_hist.d_res_low                        48.01 
_refine_hist.number_atoms_solvent             84 
_refine_hist.number_atoms_total               728 
_refine_hist.number_reflns_all                ? 
_refine_hist.number_reflns_obs                ? 
_refine_hist.number_reflns_R_free             ? 
_refine_hist.number_reflns_R_work             ? 
_refine_hist.R_factor_all                     ? 
_refine_hist.R_factor_obs                     ? 
_refine_hist.R_factor_R_free                  ? 
_refine_hist.R_factor_R_work                  ? 
_refine_hist.pdbx_number_residues_total       ? 
_refine_hist.pdbx_B_iso_mean_ligand           ? 
_refine_hist.pdbx_B_iso_mean_solvent          ? 
_refine_hist.pdbx_number_atoms_protein        576 
_refine_hist.pdbx_number_atoms_nucleic_acid   0 
_refine_hist.pdbx_number_atoms_ligand         68 
_refine_hist.pdbx_number_atoms_lipid          ? 
_refine_hist.pdbx_number_atoms_carb           ? 
_refine_hist.pdbx_pseudo_atom_details         ? 
# 
loop_
_refine_ls_restr.pdbx_refine_id 
_refine_ls_restr.criterion 
_refine_ls_restr.dev_ideal 
_refine_ls_restr.dev_ideal_target 
_refine_ls_restr.number 
_refine_ls_restr.rejects 
_refine_ls_restr.type 
_refine_ls_restr.weight 
_refine_ls_restr.pdbx_restraint_function 
'X-RAY DIFFRACTION' ? 0.0048  ? 687 ? f_bond_d           ? ? 
'X-RAY DIFFRACTION' ? 0.8631  ? 944 ? f_angle_d          ? ? 
'X-RAY DIFFRACTION' ? 0.0680  ? 122 ? f_chiral_restr     ? ? 
'X-RAY DIFFRACTION' ? 0.0038  ? 120 ? f_plane_restr      ? ? 
'X-RAY DIFFRACTION' ? 11.8331 ? 496 ? f_dihedral_angle_d ? ? 
# 
loop_
_refine_ls_shell.pdbx_refine_id 
_refine_ls_shell.d_res_high 
_refine_ls_shell.d_res_low 
_refine_ls_shell.number_reflns_all 
_refine_ls_shell.number_reflns_obs 
_refine_ls_shell.number_reflns_R_free 
_refine_ls_shell.number_reflns_R_work 
_refine_ls_shell.percent_reflns_obs 
_refine_ls_shell.percent_reflns_R_free 
_refine_ls_shell.R_factor_all 
_refine_ls_shell.R_factor_obs 
_refine_ls_shell.R_factor_R_free 
_refine_ls_shell.R_factor_R_free_error 
_refine_ls_shell.R_factor_R_work 
_refine_ls_shell.redundancy_reflns_all 
_refine_ls_shell.redundancy_reflns_obs 
_refine_ls_shell.wR_factor_all 
_refine_ls_shell.wR_factor_obs 
_refine_ls_shell.wR_factor_R_free 
_refine_ls_shell.wR_factor_R_work 
_refine_ls_shell.pdbx_total_number_of_bins_used 
_refine_ls_shell.pdbx_phase_error 
_refine_ls_shell.pdbx_fsc_work 
_refine_ls_shell.pdbx_fsc_free 
'X-RAY DIFFRACTION' 1.30 1.36  . . 122 2618 98.92  . . . 0.2689 . 0.2366 . . . . . . . . . . 
'X-RAY DIFFRACTION' 1.36 1.43  . . 149 2609 99.10  . . . 0.2499 . 0.2103 . . . . . . . . . . 
'X-RAY DIFFRACTION' 1.43 1.52  . . 167 2619 99.43  . . . 0.2133 . 0.1798 . . . . . . . . . . 
'X-RAY DIFFRACTION' 1.52 1.64  . . 126 2680 99.68  . . . 0.1785 . 0.1506 . . . . . . . . . . 
'X-RAY DIFFRACTION' 1.64 1.80  . . 118 2672 99.86  . . . 0.2007 . 0.1588 . . . . . . . . . . 
'X-RAY DIFFRACTION' 1.80 2.06  . . 100 2739 99.93  . . . 0.2078 . 0.1561 . . . . . . . . . . 
'X-RAY DIFFRACTION' 2.06 2.60  . . 138 2718 100.00 . . . 0.2026 . 0.1794 . . . . . . . . . . 
'X-RAY DIFFRACTION' 2.60 48.01 . . 152 2809 99.76  . . . 0.1730 . 0.1635 . . . . . . . . . . 
# 
_struct.entry_id                     6I0A 
_struct.title                        
'Crystal structure of RlpA SPOR domain from Pseudomonas aeruginosa in complex with nuded glycan obtained by co-crystallization' 
_struct.pdbx_model_details           ? 
_struct.pdbx_formula_weight          ? 
_struct.pdbx_formula_weight_method   ? 
_struct.pdbx_model_type_details      ? 
_struct.pdbx_CASP_flag               N 
# 
_struct_keywords.entry_id        6I0A 
_struct_keywords.text            
'Lytic transglycosylase, septum, SPOR domain, cell division, divisome, murein, denuded glycan, CELL CYCLE' 
_struct_keywords.pdbx_keywords   'CELL CYCLE' 
# 
loop_
_struct_asym.id 
_struct_asym.pdbx_blank_PDB_chainid_flag 
_struct_asym.pdbx_modified 
_struct_asym.entity_id 
_struct_asym.details 
A N N 1 ? 
B N N 2 ? 
C N N 3 ? 
# 
_struct_ref.id                         1 
_struct_ref.db_name                    UNP 
_struct_ref.db_code                    A0A0A8RDC6_PSEAI 
_struct_ref.pdbx_db_accession          A0A0A8RDC6 
_struct_ref.pdbx_db_isoform            ? 
_struct_ref.entity_id                  1 
_struct_ref.pdbx_seq_one_letter_code   GLYLQVGAFANPDAAELLKAKLSGVTAAPVFISSVVRNQQILHRVRLGPIGSADEVSRTQDSIRVANLGQPTLVRPD 
_struct_ref.pdbx_align_begin           266 
# 
_struct_ref_seq.align_id                      1 
_struct_ref_seq.ref_id                        1 
_struct_ref_seq.pdbx_PDB_id_code              6I0A 
_struct_ref_seq.pdbx_strand_id                A 
_struct_ref_seq.seq_align_beg                 1 
_struct_ref_seq.pdbx_seq_align_beg_ins_code   ? 
_struct_ref_seq.seq_align_end                 77 
_struct_ref_seq.pdbx_seq_align_end_ins_code   ? 
_struct_ref_seq.pdbx_db_accession             A0A0A8RDC6 
_struct_ref_seq.db_align_beg                  266 
_struct_ref_seq.pdbx_db_align_beg_ins_code    ? 
_struct_ref_seq.db_align_end                  342 
_struct_ref_seq.pdbx_db_align_end_ins_code    ? 
_struct_ref_seq.pdbx_auth_seq_align_beg       266 
_struct_ref_seq.pdbx_auth_seq_align_end       342 
# 
_pdbx_struct_assembly.id                   1 
_pdbx_struct_assembly.details              author_defined_assembly 
_pdbx_struct_assembly.method_details       ? 
_pdbx_struct_assembly.oligomeric_details   monomeric 
_pdbx_struct_assembly.oligomeric_count     1 
# 
loop_
_pdbx_struct_assembly_prop.biol_id 
_pdbx_struct_assembly_prop.type 
_pdbx_struct_assembly_prop.value 
_pdbx_struct_assembly_prop.details 
1 'ABSA (A^2)' 1040 ? 
1 MORE         12   ? 
1 'SSA (A^2)'  5060 ? 
# 
_pdbx_struct_assembly_gen.assembly_id       1 
_pdbx_struct_assembly_gen.oper_expression   1 
_pdbx_struct_assembly_gen.asym_id_list      A,B,C 
# 
_pdbx_struct_assembly_auth_evidence.id                     1 
_pdbx_struct_assembly_auth_evidence.assembly_id            1 
_pdbx_struct_assembly_auth_evidence.experimental_support   'mass spectrometry' 
_pdbx_struct_assembly_auth_evidence.details                ? 
# 
_pdbx_struct_oper_list.id                   1 
_pdbx_struct_oper_list.type                 'identity operation' 
_pdbx_struct_oper_list.name                 1_555 
_pdbx_struct_oper_list.symmetry_operation   x,y,z 
_pdbx_struct_oper_list.matrix[1][1]         1.0000000000 
_pdbx_struct_oper_list.matrix[1][2]         0.0000000000 
_pdbx_struct_oper_list.matrix[1][3]         0.0000000000 
_pdbx_struct_oper_list.vector[1]            0.0000000000 
_pdbx_struct_oper_list.matrix[2][1]         0.0000000000 
_pdbx_struct_oper_list.matrix[2][2]         1.0000000000 
_pdbx_struct_oper_list.matrix[2][3]         0.0000000000 
_pdbx_struct_oper_list.vector[2]            0.0000000000 
_pdbx_struct_oper_list.matrix[3][1]         0.0000000000 
_pdbx_struct_oper_list.matrix[3][2]         0.0000000000 
_pdbx_struct_oper_list.matrix[3][3]         1.0000000000 
_pdbx_struct_oper_list.vector[3]            0.0000000000 
# 
loop_
_struct_conf.conf_type_id 
_struct_conf.id 
_struct_conf.pdbx_PDB_helix_id 
_struct_conf.beg_label_comp_id 
_struct_conf.beg_label_asym_id 
_struct_conf.beg_label_seq_id 
_struct_conf.pdbx_beg_PDB_ins_code 
_struct_conf.end_label_comp_id 
_struct_conf.end_label_asym_id 
_struct_conf.end_label_seq_id 
_struct_conf.pdbx_end_PDB_ins_code 
_struct_conf.beg_auth_comp_id 
_struct_conf.beg_auth_asym_id 
_struct_conf.beg_auth_seq_id 
_struct_conf.end_auth_comp_id 
_struct_conf.end_auth_asym_id 
_struct_conf.end_auth_seq_id 
_struct_conf.pdbx_PDB_helix_class 
_struct_conf.details 
_struct_conf.pdbx_PDB_helix_length 
HELX_P HELX_P1 AA1 ASN A 11 ? GLY A 24 ? ASN A 276 GLY A 289 1 ? 14 
HELX_P HELX_P2 AA2 SER A 52 ? ALA A 66 ? SER A 317 ALA A 331 1 ? 15 
# 
_struct_conf_type.id          HELX_P 
_struct_conf_type.criteria    ? 
_struct_conf_type.reference   ? 
# 
loop_
_struct_conn.id 
_struct_conn.conn_type_id 
_struct_conn.pdbx_leaving_atom_flag 
_struct_conn.pdbx_PDB_id 
_struct_conn.ptnr1_label_asym_id 
_struct_conn.ptnr1_label_comp_id 
_struct_conn.ptnr1_label_seq_id 
_struct_conn.ptnr1_label_atom_id 
_struct_conn.pdbx_ptnr1_label_alt_id 
_struct_conn.pdbx_ptnr1_PDB_ins_code 
_struct_conn.pdbx_ptnr1_standard_comp_id 
_struct_conn.ptnr1_symmetry 
_struct_conn.ptnr2_label_asym_id 
_struct_conn.ptnr2_label_comp_id 
_struct_conn.ptnr2_label_seq_id 
_struct_conn.ptnr2_label_atom_id 
_struct_conn.pdbx_ptnr2_label_alt_id 
_struct_conn.pdbx_ptnr2_PDB_ins_code 
_struct_conn.ptnr1_auth_asym_id 
_struct_conn.ptnr1_auth_comp_id 
_struct_conn.ptnr1_auth_seq_id 
_struct_conn.ptnr2_auth_asym_id 
_struct_conn.ptnr2_auth_comp_id 
_struct_conn.ptnr2_auth_seq_id 
_struct_conn.ptnr2_symmetry 
_struct_conn.pdbx_ptnr3_label_atom_id 
_struct_conn.pdbx_ptnr3_label_seq_id 
_struct_conn.pdbx_ptnr3_label_comp_id 
_struct_conn.pdbx_ptnr3_label_asym_id 
_struct_conn.pdbx_ptnr3_label_alt_id 
_struct_conn.pdbx_ptnr3_PDB_ins_code 
_struct_conn.details 
_struct_conn.pdbx_dist_value 
_struct_conn.pdbx_value_order 
_struct_conn.pdbx_role 
covale1 covale both ? B AMV . O4 ? ? ? 1_555 B NAG . C1 ? ? B AMV 1 B NAG 2 1_555 ? ? ? ? ? ? ? 1.374 ? ? 
covale2 covale both ? B NAG . O4 ? ? ? 1_555 B AMU . C1 ? ? B NAG 2 B AMU 3 1_555 ? ? ? ? ? ? ? 1.372 ? ? 
covale3 covale both ? B AMU . O4 ? ? ? 1_555 B NAG . C1 ? ? B AMU 3 B NAG 4 1_555 ? ? ? ? ? ? ? 1.375 ? ? 
# 
_struct_conn_type.id          covale 
_struct_conn_type.criteria    ? 
_struct_conn_type.reference   ? 
# 
_struct_mon_prot_cis.pdbx_id                1 
_struct_mon_prot_cis.label_comp_id          GLY 
_struct_mon_prot_cis.label_seq_id           48 
_struct_mon_prot_cis.label_asym_id          A 
_struct_mon_prot_cis.label_alt_id           . 
_struct_mon_prot_cis.pdbx_PDB_ins_code      ? 
_struct_mon_prot_cis.auth_comp_id           GLY 
_struct_mon_prot_cis.auth_seq_id            313 
_struct_mon_prot_cis.auth_asym_id           A 
_struct_mon_prot_cis.pdbx_label_comp_id_2   PRO 
_struct_mon_prot_cis.pdbx_label_seq_id_2    49 
_struct_mon_prot_cis.pdbx_label_asym_id_2   A 
_struct_mon_prot_cis.pdbx_PDB_ins_code_2    ? 
_struct_mon_prot_cis.pdbx_auth_comp_id_2    PRO 
_struct_mon_prot_cis.pdbx_auth_seq_id_2     314 
_struct_mon_prot_cis.pdbx_auth_asym_id_2    A 
_struct_mon_prot_cis.pdbx_PDB_model_num     1 
_struct_mon_prot_cis.pdbx_omega_angle       6.67 
# 
_struct_sheet.id               AA1 
_struct_sheet.type             ? 
_struct_sheet.number_strands   4 
_struct_sheet.details          ? 
# 
loop_
_struct_sheet_order.sheet_id 
_struct_sheet_order.range_id_1 
_struct_sheet_order.range_id_2 
_struct_sheet_order.offset 
_struct_sheet_order.sense 
AA1 1 2 ? anti-parallel 
AA1 2 3 ? anti-parallel 
AA1 3 4 ? anti-parallel 
# 
loop_
_struct_sheet_range.sheet_id 
_struct_sheet_range.id 
_struct_sheet_range.beg_label_comp_id 
_struct_sheet_range.beg_label_asym_id 
_struct_sheet_range.beg_label_seq_id 
_struct_sheet_range.pdbx_beg_PDB_ins_code 
_struct_sheet_range.end_label_comp_id 
_struct_sheet_range.end_label_asym_id 
_struct_sheet_range.end_label_seq_id 
_struct_sheet_range.pdbx_end_PDB_ins_code 
_struct_sheet_range.beg_auth_comp_id 
_struct_sheet_range.beg_auth_asym_id 
_struct_sheet_range.beg_auth_seq_id 
_struct_sheet_range.end_auth_comp_id 
_struct_sheet_range.end_auth_asym_id 
_struct_sheet_range.end_auth_seq_id 
AA1 1 VAL A 30 ? ARG A 37 ? VAL A 295 ARG A 302 
AA1 2 GLN A 40 ? ILE A 50 ? GLN A 305 ILE A 315 
AA1 3 LEU A 2  ? PHE A 9  ? LEU A 267 PHE A 274 
AA1 4 THR A 72 ? VAL A 74 ? THR A 337 VAL A 339 
# 
loop_
_pdbx_struct_sheet_hbond.sheet_id 
_pdbx_struct_sheet_hbond.range_id_1 
_pdbx_struct_sheet_hbond.range_id_2 
_pdbx_struct_sheet_hbond.range_1_label_atom_id 
_pdbx_struct_sheet_hbond.range_1_label_comp_id 
_pdbx_struct_sheet_hbond.range_1_label_asym_id 
_pdbx_struct_sheet_hbond.range_1_label_seq_id 
_pdbx_struct_sheet_hbond.range_1_PDB_ins_code 
_pdbx_struct_sheet_hbond.range_1_auth_atom_id 
_pdbx_struct_sheet_hbond.range_1_auth_comp_id 
_pdbx_struct_sheet_hbond.range_1_auth_asym_id 
_pdbx_struct_sheet_hbond.range_1_auth_seq_id 
_pdbx_struct_sheet_hbond.range_2_label_atom_id 
_pdbx_struct_sheet_hbond.range_2_label_comp_id 
_pdbx_struct_sheet_hbond.range_2_label_asym_id 
_pdbx_struct_sheet_hbond.range_2_label_seq_id 
_pdbx_struct_sheet_hbond.range_2_PDB_ins_code 
_pdbx_struct_sheet_hbond.range_2_auth_atom_id 
_pdbx_struct_sheet_hbond.range_2_auth_comp_id 
_pdbx_struct_sheet_hbond.range_2_auth_asym_id 
_pdbx_struct_sheet_hbond.range_2_auth_seq_id 
AA1 1 2 N PHE A 31 ? N PHE A 296 O ARG A 46 ? O ARG A 311 
AA1 2 3 O HIS A 43 ? O HIS A 308 N PHE A 9  ? N PHE A 274 
AA1 3 4 N GLN A 5  ? N GLN A 270 O THR A 72 ? O THR A 337 
# 
_pdbx_validate_close_contact.id               1 
_pdbx_validate_close_contact.PDB_model_num    1 
_pdbx_validate_close_contact.auth_atom_id_1   O4 
_pdbx_validate_close_contact.auth_asym_id_1   B 
_pdbx_validate_close_contact.auth_comp_id_1   NAG 
_pdbx_validate_close_contact.auth_seq_id_1    2 
_pdbx_validate_close_contact.PDB_ins_code_1   ? 
_pdbx_validate_close_contact.label_alt_id_1   ? 
_pdbx_validate_close_contact.auth_atom_id_2   O5 
_pdbx_validate_close_contact.auth_asym_id_2   B 
_pdbx_validate_close_contact.auth_comp_id_2   AMU 
_pdbx_validate_close_contact.auth_seq_id_2    3 
_pdbx_validate_close_contact.PDB_ins_code_2   ? 
_pdbx_validate_close_contact.label_alt_id_2   ? 
_pdbx_validate_close_contact.dist             1.94 
# 
loop_
_pdbx_struct_special_symmetry.id 
_pdbx_struct_special_symmetry.PDB_model_num 
_pdbx_struct_special_symmetry.auth_asym_id 
_pdbx_struct_special_symmetry.auth_comp_id 
_pdbx_struct_special_symmetry.auth_seq_id 
_pdbx_struct_special_symmetry.PDB_ins_code 
_pdbx_struct_special_symmetry.label_asym_id 
_pdbx_struct_special_symmetry.label_comp_id 
_pdbx_struct_special_symmetry.label_seq_id 
1 1 A HOH 523 ? C HOH . 
2 1 A HOH 584 ? C HOH . 
# 
_pdbx_entry_details.entry_id                 6I0A 
_pdbx_entry_details.nonpolymer_details       ? 
_pdbx_entry_details.sequence_details         ? 
_pdbx_entry_details.compound_details         ? 
_pdbx_entry_details.source_details           ? 
_pdbx_entry_details.has_ligand_of_interest   Y 
# 
loop_
_chem_comp_atom.comp_id 
_chem_comp_atom.atom_id 
_chem_comp_atom.type_symbol 
_chem_comp_atom.pdbx_aromatic_flag 
_chem_comp_atom.pdbx_stereo_config 
_chem_comp_atom.pdbx_ordinal 
ALA N    N N N 1   
ALA CA   C N S 2   
ALA C    C N N 3   
ALA O    O N N 4   
ALA CB   C N N 5   
ALA OXT  O N N 6   
ALA H    H N N 7   
ALA H2   H N N 8   
ALA HA   H N N 9   
ALA HB1  H N N 10  
ALA HB2  H N N 11  
ALA HB3  H N N 12  
ALA HXT  H N N 13  
AMU C1   C N R 14  
AMU C2   C N R 15  
AMU C3   C N R 16  
AMU C4   C N S 17  
AMU C5   C N R 18  
AMU C6   C N N 19  
AMU C7   C N N 20  
AMU C8   C N N 21  
AMU C9   C N R 22  
AMU C10  C N N 23  
AMU C11  C N N 24  
AMU O1   O N N 25  
AMU O3   O N N 26  
AMU O4   O N N 27  
AMU O5   O N N 28  
AMU O6   O N N 29  
AMU O7   O N N 30  
AMU O10  O N N 31  
AMU O11  O N N 32  
AMU N2   N N N 33  
AMU H1   H N N 34  
AMU H2   H N N 35  
AMU H3   H N N 36  
AMU H4   H N N 37  
AMU H5   H N N 38  
AMU H61  H N N 39  
AMU H62  H N N 40  
AMU H81  H N N 41  
AMU H82  H N N 42  
AMU H83  H N N 43  
AMU H9   H N N 44  
AMU H111 H N N 45  
AMU H112 H N N 46  
AMU H113 H N N 47  
AMU HO1  H N N 48  
AMU HO4  H N N 49  
AMU HO6  H N N 50  
AMU HO11 H N N 51  
AMU HN2  H N N 52  
AMV C1   C N R 53  
AMV C2   C N R 54  
AMV C3   C N R 55  
AMV C4   C N S 56  
AMV C5   C N R 57  
AMV C6   C N N 58  
AMV C7   C N N 59  
AMV C8   C N N 60  
AMV C9   C N R 61  
AMV C10  C N N 62  
AMV C11  C N N 63  
AMV O1   O N N 64  
AMV O3   O N N 65  
AMV O4   O N N 66  
AMV O5   O N N 67  
AMV O6   O N N 68  
AMV O7   O N N 69  
AMV O11  O N N 70  
AMV N2   N N N 71  
AMV C12  C N N 72  
AMV OXT  O N N 73  
AMV H1   H N N 74  
AMV H2   H N N 75  
AMV H3   H N N 76  
AMV HN2  H N N 77  
AMV H4   H N N 78  
AMV H5   H N N 79  
AMV HO4  H N N 80  
AMV H61  H N N 81  
AMV H62  H N N 82  
AMV HO6  H N N 83  
AMV H81  H N N 84  
AMV H82  H N N 85  
AMV H83  H N N 86  
AMV H9   H N N 87  
AMV H111 H N N 88  
AMV H112 H N N 89  
AMV H113 H N N 90  
AMV H121 H N N 91  
AMV H122 H N N 92  
AMV H123 H N N 93  
AMV HX   H N N 94  
ARG N    N N N 95  
ARG CA   C N S 96  
ARG C    C N N 97  
ARG O    O N N 98  
ARG CB   C N N 99  
ARG CG   C N N 100 
ARG CD   C N N 101 
ARG NE   N N N 102 
ARG CZ   C N N 103 
ARG NH1  N N N 104 
ARG NH2  N N N 105 
ARG OXT  O N N 106 
ARG H    H N N 107 
ARG H2   H N N 108 
ARG HA   H N N 109 
ARG HB2  H N N 110 
ARG HB3  H N N 111 
ARG HG2  H N N 112 
ARG HG3  H N N 113 
ARG HD2  H N N 114 
ARG HD3  H N N 115 
ARG HE   H N N 116 
ARG HH11 H N N 117 
ARG HH12 H N N 118 
ARG HH21 H N N 119 
ARG HH22 H N N 120 
ARG HXT  H N N 121 
ASN N    N N N 122 
ASN CA   C N S 123 
ASN C    C N N 124 
ASN O    O N N 125 
ASN CB   C N N 126 
ASN CG   C N N 127 
ASN OD1  O N N 128 
ASN ND2  N N N 129 
ASN OXT  O N N 130 
ASN H    H N N 131 
ASN H2   H N N 132 
ASN HA   H N N 133 
ASN HB2  H N N 134 
ASN HB3  H N N 135 
ASN HD21 H N N 136 
ASN HD22 H N N 137 
ASN HXT  H N N 138 
ASP N    N N N 139 
ASP CA   C N S 140 
ASP C    C N N 141 
ASP O    O N N 142 
ASP CB   C N N 143 
ASP CG   C N N 144 
ASP OD1  O N N 145 
ASP OD2  O N N 146 
ASP OXT  O N N 147 
ASP H    H N N 148 
ASP H2   H N N 149 
ASP HA   H N N 150 
ASP HB2  H N N 151 
ASP HB3  H N N 152 
ASP HD2  H N N 153 
ASP HXT  H N N 154 
GLN N    N N N 155 
GLN CA   C N S 156 
GLN C    C N N 157 
GLN O    O N N 158 
GLN CB   C N N 159 
GLN CG   C N N 160 
GLN CD   C N N 161 
GLN OE1  O N N 162 
GLN NE2  N N N 163 
GLN OXT  O N N 164 
GLN H    H N N 165 
GLN H2   H N N 166 
GLN HA   H N N 167 
GLN HB2  H N N 168 
GLN HB3  H N N 169 
GLN HG2  H N N 170 
GLN HG3  H N N 171 
GLN HE21 H N N 172 
GLN HE22 H N N 173 
GLN HXT  H N N 174 
GLU N    N N N 175 
GLU CA   C N S 176 
GLU C    C N N 177 
GLU O    O N N 178 
GLU CB   C N N 179 
GLU CG   C N N 180 
GLU CD   C N N 181 
GLU OE1  O N N 182 
GLU OE2  O N N 183 
GLU OXT  O N N 184 
GLU H    H N N 185 
GLU H2   H N N 186 
GLU HA   H N N 187 
GLU HB2  H N N 188 
GLU HB3  H N N 189 
GLU HG2  H N N 190 
GLU HG3  H N N 191 
GLU HE2  H N N 192 
GLU HXT  H N N 193 
GLY N    N N N 194 
GLY CA   C N N 195 
GLY C    C N N 196 
GLY O    O N N 197 
GLY OXT  O N N 198 
GLY H    H N N 199 
GLY H2   H N N 200 
GLY HA2  H N N 201 
GLY HA3  H N N 202 
GLY HXT  H N N 203 
HIS N    N N N 204 
HIS CA   C N S 205 
HIS C    C N N 206 
HIS O    O N N 207 
HIS CB   C N N 208 
HIS CG   C Y N 209 
HIS ND1  N Y N 210 
HIS CD2  C Y N 211 
HIS CE1  C Y N 212 
HIS NE2  N Y N 213 
HIS OXT  O N N 214 
HIS H    H N N 215 
HIS H2   H N N 216 
HIS HA   H N N 217 
HIS HB2  H N N 218 
HIS HB3  H N N 219 
HIS HD1  H N N 220 
HIS HD2  H N N 221 
HIS HE1  H N N 222 
HIS HE2  H N N 223 
HIS HXT  H N N 224 
HOH O    O N N 225 
HOH H1   H N N 226 
HOH H2   H N N 227 
ILE N    N N N 228 
ILE CA   C N S 229 
ILE C    C N N 230 
ILE O    O N N 231 
ILE CB   C N S 232 
ILE CG1  C N N 233 
ILE CG2  C N N 234 
ILE CD1  C N N 235 
ILE OXT  O N N 236 
ILE H    H N N 237 
ILE H2   H N N 238 
ILE HA   H N N 239 
ILE HB   H N N 240 
ILE HG12 H N N 241 
ILE HG13 H N N 242 
ILE HG21 H N N 243 
ILE HG22 H N N 244 
ILE HG23 H N N 245 
ILE HD11 H N N 246 
ILE HD12 H N N 247 
ILE HD13 H N N 248 
ILE HXT  H N N 249 
LEU N    N N N 250 
LEU CA   C N S 251 
LEU C    C N N 252 
LEU O    O N N 253 
LEU CB   C N N 254 
LEU CG   C N N 255 
LEU CD1  C N N 256 
LEU CD2  C N N 257 
LEU OXT  O N N 258 
LEU H    H N N 259 
LEU H2   H N N 260 
LEU HA   H N N 261 
LEU HB2  H N N 262 
LEU HB3  H N N 263 
LEU HG   H N N 264 
LEU HD11 H N N 265 
LEU HD12 H N N 266 
LEU HD13 H N N 267 
LEU HD21 H N N 268 
LEU HD22 H N N 269 
LEU HD23 H N N 270 
LEU HXT  H N N 271 
LYS N    N N N 272 
LYS CA   C N S 273 
LYS C    C N N 274 
LYS O    O N N 275 
LYS CB   C N N 276 
LYS CG   C N N 277 
LYS CD   C N N 278 
LYS CE   C N N 279 
LYS NZ   N N N 280 
LYS OXT  O N N 281 
LYS H    H N N 282 
LYS H2   H N N 283 
LYS HA   H N N 284 
LYS HB2  H N N 285 
LYS HB3  H N N 286 
LYS HG2  H N N 287 
LYS HG3  H N N 288 
LYS HD2  H N N 289 
LYS HD3  H N N 290 
LYS HE2  H N N 291 
LYS HE3  H N N 292 
LYS HZ1  H N N 293 
LYS HZ2  H N N 294 
LYS HZ3  H N N 295 
LYS HXT  H N N 296 
NAG C1   C N R 297 
NAG C2   C N R 298 
NAG C3   C N R 299 
NAG C4   C N S 300 
NAG C5   C N R 301 
NAG C6   C N N 302 
NAG C7   C N N 303 
NAG C8   C N N 304 
NAG N2   N N N 305 
NAG O1   O N N 306 
NAG O3   O N N 307 
NAG O4   O N N 308 
NAG O5   O N N 309 
NAG O6   O N N 310 
NAG O7   O N N 311 
NAG H1   H N N 312 
NAG H2   H N N 313 
NAG H3   H N N 314 
NAG H4   H N N 315 
NAG H5   H N N 316 
NAG H61  H N N 317 
NAG H62  H N N 318 
NAG H81  H N N 319 
NAG H82  H N N 320 
NAG H83  H N N 321 
NAG HN2  H N N 322 
NAG HO1  H N N 323 
NAG HO3  H N N 324 
NAG HO4  H N N 325 
NAG HO6  H N N 326 
PHE N    N N N 327 
PHE CA   C N S 328 
PHE C    C N N 329 
PHE O    O N N 330 
PHE CB   C N N 331 
PHE CG   C Y N 332 
PHE CD1  C Y N 333 
PHE CD2  C Y N 334 
PHE CE1  C Y N 335 
PHE CE2  C Y N 336 
PHE CZ   C Y N 337 
PHE OXT  O N N 338 
PHE H    H N N 339 
PHE H2   H N N 340 
PHE HA   H N N 341 
PHE HB2  H N N 342 
PHE HB3  H N N 343 
PHE HD1  H N N 344 
PHE HD2  H N N 345 
PHE HE1  H N N 346 
PHE HE2  H N N 347 
PHE HZ   H N N 348 
PHE HXT  H N N 349 
PRO N    N N N 350 
PRO CA   C N S 351 
PRO C    C N N 352 
PRO O    O N N 353 
PRO CB   C N N 354 
PRO CG   C N N 355 
PRO CD   C N N 356 
PRO OXT  O N N 357 
PRO H    H N N 358 
PRO HA   H N N 359 
PRO HB2  H N N 360 
PRO HB3  H N N 361 
PRO HG2  H N N 362 
PRO HG3  H N N 363 
PRO HD2  H N N 364 
PRO HD3  H N N 365 
PRO HXT  H N N 366 
SER N    N N N 367 
SER CA   C N S 368 
SER C    C N N 369 
SER O    O N N 370 
SER CB   C N N 371 
SER OG   O N N 372 
SER OXT  O N N 373 
SER H    H N N 374 
SER H2   H N N 375 
SER HA   H N N 376 
SER HB2  H N N 377 
SER HB3  H N N 378 
SER HG   H N N 379 
SER HXT  H N N 380 
THR N    N N N 381 
THR CA   C N S 382 
THR C    C N N 383 
THR O    O N N 384 
THR CB   C N R 385 
THR OG1  O N N 386 
THR CG2  C N N 387 
THR OXT  O N N 388 
THR H    H N N 389 
THR H2   H N N 390 
THR HA   H N N 391 
THR HB   H N N 392 
THR HG1  H N N 393 
THR HG21 H N N 394 
THR HG22 H N N 395 
THR HG23 H N N 396 
THR HXT  H N N 397 
TYR N    N N N 398 
TYR CA   C N S 399 
TYR C    C N N 400 
TYR O    O N N 401 
TYR CB   C N N 402 
TYR CG   C Y N 403 
TYR CD1  C Y N 404 
TYR CD2  C Y N 405 
TYR CE1  C Y N 406 
TYR CE2  C Y N 407 
TYR CZ   C Y N 408 
TYR OH   O N N 409 
TYR OXT  O N N 410 
TYR H    H N N 411 
TYR H2   H N N 412 
TYR HA   H N N 413 
TYR HB2  H N N 414 
TYR HB3  H N N 415 
TYR HD1  H N N 416 
TYR HD2  H N N 417 
TYR HE1  H N N 418 
TYR HE2  H N N 419 
TYR HH   H N N 420 
TYR HXT  H N N 421 
VAL N    N N N 422 
VAL CA   C N S 423 
VAL C    C N N 424 
VAL O    O N N 425 
VAL CB   C N N 426 
VAL CG1  C N N 427 
VAL CG2  C N N 428 
VAL OXT  O N N 429 
VAL H    H N N 430 
VAL H2   H N N 431 
VAL HA   H N N 432 
VAL HB   H N N 433 
VAL HG11 H N N 434 
VAL HG12 H N N 435 
VAL HG13 H N N 436 
VAL HG21 H N N 437 
VAL HG22 H N N 438 
VAL HG23 H N N 439 
VAL HXT  H N N 440 
# 
loop_
_chem_comp_bond.comp_id 
_chem_comp_bond.atom_id_1 
_chem_comp_bond.atom_id_2 
_chem_comp_bond.value_order 
_chem_comp_bond.pdbx_aromatic_flag 
_chem_comp_bond.pdbx_stereo_config 
_chem_comp_bond.pdbx_ordinal 
ALA N   CA   sing N N 1   
ALA N   H    sing N N 2   
ALA N   H2   sing N N 3   
ALA CA  C    sing N N 4   
ALA CA  CB   sing N N 5   
ALA CA  HA   sing N N 6   
ALA C   O    doub N N 7   
ALA C   OXT  sing N N 8   
ALA CB  HB1  sing N N 9   
ALA CB  HB2  sing N N 10  
ALA CB  HB3  sing N N 11  
ALA OXT HXT  sing N N 12  
AMU C1  C2   sing N N 13  
AMU C1  O1   sing N N 14  
AMU C1  O5   sing N N 15  
AMU C1  H1   sing N N 16  
AMU C2  C3   sing N N 17  
AMU C2  N2   sing N N 18  
AMU C2  H2   sing N N 19  
AMU C3  C4   sing N N 20  
AMU C3  O3   sing N N 21  
AMU C3  H3   sing N N 22  
AMU C4  C5   sing N N 23  
AMU C4  O4   sing N N 24  
AMU C4  H4   sing N N 25  
AMU C5  C6   sing N N 26  
AMU C5  O5   sing N N 27  
AMU C5  H5   sing N N 28  
AMU C6  O6   sing N N 29  
AMU C6  H61  sing N N 30  
AMU C6  H62  sing N N 31  
AMU C7  C8   sing N N 32  
AMU C7  O7   doub N N 33  
AMU C7  N2   sing N N 34  
AMU C8  H81  sing N N 35  
AMU C8  H82  sing N N 36  
AMU C8  H83  sing N N 37  
AMU C9  C10  sing N N 38  
AMU C9  C11  sing N N 39  
AMU C9  O3   sing N N 40  
AMU C9  H9   sing N N 41  
AMU C10 O10  doub N N 42  
AMU C10 O11  sing N N 43  
AMU C11 H111 sing N N 44  
AMU C11 H112 sing N N 45  
AMU C11 H113 sing N N 46  
AMU O1  HO1  sing N N 47  
AMU O4  HO4  sing N N 48  
AMU O6  HO6  sing N N 49  
AMU O11 HO11 sing N N 50  
AMU N2  HN2  sing N N 51  
AMV C1  C2   sing N N 52  
AMV C1  O1   sing N N 53  
AMV C1  O5   sing N N 54  
AMV C1  H1   sing N N 55  
AMV C2  C3   sing N N 56  
AMV C2  N2   sing N N 57  
AMV C2  H2   sing N N 58  
AMV C3  C4   sing N N 59  
AMV C3  O3   sing N N 60  
AMV C3  H3   sing N N 61  
AMV C4  C5   sing N N 62  
AMV C4  O4   sing N N 63  
AMV C4  H4   sing N N 64  
AMV C5  C6   sing N N 65  
AMV C5  O5   sing N N 66  
AMV C5  H5   sing N N 67  
AMV C6  O6   sing N N 68  
AMV C6  H61  sing N N 69  
AMV C6  H62  sing N N 70  
AMV C7  C8   sing N N 71  
AMV C7  O7   doub N N 72  
AMV C7  N2   sing N N 73  
AMV C8  H81  sing N N 74  
AMV C8  H82  sing N N 75  
AMV C8  H83  sing N N 76  
AMV C9  C10  sing N N 77  
AMV C9  C11  sing N N 78  
AMV C9  O3   sing N N 79  
AMV C9  H9   sing N N 80  
AMV C10 O11  doub N N 81  
AMV C10 OXT  sing N N 82  
AMV C11 H111 sing N N 83  
AMV C11 H112 sing N N 84  
AMV C11 H113 sing N N 85  
AMV O1  C12  sing N N 86  
AMV O4  HO4  sing N N 87  
AMV O6  HO6  sing N N 88  
AMV N2  HN2  sing N N 89  
AMV C12 H121 sing N N 90  
AMV C12 H122 sing N N 91  
AMV C12 H123 sing N N 92  
AMV OXT HX   sing N N 93  
ARG N   CA   sing N N 94  
ARG N   H    sing N N 95  
ARG N   H2   sing N N 96  
ARG CA  C    sing N N 97  
ARG CA  CB   sing N N 98  
ARG CA  HA   sing N N 99  
ARG C   O    doub N N 100 
ARG C   OXT  sing N N 101 
ARG CB  CG   sing N N 102 
ARG CB  HB2  sing N N 103 
ARG CB  HB3  sing N N 104 
ARG CG  CD   sing N N 105 
ARG CG  HG2  sing N N 106 
ARG CG  HG3  sing N N 107 
ARG CD  NE   sing N N 108 
ARG CD  HD2  sing N N 109 
ARG CD  HD3  sing N N 110 
ARG NE  CZ   sing N N 111 
ARG NE  HE   sing N N 112 
ARG CZ  NH1  sing N N 113 
ARG CZ  NH2  doub N N 114 
ARG NH1 HH11 sing N N 115 
ARG NH1 HH12 sing N N 116 
ARG NH2 HH21 sing N N 117 
ARG NH2 HH22 sing N N 118 
ARG OXT HXT  sing N N 119 
ASN N   CA   sing N N 120 
ASN N   H    sing N N 121 
ASN N   H2   sing N N 122 
ASN CA  C    sing N N 123 
ASN CA  CB   sing N N 124 
ASN CA  HA   sing N N 125 
ASN C   O    doub N N 126 
ASN C   OXT  sing N N 127 
ASN CB  CG   sing N N 128 
ASN CB  HB2  sing N N 129 
ASN CB  HB3  sing N N 130 
ASN CG  OD1  doub N N 131 
ASN CG  ND2  sing N N 132 
ASN ND2 HD21 sing N N 133 
ASN ND2 HD22 sing N N 134 
ASN OXT HXT  sing N N 135 
ASP N   CA   sing N N 136 
ASP N   H    sing N N 137 
ASP N   H2   sing N N 138 
ASP CA  C    sing N N 139 
ASP CA  CB   sing N N 140 
ASP CA  HA   sing N N 141 
ASP C   O    doub N N 142 
ASP C   OXT  sing N N 143 
ASP CB  CG   sing N N 144 
ASP CB  HB2  sing N N 145 
ASP CB  HB3  sing N N 146 
ASP CG  OD1  doub N N 147 
ASP CG  OD2  sing N N 148 
ASP OD2 HD2  sing N N 149 
ASP OXT HXT  sing N N 150 
GLN N   CA   sing N N 151 
GLN N   H    sing N N 152 
GLN N   H2   sing N N 153 
GLN CA  C    sing N N 154 
GLN CA  CB   sing N N 155 
GLN CA  HA   sing N N 156 
GLN C   O    doub N N 157 
GLN C   OXT  sing N N 158 
GLN CB  CG   sing N N 159 
GLN CB  HB2  sing N N 160 
GLN CB  HB3  sing N N 161 
GLN CG  CD   sing N N 162 
GLN CG  HG2  sing N N 163 
GLN CG  HG3  sing N N 164 
GLN CD  OE1  doub N N 165 
GLN CD  NE2  sing N N 166 
GLN NE2 HE21 sing N N 167 
GLN NE2 HE22 sing N N 168 
GLN OXT HXT  sing N N 169 
GLU N   CA   sing N N 170 
GLU N   H    sing N N 171 
GLU N   H2   sing N N 172 
GLU CA  C    sing N N 173 
GLU CA  CB   sing N N 174 
GLU CA  HA   sing N N 175 
GLU C   O    doub N N 176 
GLU C   OXT  sing N N 177 
GLU CB  CG   sing N N 178 
GLU CB  HB2  sing N N 179 
GLU CB  HB3  sing N N 180 
GLU CG  CD   sing N N 181 
GLU CG  HG2  sing N N 182 
GLU CG  HG3  sing N N 183 
GLU CD  OE1  doub N N 184 
GLU CD  OE2  sing N N 185 
GLU OE2 HE2  sing N N 186 
GLU OXT HXT  sing N N 187 
GLY N   CA   sing N N 188 
GLY N   H    sing N N 189 
GLY N   H2   sing N N 190 
GLY CA  C    sing N N 191 
GLY CA  HA2  sing N N 192 
GLY CA  HA3  sing N N 193 
GLY C   O    doub N N 194 
GLY C   OXT  sing N N 195 
GLY OXT HXT  sing N N 196 
HIS N   CA   sing N N 197 
HIS N   H    sing N N 198 
HIS N   H2   sing N N 199 
HIS CA  C    sing N N 200 
HIS CA  CB   sing N N 201 
HIS CA  HA   sing N N 202 
HIS C   O    doub N N 203 
HIS C   OXT  sing N N 204 
HIS CB  CG   sing N N 205 
HIS CB  HB2  sing N N 206 
HIS CB  HB3  sing N N 207 
HIS CG  ND1  sing Y N 208 
HIS CG  CD2  doub Y N 209 
HIS ND1 CE1  doub Y N 210 
HIS ND1 HD1  sing N N 211 
HIS CD2 NE2  sing Y N 212 
HIS CD2 HD2  sing N N 213 
HIS CE1 NE2  sing Y N 214 
HIS CE1 HE1  sing N N 215 
HIS NE2 HE2  sing N N 216 
HIS OXT HXT  sing N N 217 
HOH O   H1   sing N N 218 
HOH O   H2   sing N N 219 
ILE N   CA   sing N N 220 
ILE N   H    sing N N 221 
ILE N   H2   sing N N 222 
ILE CA  C    sing N N 223 
ILE CA  CB   sing N N 224 
ILE CA  HA   sing N N 225 
ILE C   O    doub N N 226 
ILE C   OXT  sing N N 227 
ILE CB  CG1  sing N N 228 
ILE CB  CG2  sing N N 229 
ILE CB  HB   sing N N 230 
ILE CG1 CD1  sing N N 231 
ILE CG1 HG12 sing N N 232 
ILE CG1 HG13 sing N N 233 
ILE CG2 HG21 sing N N 234 
ILE CG2 HG22 sing N N 235 
ILE CG2 HG23 sing N N 236 
ILE CD1 HD11 sing N N 237 
ILE CD1 HD12 sing N N 238 
ILE CD1 HD13 sing N N 239 
ILE OXT HXT  sing N N 240 
LEU N   CA   sing N N 241 
LEU N   H    sing N N 242 
LEU N   H2   sing N N 243 
LEU CA  C    sing N N 244 
LEU CA  CB   sing N N 245 
LEU CA  HA   sing N N 246 
LEU C   O    doub N N 247 
LEU C   OXT  sing N N 248 
LEU CB  CG   sing N N 249 
LEU CB  HB2  sing N N 250 
LEU CB  HB3  sing N N 251 
LEU CG  CD1  sing N N 252 
LEU CG  CD2  sing N N 253 
LEU CG  HG   sing N N 254 
LEU CD1 HD11 sing N N 255 
LEU CD1 HD12 sing N N 256 
LEU CD1 HD13 sing N N 257 
LEU CD2 HD21 sing N N 258 
LEU CD2 HD22 sing N N 259 
LEU CD2 HD23 sing N N 260 
LEU OXT HXT  sing N N 261 
LYS N   CA   sing N N 262 
LYS N   H    sing N N 263 
LYS N   H2   sing N N 264 
LYS CA  C    sing N N 265 
LYS CA  CB   sing N N 266 
LYS CA  HA   sing N N 267 
LYS C   O    doub N N 268 
LYS C   OXT  sing N N 269 
LYS CB  CG   sing N N 270 
LYS CB  HB2  sing N N 271 
LYS CB  HB3  sing N N 272 
LYS CG  CD   sing N N 273 
LYS CG  HG2  sing N N 274 
LYS CG  HG3  sing N N 275 
LYS CD  CE   sing N N 276 
LYS CD  HD2  sing N N 277 
LYS CD  HD3  sing N N 278 
LYS CE  NZ   sing N N 279 
LYS CE  HE2  sing N N 280 
LYS CE  HE3  sing N N 281 
LYS NZ  HZ1  sing N N 282 
LYS NZ  HZ2  sing N N 283 
LYS NZ  HZ3  sing N N 284 
LYS OXT HXT  sing N N 285 
NAG C1  C2   sing N N 286 
NAG C1  O1   sing N N 287 
NAG C1  O5   sing N N 288 
NAG C1  H1   sing N N 289 
NAG C2  C3   sing N N 290 
NAG C2  N2   sing N N 291 
NAG C2  H2   sing N N 292 
NAG C3  C4   sing N N 293 
NAG C3  O3   sing N N 294 
NAG C3  H3   sing N N 295 
NAG C4  C5   sing N N 296 
NAG C4  O4   sing N N 297 
NAG C4  H4   sing N N 298 
NAG C5  C6   sing N N 299 
NAG C5  O5   sing N N 300 
NAG C5  H5   sing N N 301 
NAG C6  O6   sing N N 302 
NAG C6  H61  sing N N 303 
NAG C6  H62  sing N N 304 
NAG C7  C8   sing N N 305 
NAG C7  N2   sing N N 306 
NAG C7  O7   doub N N 307 
NAG C8  H81  sing N N 308 
NAG C8  H82  sing N N 309 
NAG C8  H83  sing N N 310 
NAG N2  HN2  sing N N 311 
NAG O1  HO1  sing N N 312 
NAG O3  HO3  sing N N 313 
NAG O4  HO4  sing N N 314 
NAG O6  HO6  sing N N 315 
PHE N   CA   sing N N 316 
PHE N   H    sing N N 317 
PHE N   H2   sing N N 318 
PHE CA  C    sing N N 319 
PHE CA  CB   sing N N 320 
PHE CA  HA   sing N N 321 
PHE C   O    doub N N 322 
PHE C   OXT  sing N N 323 
PHE CB  CG   sing N N 324 
PHE CB  HB2  sing N N 325 
PHE CB  HB3  sing N N 326 
PHE CG  CD1  doub Y N 327 
PHE CG  CD2  sing Y N 328 
PHE CD1 CE1  sing Y N 329 
PHE CD1 HD1  sing N N 330 
PHE CD2 CE2  doub Y N 331 
PHE CD2 HD2  sing N N 332 
PHE CE1 CZ   doub Y N 333 
PHE CE1 HE1  sing N N 334 
PHE CE2 CZ   sing Y N 335 
PHE CE2 HE2  sing N N 336 
PHE CZ  HZ   sing N N 337 
PHE OXT HXT  sing N N 338 
PRO N   CA   sing N N 339 
PRO N   CD   sing N N 340 
PRO N   H    sing N N 341 
PRO CA  C    sing N N 342 
PRO CA  CB   sing N N 343 
PRO CA  HA   sing N N 344 
PRO C   O    doub N N 345 
PRO C   OXT  sing N N 346 
PRO CB  CG   sing N N 347 
PRO CB  HB2  sing N N 348 
PRO CB  HB3  sing N N 349 
PRO CG  CD   sing N N 350 
PRO CG  HG2  sing N N 351 
PRO CG  HG3  sing N N 352 
PRO CD  HD2  sing N N 353 
PRO CD  HD3  sing N N 354 
PRO OXT HXT  sing N N 355 
SER N   CA   sing N N 356 
SER N   H    sing N N 357 
SER N   H2   sing N N 358 
SER CA  C    sing N N 359 
SER CA  CB   sing N N 360 
SER CA  HA   sing N N 361 
SER C   O    doub N N 362 
SER C   OXT  sing N N 363 
SER CB  OG   sing N N 364 
SER CB  HB2  sing N N 365 
SER CB  HB3  sing N N 366 
SER OG  HG   sing N N 367 
SER OXT HXT  sing N N 368 
THR N   CA   sing N N 369 
THR N   H    sing N N 370 
THR N   H2   sing N N 371 
THR CA  C    sing N N 372 
THR CA  CB   sing N N 373 
THR CA  HA   sing N N 374 
THR C   O    doub N N 375 
THR C   OXT  sing N N 376 
THR CB  OG1  sing N N 377 
THR CB  CG2  sing N N 378 
THR CB  HB   sing N N 379 
THR OG1 HG1  sing N N 380 
THR CG2 HG21 sing N N 381 
THR CG2 HG22 sing N N 382 
THR CG2 HG23 sing N N 383 
THR OXT HXT  sing N N 384 
TYR N   CA   sing N N 385 
TYR N   H    sing N N 386 
TYR N   H2   sing N N 387 
TYR CA  C    sing N N 388 
TYR CA  CB   sing N N 389 
TYR CA  HA   sing N N 390 
TYR C   O    doub N N 391 
TYR C   OXT  sing N N 392 
TYR CB  CG   sing N N 393 
TYR CB  HB2  sing N N 394 
TYR CB  HB3  sing N N 395 
TYR CG  CD1  doub Y N 396 
TYR CG  CD2  sing Y N 397 
TYR CD1 CE1  sing Y N 398 
TYR CD1 HD1  sing N N 399 
TYR CD2 CE2  doub Y N 400 
TYR CD2 HD2  sing N N 401 
TYR CE1 CZ   doub Y N 402 
TYR CE1 HE1  sing N N 403 
TYR CE2 CZ   sing Y N 404 
TYR CE2 HE2  sing N N 405 
TYR CZ  OH   sing N N 406 
TYR OH  HH   sing N N 407 
TYR OXT HXT  sing N N 408 
VAL N   CA   sing N N 409 
VAL N   H    sing N N 410 
VAL N   H2   sing N N 411 
VAL CA  C    sing N N 412 
VAL CA  CB   sing N N 413 
VAL CA  HA   sing N N 414 
VAL C   O    doub N N 415 
VAL C   OXT  sing N N 416 
VAL CB  CG1  sing N N 417 
VAL CB  CG2  sing N N 418 
VAL CB  HB   sing N N 419 
VAL CG1 HG11 sing N N 420 
VAL CG1 HG12 sing N N 421 
VAL CG1 HG13 sing N N 422 
VAL CG2 HG21 sing N N 423 
VAL CG2 HG22 sing N N 424 
VAL CG2 HG23 sing N N 425 
VAL OXT HXT  sing N N 426 
# 
_pdbx_audit_support.funding_organization   'Spanish Ministry of Economy and Competitiveness' 
_pdbx_audit_support.country                Spain 
_pdbx_audit_support.grant_number           'BFU2014-59389-P and BFU2017-90030-P to JAH' 
_pdbx_audit_support.ordinal                1 
# 
loop_
_pdbx_entity_branch_list.entity_id 
_pdbx_entity_branch_list.comp_id 
_pdbx_entity_branch_list.num 
_pdbx_entity_branch_list.hetero 
2 AMV 1 n 
2 NAG 2 n 
2 AMU 3 n 
2 NAG 4 n 
# 
loop_
_pdbx_entity_instance_feature.ordinal 
_pdbx_entity_instance_feature.comp_id 
_pdbx_entity_instance_feature.asym_id 
_pdbx_entity_instance_feature.seq_num 
_pdbx_entity_instance_feature.auth_comp_id 
_pdbx_entity_instance_feature.auth_asym_id 
_pdbx_entity_instance_feature.auth_seq_num 
_pdbx_entity_instance_feature.feature_type 
_pdbx_entity_instance_feature.details 
1 AMU ? ? AMU ? ? 'SUBJECT OF INVESTIGATION' ? 
2 AMV ? ? AMV ? ? 'SUBJECT OF INVESTIGATION' ? 
3 NAG ? ? NAG ? ? 'SUBJECT OF INVESTIGATION' ? 
# 
_pdbx_initial_refinement_model.id               1 
_pdbx_initial_refinement_model.entity_id_list   ? 
_pdbx_initial_refinement_model.type             'experimental model' 
_pdbx_initial_refinement_model.source_name      PDB 
_pdbx_initial_refinement_model.accession_code   6I05 
_pdbx_initial_refinement_model.details          ? 
# 
_atom_sites.entry_id                    6I0A 
_atom_sites.Cartn_transf_matrix[1][1]   ? 
_atom_sites.Cartn_transf_matrix[1][2]   ? 
_atom_sites.Cartn_transf_matrix[1][3]   ? 
_atom_sites.Cartn_transf_matrix[2][1]   ? 
_atom_sites.Cartn_transf_matrix[2][2]   ? 
_atom_sites.Cartn_transf_matrix[2][3]   ? 
_atom_sites.Cartn_transf_matrix[3][1]   ? 
_atom_sites.Cartn_transf_matrix[3][2]   ? 
_atom_sites.Cartn_transf_matrix[3][3]   ? 
_atom_sites.Cartn_transf_vector[1]      ? 
_atom_sites.Cartn_transf_vector[2]      ? 
_atom_sites.Cartn_transf_vector[3]      ? 
_atom_sites.fract_transf_matrix[1][1]   0.00950902 
_atom_sites.fract_transf_matrix[1][2]   0.01126563 
_atom_sites.fract_transf_matrix[1][3]   0.00130548 
_atom_sites.fract_transf_matrix[2][1]   0.00713880 
_atom_sites.fract_transf_matrix[2][2]   -0.00724866 
_atom_sites.fract_transf_matrix[2][3]   0.01055371 
_atom_sites.fract_transf_matrix[3][1]   0.01513225 
_atom_sites.fract_transf_matrix[3][2]   -0.01073237 
_atom_sites.fract_transf_matrix[3][3]   -0.01760722 
_atom_sites.fract_transf_vector[1]      0.349115 
_atom_sites.fract_transf_vector[2]      0.804974 
_atom_sites.fract_transf_vector[3]      0.007842 
_atom_sites.solution_primary            ? 
_atom_sites.solution_secondary          ? 
_atom_sites.solution_hydrogens          ? 
_atom_sites.special_details             ? 
# 
loop_
_atom_type.symbol 
C 
H 
N 
O 
# 
loop_
_atom_site.group_PDB 
_atom_site.id 
_atom_site.type_symbol 
_atom_site.label_atom_id 
_atom_site.label_alt_id 
_atom_site.label_comp_id 
_atom_site.label_asym_id 
_atom_site.label_entity_id 
_atom_site.label_seq_id 
_atom_site.pdbx_PDB_ins_code 
_atom_site.Cartn_x 
_atom_site.Cartn_y 
_atom_site.Cartn_z 
_atom_site.occupancy 
_atom_site.B_iso_or_equiv 
_atom_site.pdbx_formal_charge 
_atom_site.auth_seq_id 
_atom_site.auth_comp_id 
_atom_site.auth_asym_id 
_atom_site.auth_atom_id 
_atom_site.pdbx_PDB_model_num 
ATOM   1   N N   . GLY A 1 1  ? -4.28280  -13.33327 6.29163   1.000 31.16797  ?  266 GLY A N   1 
ATOM   2   C CA  . GLY A 1 1  ? -3.40607  -12.18124 6.21603   1.000 26.95869  ?  266 GLY A CA  1 
ATOM   3   C C   . GLY A 1 1  ? -4.11280  -10.86691 5.94200   1.000 25.15103  ?  266 GLY A C   1 
ATOM   4   O O   . GLY A 1 1  ? -5.12261  -10.81158 5.23707   1.000 25.48810  ?  266 GLY A O   1 
ATOM   5   N N   . LEU A 1 2  ? -3.56721  -9.79806  6.50276   1.000 20.49477  ?  267 LEU A N   1 
ATOM   6   C CA  . LEU A 1 2  ? -4.12727  -8.45993  6.38099   1.000 17.47007  ?  267 LEU A CA  1 
ATOM   7   C C   . LEU A 1 2  ? -3.31633  -7.65441  5.37323   1.000 15.27430  ?  267 LEU A C   1 
ATOM   8   O O   . LEU A 1 2  ? -2.09653  -7.80342  5.27301   1.000 16.51174  ?  267 LEU A O   1 
ATOM   9   C CB  . LEU A 1 2  ? -4.13274  -7.77690  7.74754   1.000 19.21423  ?  267 LEU A CB  1 
ATOM   10  C CG  . LEU A 1 2  ? -4.92442  -8.55038  8.80305   1.000 20.06291  ?  267 LEU A CG  1 
ATOM   11  C CD1 . LEU A 1 2  ? -4.61731  -8.03470  10.19826  1.000 21.80800  ?  267 LEU A CD1 1 
ATOM   12  C CD2 . LEU A 1 2  ? -6.40250  -8.46478  8.50900   1.000 21.99956  ?  267 LEU A CD2 1 
ATOM   13  N N   . TYR A 1 3  ? -4.00794  -6.78880  4.62891   1.000 16.35557  ?  268 TYR A N   1 
ATOM   14  C CA  . TYR A 1 3  ? -3.37947  -6.00163  3.57934   1.000 15.59227  ?  268 TYR A CA  1 
ATOM   15  C C   . TYR A 1 3  ? -3.74141  -4.53533  3.72450   1.000 15.33326  ?  268 TYR A C   1 
ATOM   16  O O   . TYR A 1 3  ? -4.86910  -4.19337  4.09855   1.000 16.85955  ?  268 TYR A O   1 
ATOM   17  C CB  . TYR A 1 3  ? -3.80948  -6.48078  2.19356   1.000 17.93520  ?  268 TYR A CB  1 
ATOM   18  C CG  . TYR A 1 3  ? -3.29374  -7.86063  1.85775   1.000 18.23169  ?  268 TYR A CG  1 
ATOM   19  C CD1 . TYR A 1 3  ? -3.96685  -8.99703  2.28431   1.000 19.80436  ?  268 TYR A CD1 1 
ATOM   20  C CD2 . TYR A 1 3  ? -2.12074  -8.02520  1.12167   1.000 19.54801  ?  268 TYR A CD2 1 
ATOM   21  C CE1 . TYR A 1 3  ? -3.49193  -10.26351 1.96787   1.000 20.45221  ?  268 TYR A CE1 1 
ATOM   22  C CE2 . TYR A 1 3  ? -1.64241  -9.27754  0.81518   1.000 20.35823  ?  268 TYR A CE2 1 
ATOM   23  C CZ  . TYR A 1 3  ? -2.32811  -10.39259 1.23864   1.000 21.17767  ?  268 TYR A CZ  1 
ATOM   24  O OH  . TYR A 1 3  ? -1.84727  -11.63502 0.92386   1.000 23.70322  ?  268 TYR A OH  1 
ATOM   25  N N   . LEU A 1 4  ? -2.77860  -3.67637  3.41045   1.000 14.68116  ?  269 LEU A N   1 
ATOM   26  C CA  . LEU A 1 4  ? -2.97650  -2.23528  3.35144   1.000 14.51468  ?  269 LEU A CA  1 
ATOM   27  C C   . LEU A 1 4  ? -2.82856  -1.76199  1.91313   1.000 15.70996  ?  269 LEU A C   1 
ATOM   28  O O   . LEU A 1 4  ? -2.02891  -2.29660  1.14436   1.000 17.00824  ?  269 LEU A O   1 
ATOM   29  C CB  . LEU A 1 4  ? -1.94505  -1.48664  4.20502   1.000 15.31798  ?  269 LEU A CB  1 
ATOM   30  C CG  . LEU A 1 4  ? -2.06759  -1.64131  5.71347   1.000 14.65332  ?  269 LEU A CG  1 
ATOM   31  C CD1 . LEU A 1 4  ? -0.83280  -1.08441  6.40934   1.000 15.67171  ?  269 LEU A CD1 1 
ATOM   32  C CD2 . LEU A 1 4  ? -3.32527  -0.93449  6.20690   1.000 16.00574  ?  269 LEU A CD2 1 
ATOM   33  N N   . GLN A 1 5  ? -3.57692  -0.72598  1.56319   1.000 15.50540  ?  270 GLN A N   1 
ATOM   34  C CA  . GLN A 1 5  ? -3.34238  0.02469   0.34032   1.000 16.52145  ?  270 GLN A CA  1 
ATOM   35  C C   . GLN A 1 5  ? -2.91255  1.42867   0.72569   1.000 17.22563  ?  270 GLN A C   1 
ATOM   36  O O   . GLN A 1 5  ? -3.53477  2.06470   1.58552   1.000 17.70580  ?  270 GLN A O   1 
ATOM   37  C CB  . GLN A 1 5  ? -4.58126  0.07601   -0.55383  1.000 17.81844  ?  270 GLN A CB  1 
ATOM   38  C CG  . GLN A 1 5  ? -4.34301  0.79754   -1.86941  1.000 18.58577  ?  270 GLN A CG  1 
ATOM   39  C CD  . GLN A 1 5  ? -5.47057  0.58711   -2.84436  1.000 20.19240  ?  270 GLN A CD  1 
ATOM   40  O OE1 . GLN A 1 5  ? -5.75821  -0.54696  -3.22957  1.000 20.96333  ?  270 GLN A OE1 1 
ATOM   41  N NE2 . GLN A 1 5  ? -6.12812  1.67785   -3.24232  1.000 23.29507  ?  270 GLN A NE2 1 
ATOM   42  N N   . VAL A 1 6  ? -1.85251  1.91009   0.08833   1.000 18.70471  ?  271 VAL A N   1 
ATOM   43  C CA  . VAL A 1 6  ? -1.27252  3.19520   0.42479   1.000 21.18088  ?  271 VAL A CA  1 
ATOM   44  C C   . VAL A 1 6  ? -1.57168  4.25428   -0.63130  1.000 23.76289  ?  271 VAL A C   1 
ATOM   45  O O   . VAL A 1 6  ? -1.58887  5.44817   -0.31298  1.000 25.78379  ?  271 VAL A O   1 
ATOM   46  C CB  . VAL A 1 6  ? 0.24856   3.04634   0.66493   1.000 22.41817  ?  271 VAL A CB  1 
ATOM   47  C CG1 . VAL A 1 6  ? 0.85902   4.33360   1.18979   1.000 23.78117  ?  271 VAL A CG1 1 
ATOM   48  C CG2 . VAL A 1 6  ? 0.50747   1.89530   1.63365   1.000 23.46196  ?  271 VAL A CG2 1 
ATOM   49  N N   . GLY A 1 7  ? -1.82688  3.85729   -1.86852  1.000 22.77342  ?  272 GLY A N   1 
ATOM   50  C CA  . GLY A 1 7  ? -2.20436  4.80986   -2.89526  1.000 23.28590  ?  272 GLY A CA  1 
ATOM   51  C C   . GLY A 1 7  ? -2.62105  4.05740   -4.13557  1.000 22.90447  ?  272 GLY A C   1 
ATOM   52  O O   . GLY A 1 7  ? -2.39467  2.85315   -4.25919  1.000 21.20408  ?  272 GLY A O   1 
ATOM   53  N N   . ALA A 1 8  ? -3.24437  4.78275   -5.05864  1.000 25.22497  ?  273 ALA A N   1 
ATOM   54  C CA  . ALA A 1 8  ? -3.61232  4.22475   -6.34954  1.000 26.78557  ?  273 ALA A CA  1 
ATOM   55  C C   . ALA A 1 8  ? -3.37457  5.29778   -7.39478  1.000 27.67983  ?  273 ALA A C   1 
ATOM   56  O O   . ALA A 1 8  ? -3.76566  6.45190   -7.19592  1.000 30.05931  ?  273 ALA A O   1 
ATOM   57  C CB  . ALA A 1 8  ? -5.07220  3.76187   -6.35659  1.000 28.77830  ?  273 ALA A CB  1 
ATOM   58  N N   . PHE A 1 9  ? -2.71476  4.92423   -8.48750  1.000 27.85099  ?  274 PHE A N   1 
ATOM   59  C CA  . PHE A 1 9  ? -2.18881  5.89960   -9.43041  1.000 29.34666  ?  274 PHE A CA  1 
ATOM   60  C C   . PHE A 1 9  ? -2.45859  5.47543   -10.86362 1.000 30.75996  ?  274 PHE A C   1 
ATOM   61  O O   . PHE A 1 9  ? -2.34270  4.29380   -11.20635 1.000 29.97135  ?  274 PHE A O   1 
ATOM   62  C CB  . PHE A 1 9  ? -0.67599  6.03461   -9.25316  1.000 30.81132  ?  274 PHE A CB  1 
ATOM   63  C CG  . PHE A 1 9  ? -0.26733  6.42785   -7.86997  1.000 31.68757  ?  274 PHE A CG  1 
ATOM   64  C CD1 . PHE A 1 9  ? -0.22334  7.76508   -7.50639  1.000 33.30494  ?  274 PHE A CD1 1 
ATOM   65  C CD2 . PHE A 1 9  ? 0.06629   5.46393   -6.92883  1.000 31.84183  ?  274 PHE A CD2 1 
ATOM   66  C CE1 . PHE A 1 9  ? 0.14808   8.13378   -6.22644  1.000 33.65679  ?  274 PHE A CE1 1 
ATOM   67  C CE2 . PHE A 1 9  ? 0.44143   5.83043   -5.65090  1.000 31.72005  ?  274 PHE A CE2 1 
ATOM   68  C CZ  . PHE A 1 9  ? 0.48047   7.16475   -5.30029  1.000 33.07802  ?  274 PHE A CZ  1 
ATOM   69  N N   . ALA A 1 10 ? -2.79936  6.45594   -11.70092 1.000 32.11017  ?  275 ALA A N   1 
ATOM   70  C CA  . ALA A 1 10 ? -2.81288  6.23329   -13.13921 1.000 33.47207  ?  275 ALA A CA  1 
ATOM   71  C C   . ALA A 1 10 ? -1.40110  6.18163   -13.70660 1.000 35.12374  ?  275 ALA A C   1 
ATOM   72  O O   . ALA A 1 10 ? -1.15662  5.47051   -14.68714 1.000 36.72537  ?  275 ALA A O   1 
ATOM   73  C CB  . ALA A 1 10 ? -3.61723  7.33437   -13.83340 1.000 34.61326  ?  275 ALA A CB  1 
ATOM   74  N N   . ASN A 1 11 ? -0.46871  6.92358   -13.11148 1.000 35.79023  ?  276 ASN A N   1 
ATOM   75  C CA  . ASN A 1 11 ? 0.91721   6.95917   -13.56006 1.000 36.64148  ?  276 ASN A CA  1 
ATOM   76  C C   . ASN A 1 11 ? 1.66206   5.78716   -12.93546 1.000 34.67791  ?  276 ASN A C   1 
ATOM   77  O O   . ASN A 1 11 ? 1.83553   5.74657   -11.70995 1.000 33.67539  ?  276 ASN A O   1 
ATOM   78  C CB  . ASN A 1 11 ? 1.55406   8.29116   -13.14887 1.000 40.09885  ?  276 ASN A CB  1 
ATOM   79  C CG  . ASN A 1 11 ? 3.05037   8.35811   -13.43863 1.000 43.35071  ?  276 ASN A CG  1 
ATOM   80  O OD1 . ASN A 1 11 ? 3.62270   7.47618   -14.07390 1.000 45.28048  ?  276 ASN A OD1 1 
ATOM   81  N ND2 . ASN A 1 11 ? 3.68633   9.43009   -12.97608 1.000 46.23618  ?  276 ASN A ND2 1 
ATOM   82  N N   . PRO A 1 12 ? 2.12234   4.81858   -13.73387 1.000 33.99304  ?  277 PRO A N   1 
ATOM   83  C CA  . PRO A 1 12 ? 2.83311   3.67627   -13.13602 1.000 33.94290  ?  277 PRO A CA  1 
ATOM   84  C C   . PRO A 1 12 ? 4.14951   4.05871   -12.48117 1.000 33.21123  ?  277 PRO A C   1 
ATOM   85  O O   . PRO A 1 12 ? 4.57015   3.39037   -11.52822 1.000 31.58313  ?  277 PRO A O   1 
ATOM   86  C CB  . PRO A 1 12 ? 3.03261   2.71990   -14.31883 1.000 33.51382  ?  277 PRO A CB  1 
ATOM   87  C CG  . PRO A 1 12 ? 2.99444   3.60084   -15.52208 1.000 33.67314  ?  277 PRO A CG  1 
ATOM   88  C CD  . PRO A 1 12 ? 2.05356   4.73227   -15.20456 1.000 33.76863  ?  277 PRO A CD  1 
ATOM   89  N N   . ASP A 1 13 ? 4.81254   5.11854   -12.95453 1.000 34.63469  ?  278 ASP A N   1 
ATOM   90  C CA  . ASP A 1 13 ? 6.05471   5.54026   -12.31429 1.000 35.63492  ?  278 ASP A CA  1 
ATOM   91  C C   . ASP A 1 13 ? 5.80486   6.04515   -10.89710 1.000 33.44447  ?  278 ASP A C   1 
ATOM   92  O O   . ASP A 1 13 ? 6.62103   5.81059   -9.99863  1.000 33.94705  ?  278 ASP A O   1 
ATOM   93  C CB  . ASP A 1 13 ? 6.76155   6.59725   -13.16319 1.000 39.27685  ?  278 ASP A CB  1 
ATOM   94  C CG  . ASP A 1 13 ? 7.66811   5.98605   -14.22227 1.000 42.92342  ?  278 ASP A CG  1 
ATOM   95  O OD1 . ASP A 1 13 ? 7.77070   4.74087   -14.28102 1.000 44.62961  ?  278 ASP A OD1 1 
ATOM   96  O OD2 . ASP A 1 13 ? 8.29061   6.75304   -14.98748 1.000 44.51863  -1 278 ASP A OD2 1 
ATOM   97  N N   . ALA A 1 14 ? 4.67723   6.72617   -10.67426 1.000 31.47181  ?  279 ALA A N   1 
ATOM   98  C CA  . ALA A 1 14 ? 4.32841   7.16043   -9.32280  1.000 30.09559  ?  279 ALA A CA  1 
ATOM   99  C C   . ALA A 1 14 ? 4.10260   5.96740   -8.40680  1.000 27.52314  ?  279 ALA A C   1 
ATOM   100 O O   . ALA A 1 14 ? 4.51780   5.97883   -7.24138  1.000 27.65420  ?  279 ALA A O   1 
ATOM   101 C CB  . ALA A 1 14 ? 3.07696   8.04007   -9.35433  1.000 31.00583  ?  279 ALA A CB  1 
ATOM   102 N N   . ALA A 1 15 ? 3.42909   4.93518   -8.91379  1.000 25.54994  ?  280 ALA A N   1 
ATOM   103 C CA  . ALA A 1 15 ? 3.18950   3.73534   -8.12175  1.000 24.15469  ?  280 ALA A CA  1 
ATOM   104 C C   . ALA A 1 15 ? 4.49911   3.02304   -7.79983  1.000 22.86726  ?  280 ALA A C   1 
ATOM   105 O O   . ALA A 1 15 ? 4.73497   2.61924   -6.65581  1.000 21.34991  ?  280 ALA A O   1 
ATOM   106 C CB  . ALA A 1 15 ? 2.22988   2.81343   -8.87386  1.000 24.22643  ?  280 ALA A CB  1 
ATOM   107 N N   . GLU A 1 16 ? 5.37369   2.87344   -8.79713  1.000 24.35161  ?  281 GLU A N   1 
ATOM   108 C CA  . GLU A 1 16 ? 6.66285   2.22696   -8.56013  1.000 26.06419  ?  281 GLU A CA  1 
ATOM   109 C C   . GLU A 1 16 ? 7.50573   3.00655   -7.56188  1.000 24.73953  ?  281 GLU A C   1 
ATOM   110 O O   . GLU A 1 16 ? 8.18476   2.41303   -6.71694  1.000 24.52376  ?  281 GLU A O   1 
ATOM   111 C CB  . GLU A 1 16 ? 7.42888   2.07484   -9.87255  1.000 28.60546  ?  281 GLU A CB  1 
ATOM   112 C CG  . GLU A 1 16 ? 6.79926   1.11296   -10.85674 1.000 32.18564  ?  281 GLU A CG  1 
ATOM   113 C CD  . GLU A 1 16 ? 6.97175   -0.33737  -10.45542 1.000 37.73972  ?  281 GLU A CD  1 
ATOM   114 O OE1 . GLU A 1 16 ? 7.82106   -0.62158  -9.58475  1.000 41.27413  ?  281 GLU A OE1 1 
ATOM   115 O OE2 . GLU A 1 16 ? 6.25129   -1.19536  -11.01436 1.000 39.76801  -1 281 GLU A OE2 1 
ATOM   116 N N   . LEU A 1 17 ? 7.48469   4.33851   -7.64636  1.000 24.83931  ?  282 LEU A N   1 
ATOM   117 C CA  . LEU A 1 17 ? 8.24818   5.14372   -6.70154  1.000 25.88144  ?  282 LEU A CA  1 
ATOM   118 C C   . LEU A 1 17 ? 7.73141   4.95951   -5.27850  1.000 25.06524  ?  282 LEU A C   1 
ATOM   119 O O   . LEU A 1 17 ? 8.51835   4.77270   -4.34463  1.000 25.37174  ?  282 LEU A O   1 
ATOM   120 C CB  . LEU A 1 17 ? 8.20841   6.60940   -7.11242  1.000 26.21772  ?  282 LEU A CB  1 
ATOM   121 C CG  . LEU A 1 17 ? 9.01963   7.52188   -6.20124  1.000 27.60153  ?  282 LEU A CG  1 
ATOM   122 C CD1 . LEU A 1 17 ? 10.45123  7.02820   -6.05879  1.000 27.84790  ?  282 LEU A CD1 1 
ATOM   123 C CD2 . LEU A 1 17 ? 8.98797   8.93328   -6.72851  1.000 27.73917  ?  282 LEU A CD2 1 
ATOM   124 N N   . LEU A 1 18 ? 6.40625   4.99340   -5.09333  1.000 23.50357  ?  283 LEU A N   1 
ATOM   125 C CA  . LEU A 1 18 ? 5.85392   4.79320   -3.75812  1.000 22.37929  ?  283 LEU A CA  1 
ATOM   126 C C   . LEU A 1 18 ? 6.19203   3.40673   -3.23503  1.000 21.26162  ?  283 LEU A C   1 
ATOM   127 O O   . LEU A 1 18 ? 6.54648   3.24473   -2.06226  1.000 20.98921  ?  283 LEU A O   1 
ATOM   128 C CB  . LEU A 1 18 ? 4.34176   5.01310   -3.75501  1.000 22.27858  ?  283 LEU A CB  1 
ATOM   129 C CG  . LEU A 1 18 ? 3.65499   4.76508   -2.40333  1.000 22.95565  ?  283 LEU A CG  1 
ATOM   130 C CD1 . LEU A 1 18 ? 4.23678   5.64494   -1.29088  1.000 24.01496  ?  283 LEU A CD1 1 
ATOM   131 C CD2 . LEU A 1 18 ? 2.14850   4.96696   -2.55810  1.000 24.36865  ?  283 LEU A CD2 1 
ATOM   132 N N   . LYS A 1 19 ? 6.10472   2.39256   -4.09571  1.000 21.00898  ?  284 LYS A N   1 
ATOM   133 C CA  . LYS A 1 19 ? 6.50712   1.05101   -3.68836  1.000 20.81702  ?  284 LYS A CA  1 
ATOM   134 C C   . LYS A 1 19 ? 7.94853   1.04031   -3.18856  1.000 20.73594  ?  284 LYS A C   1 
ATOM   135 O O   . LYS A 1 19 ? 8.24226   0.48447   -2.12335  1.000 21.37668  ?  284 LYS A O   1 
ATOM   136 C CB  . LYS A 1 19 ? 6.32928   0.06947   -4.84368  1.000 21.70044  ?  284 LYS A CB  1 
ATOM   137 C CG  . LYS A 1 19 ? 7.00861   -1.26118  -4.59657  1.000 22.49881  ?  284 LYS A CG  1 
ATOM   138 C CD  . LYS A 1 19 ? 6.71629   -2.25038  -5.70578  1.000 24.56669  ?  284 LYS A CD  1 
ATOM   139 C CE  . LYS A 1 19 ? 7.58068   -3.48427  -5.57843  1.000 27.70723  ?  284 LYS A CE  1 
ATOM   140 N NZ  . LYS A 1 19 ? 7.36420   -4.42383  -6.71083  1.000 31.95533  ?  284 LYS A NZ  1 
ATOM   141 N N   . ALA A 1 20 ? 8.86034   1.66038   -3.94162  1.000 23.30905  ?  285 ALA A N   1 
ATOM   142 C CA  . ALA A 1 20 ? 10.26126  1.69437   -3.52587  1.000 24.64926  ?  285 ALA A CA  1 
ATOM   143 C C   . ALA A 1 20 ? 10.42731  2.39419   -2.17898  1.000 25.70325  ?  285 ALA A C   1 
ATOM   144 O O   . ALA A 1 20 ? 11.16931  1.91777   -1.31036  1.000 26.65248  ?  285 ALA A O   1 
ATOM   145 C CB  . ALA A 1 20 ? 11.12311  2.35569   -4.60696  1.000 26.04206  ?  285 ALA A CB  1 
ATOM   146 N N   . LYS A 1 21 ? 9.72575   3.51230   -1.97536  1.000 23.59282  ?  286 LYS A N   1 
ATOM   147 C CA  . LYS A 1 21 ? 9.84417   4.23517   -0.71218  1.000 24.69632  ?  286 LYS A CA  1 
ATOM   148 C C   . LYS A 1 21 ? 9.29399   3.41813   0.45186   1.000 22.74924  ?  286 LYS A C   1 
ATOM   149 O O   . LYS A 1 21 ? 9.85006   3.44538   1.55766   1.000 24.00346  ?  286 LYS A O   1 
ATOM   150 C CB  . LYS A 1 21 ? 9.12840   5.57753   -0.82014  1.000 26.73736  ?  286 LYS A CB  1 
ATOM   151 C CG  . LYS A 1 21 ? 9.80622   6.56656   -1.75582  1.000 29.60300  ?  286 LYS A CG  1 
ATOM   152 C CD  . LYS A 1 21 ? 9.18623   7.94302   -1.60792  1.000 32.80777  ?  286 LYS A CD  1 
ATOM   153 C CE  . LYS A 1 21 ? 9.53167   8.84842   -2.77226  1.000 35.83726  ?  286 LYS A CE  1 
ATOM   154 N NZ  . LYS A 1 21 ? 8.51141   9.92784   -2.93600  1.000 38.49039  ?  286 LYS A NZ  1 
ATOM   155 N N   . LEU A 1 22 ? 8.20119   2.68585   0.22556   1.000 21.81437  ?  287 LEU A N   1 
ATOM   156 C CA  . LEU A 1 22 ? 7.60942   1.89286   1.29692   1.000 21.45511  ?  287 LEU A CA  1 
ATOM   157 C C   . LEU A 1 22 ? 8.53800   0.78504   1.75795   1.000 22.02353  ?  287 LEU A C   1 
ATOM   158 O O   . LEU A 1 22 ? 8.56063   0.45348   2.94969   1.000 21.87598  ?  287 LEU A O   1 
ATOM   159 C CB  . LEU A 1 22 ? 6.27745   1.30915   0.84409   1.000 20.57902  ?  287 LEU A CB  1 
ATOM   160 C CG  . LEU A 1 22 ? 5.14933   2.33491   0.81408   1.000 19.91274  ?  287 LEU A CG  1 
ATOM   161 C CD1 . LEU A 1 22 ? 3.99955   1.83231   -0.01211  1.000 20.24849  ?  287 LEU A CD1 1 
ATOM   162 C CD2 . LEU A 1 22 ? 4.69820   2.65218   2.24130   1.000 20.51809  ?  287 LEU A CD2 1 
ATOM   163 N N   . SER A 1 23 ? 9.30797   0.19986   0.84034   1.000 23.58330  ?  288 SER A N   1 
ATOM   164 C CA  . SER A 1 23 ? 10.23374  -0.85190  1.23580   1.000 25.33418  ?  288 SER A CA  1 
ATOM   165 C C   . SER A 1 23 ? 11.24362  -0.37088  2.26748   1.000 26.42248  ?  288 SER A C   1 
ATOM   166 O O   . SER A 1 23 ? 11.81318  -1.19532  2.98879   1.000 27.69610  ?  288 SER A O   1 
ATOM   167 C CB  . SER A 1 23 ? 10.92263  -1.44026  0.00602   1.000 27.03958  ?  288 SER A CB  1 
ATOM   168 O OG  . SER A 1 23 ? 9.96035   -1.96242  -0.90357  1.000 30.89428  ?  288 SER A OG  1 
ATOM   169 N N   . GLY A 1 24 ? 11.45716  0.94234   2.37404   1.000 26.52048  ?  289 GLY A N   1 
ATOM   170 C CA  . GLY A 1 24 ? 12.35463  1.47759   3.38028   1.000 27.17814  ?  289 GLY A CA  1 
ATOM   171 C C   . GLY A 1 24 ? 11.74253  1.70575   4.74257   1.000 28.42097  ?  289 GLY A C   1 
ATOM   172 O O   . GLY A 1 24 ? 12.47759  2.00386   5.68862   1.000 31.59933  ?  289 GLY A O   1 
ATOM   173 N N   . VAL A 1 25 ? 10.42423  1.57702   4.87315   1.000 25.98356  ?  290 VAL A N   1 
ATOM   174 C CA  . VAL A 1 25 ? 9.74640   1.83327   6.13985   1.000 27.30288  ?  290 VAL A CA  1 
ATOM   175 C C   . VAL A 1 25 ? 9.00020   0.62783   6.68928   1.000 25.53573  ?  290 VAL A C   1 
ATOM   176 O O   . VAL A 1 25 ? 8.51437   0.69400   7.83020   1.000 28.34260  ?  290 VAL A O   1 
ATOM   177 C CB  . VAL A 1 25 ? 8.81197   3.06109   6.07006   1.000 30.96753  ?  290 VAL A CB  1 
ATOM   178 C CG1 . VAL A 1 25 ? 9.53945   4.26451   5.49381   1.000 32.76298  ?  290 VAL A CG1 1 
ATOM   179 C CG2 . VAL A 1 25 ? 7.58180   2.73747   5.25739   1.000 33.02258  ?  290 VAL A CG2 1 
ATOM   180 N N   . THR A 1 26 ? 8.87117   -0.45940  5.92993   1.000 23.65342  ?  291 THR A N   1 
ATOM   181 C CA  . THR A 1 26 ? 8.21907   -1.67073  6.40541   1.000 22.16171  ?  291 THR A CA  1 
ATOM   182 C C   . THR A 1 26 ? 8.99040   -2.87410  5.89243   1.000 19.78925  ?  291 THR A C   1 
ATOM   183 O O   . THR A 1 26 ? 9.58289   -2.83097  4.81043   1.000 20.27346  ?  291 THR A O   1 
ATOM   184 C CB  . THR A 1 26 ? 6.75881   -1.77972  5.92361   1.000 23.29549  ?  291 THR A CB  1 
ATOM   185 O OG1 . THR A 1 26 ? 6.16231   -2.98232  6.43944   1.000 25.79751  ?  291 THR A OG1 1 
ATOM   186 C CG2 . THR A 1 26 ? 6.68146   -1.80046  4.39770   1.000 24.91081  ?  291 THR A CG2 1 
ATOM   187 N N   . ALA A 1 27 ? 8.96737   -3.94965  6.67646   1.000 19.16021  ?  292 ALA A N   1 
ATOM   188 C CA  . ALA A 1 27 ? 9.47543   -5.24511  6.25715   1.000 18.20638  ?  292 ALA A CA  1 
ATOM   189 C C   . ALA A 1 27 ? 8.42233   -6.10092  5.56164   1.000 18.09513  ?  292 ALA A C   1 
ATOM   190 O O   . ALA A 1 27 ? 8.76310   -7.15406  5.01657   1.000 19.35412  ?  292 ALA A O   1 
ATOM   191 C CB  . ALA A 1 27 ? 10.04057  -6.00729  7.46127   1.000 18.96476  ?  292 ALA A CB  1 
ATOM   192 N N   . ALA A 1 28 ? 7.15638   -5.69017  5.56273   1.000 20.66664  ?  293 ALA A N   1 
ATOM   193 C CA  . ALA A 1 28 ? 6.13672   -6.47911  4.88897   1.000 21.37011  ?  293 ALA A CA  1 
ATOM   194 C C   . ALA A 1 28 ? 6.31504   -6.39288  3.37282   1.000 20.10311  ?  293 ALA A C   1 
ATOM   195 O O   . ALA A 1 28 ? 6.82953   -5.39752  2.85924   1.000 19.56482  ?  293 ALA A O   1 
ATOM   196 C CB  . ALA A 1 28 ? 4.75369   -5.94642  5.23694   1.000 23.22190  ?  293 ALA A CB  1 
ATOM   197 N N   . PRO A 1 29 ? 5.88480   -7.41635  2.63096   1.000 20.75371  ?  294 PRO A N   1 
ATOM   198 C CA  . PRO A 1 29 ? 5.97856   -7.34137  1.16741   1.000 19.60240  ?  294 PRO A CA  1 
ATOM   199 C C   . PRO A 1 29 ? 5.18171   -6.15679  0.64349   1.000 18.06874  ?  294 PRO A C   1 
ATOM   200 O O   . PRO A 1 29 ? 4.05503   -5.90975  1.07099   1.000 18.73375  ?  294 PRO A O   1 
ATOM   201 C CB  . PRO A 1 29 ? 5.35669   -8.66626  0.70181   1.000 22.30325  ?  294 PRO A CB  1 
ATOM   202 C CG  . PRO A 1 29 ? 5.48504   -9.58007  1.86145   1.000 23.77171  ?  294 PRO A CG  1 
ATOM   203 C CD  . PRO A 1 29 ? 5.34287   -8.71042  3.07995   1.000 22.59384  ?  294 PRO A CD  1 
ATOM   204 N N   . VAL A 1 30 ? 5.76527   -5.43482  -0.30488  1.000 16.77716  ?  295 VAL A N   1 
ATOM   205 C CA  . VAL A 1 30 ? 5.11058   -4.31316  -0.97283  1.000 16.67493  ?  295 VAL A CA  1 
ATOM   206 C C   . VAL A 1 30 ? 4.94985   -4.70291  -2.43389  1.000 16.56832  ?  295 VAL A C   1 
ATOM   207 O O   . VAL A 1 30 ? 5.88857   -5.23056  -3.04146  1.000 18.56588  ?  295 VAL A O   1 
ATOM   208 C CB  . VAL A 1 30 ? 5.93834   -3.01698  -0.84647  1.000 18.11569  ?  295 VAL A CB  1 
ATOM   209 C CG1 . VAL A 1 30 ? 5.15936   -1.84466  -1.40464  1.000 18.36810  ?  295 VAL A CG1 1 
ATOM   210 C CG2 . VAL A 1 30 ? 6.34542   -2.75081  0.60640   1.000 20.25744  ?  295 VAL A CG2 1 
ATOM   211 N N   . PHE A 1 31 ? 3.77082   -4.45834  -2.99830  1.000 15.72712  ?  296 PHE A N   1 
ATOM   212 C CA  . PHE A 1 31 ? 3.51091   -4.88897  -4.36579  1.000 16.14443  ?  296 PHE A CA  1 
ATOM   213 C C   . PHE A 1 31 ? 2.52656   -3.93549  -5.01573  1.000 16.07703  ?  296 PHE A C   1 
ATOM   214 O O   . PHE A 1 31 ? 1.81880   -3.18425  -4.34311  1.000 16.89650  ?  296 PHE A O   1 
ATOM   215 C CB  . PHE A 1 31 ? 3.00299   -6.33617  -4.42564  1.000 17.11508  ?  296 PHE A CB  1 
ATOM   216 C CG  . PHE A 1 31 ? 1.73190   -6.57717  -3.65410  1.000 17.21905  ?  296 PHE A CG  1 
ATOM   217 C CD1 . PHE A 1 31 ? 1.76338   -6.86719  -2.30020  1.000 19.01155  ?  296 PHE A CD1 1 
ATOM   218 C CD2 . PHE A 1 31 ? 0.50742   -6.54356  -4.29104  1.000 18.61155  ?  296 PHE A CD2 1 
ATOM   219 C CE1 . PHE A 1 31 ? 0.58856   -7.10039  -1.60418  1.000 20.38488  ?  296 PHE A CE1 1 
ATOM   220 C CE2 . PHE A 1 31 ? -0.65983  -6.77799  -3.60638  1.000 18.34993  ?  296 PHE A CE2 1 
ATOM   221 C CZ  . PHE A 1 31 ? -0.62241  -7.05207  -2.25323  1.000 19.34026  ?  296 PHE A CZ  1 
ATOM   222 N N   . ILE A 1 32 ? 2.48775   -3.96996  -6.34014  1.000 16.03078  ?  297 ILE A N   1 
ATOM   223 C CA  . ILE A 1 32 ? 1.53856   -3.18727  -7.11137  1.000 16.76069  ?  297 ILE A CA  1 
ATOM   224 C C   . ILE A 1 32 ? 0.53882   -4.14423  -7.72658  1.000 17.56493  ?  297 ILE A C   1 
ATOM   225 O O   . ILE A 1 32 ? 0.92232   -5.15478  -8.31801  1.000 20.09919  ?  297 ILE A O   1 
ATOM   226 C CB  . ILE A 1 32 ? 2.24550   -2.33484  -8.17770  1.000 19.63238  ?  297 ILE A CB  1 
ATOM   227 C CG1 . ILE A 1 32 ? 3.10612   -1.27275  -7.48236  1.000 22.58227  ?  297 ILE A CG1 1 
ATOM   228 C CG2 . ILE A 1 32 ? 1.23916   -1.65763  -9.10186  1.000 21.01545  ?  297 ILE A CG2 1 
ATOM   229 C CD1 . ILE A 1 32 ? 4.16686   -0.65551  -8.37163  1.000 25.10171  ?  297 ILE A CD1 1 
ATOM   230 N N   . SER A 1 33 ? -0.73435  -3.86256  -7.53816  1.000 17.51718  ?  298 SER A N   1 
ATOM   231 C CA  . SER A 1 33 ? -1.81339  -4.59486  -8.18514  1.000 19.61793  ?  298 SER A CA  1 
ATOM   232 C C   . SER A 1 33 ? -2.45941  -3.64066  -9.17407  1.000 20.06840  ?  298 SER A C   1 
ATOM   233 O O   . SER A 1 33 ? -3.07531  -2.65559  -8.76609  1.000 22.66309  ?  298 SER A O   1 
ATOM   234 C CB  . SER A 1 33 ? -2.83123  -5.03910  -7.13972  1.000 21.98904  ?  298 SER A CB  1 
ATOM   235 O OG  . SER A 1 33 ? -3.96501  -5.61419  -7.75695  1.000 26.09227  ?  298 SER A OG  1 
ATOM   236 N N   . SER A 1 34 ? -2.30369  -3.91433  -10.46826 1.000 21.41520  ?  299 SER A N   1 
ATOM   237 C CA  . SER A 1 34 ? -2.85041  -3.06497  -11.51910 1.000 23.99231  ?  299 SER A CA  1 
ATOM   238 C C   . SER A 1 34 ? -4.13525  -3.68036  -12.05554 1.000 24.46455  ?  299 SER A C   1 
ATOM   239 O O   . SER A 1 34 ? -4.18381  -4.88319  -12.33037 1.000 26.59506  ?  299 SER A O   1 
ATOM   240 C CB  . SER A 1 34 ? -1.83905  -2.86589  -12.64900 1.000 27.39122  ?  299 SER A CB  1 
ATOM   241 O OG  . SER A 1 34 ? -0.57868  -2.46704  -12.14503 1.000 28.63020  ?  299 SER A OG  1 
ATOM   242 N N   . VAL A 1 35 ? -5.17647  -2.85573  -12.19818 1.000 23.23531  ?  300 VAL A N   1 
ATOM   243 C CA  . VAL A 1 35 ? -6.48624  -3.32033  -12.63948 1.000 22.86948  ?  300 VAL A CA  1 
ATOM   244 C C   . VAL A 1 35 ? -7.06851  -2.30633  -13.60584 1.000 21.37189  ?  300 VAL A C   1 
ATOM   245 O O   . VAL A 1 35 ? -6.66568  -1.14350  -13.62928 1.000 23.45497  ?  300 VAL A O   1 
ATOM   246 C CB  . VAL A 1 35 ? -7.46792  -3.53526  -11.46764 1.000 24.53256  ?  300 VAL A CB  1 
ATOM   247 C CG1 . VAL A 1 35 ? -6.96169  -4.64207  -10.54063 1.000 26.29546  ?  300 VAL A CG1 1 
ATOM   248 C CG2 . VAL A 1 35 ? -7.68375  -2.22384  -10.69665 1.000 25.95255  ?  300 VAL A CG2 1 
ATOM   249 N N   . VAL A 1 36 ? -8.01705  -2.76400  -14.42119 1.000 18.90302  ?  301 VAL A N   1 
ATOM   250 C CA  . VAL A 1 36 ? -8.80697  -1.85422  -15.24877 1.000 19.20845  ?  301 VAL A CA  1 
ATOM   251 C C   . VAL A 1 36 ? -9.96146  -1.31350  -14.41771 1.000 20.41289  ?  301 VAL A C   1 
ATOM   252 O O   . VAL A 1 36 ? -10.74454 -2.07743  -13.84346 1.000 22.03605  ?  301 VAL A O   1 
ATOM   253 C CB  . VAL A 1 36 ? -9.32899  -2.53614  -16.51846 1.000 19.18365  ?  301 VAL A CB  1 
ATOM   254 C CG1 . VAL A 1 36 ? -10.13018 -1.52118  -17.32793 1.000 20.42879  ?  301 VAL A CG1 1 
ATOM   255 C CG2 . VAL A 1 36 ? -8.18981  -3.07365  -17.34226 1.000 21.14467  ?  301 VAL A CG2 1 
ATOM   256 N N   . ARG A 1 37 ? -10.06060 0.00408   -14.33796 1.000 21.13860  ?  302 ARG A N   1 
ATOM   257 C CA  A ARG A 1 37 ? -11.16483 0.65159   -13.64554 0.544 23.56464  ?  302 ARG A CA  1 
ATOM   258 C CA  B ARG A 1 37 ? -11.17984 0.63820   -13.66117 0.456 23.25028  ?  302 ARG A CA  1 
ATOM   259 C C   . ARG A 1 37 ? -11.51431 1.91138   -14.41303 1.000 22.85741  ?  302 ARG A C   1 
ATOM   260 O O   . ARG A 1 37 ? -10.62588 2.70784   -14.72236 1.000 23.25803  ?  302 ARG A O   1 
ATOM   261 C CB  A ARG A 1 37 ? -10.76667 1.01415   -12.21156 0.544 26.73183  ?  302 ARG A CB  1 
ATOM   262 C CB  B ARG A 1 37 ? -10.84769 0.96209   -12.20399 0.456 25.77208  ?  302 ARG A CB  1 
ATOM   263 C CG  A ARG A 1 37 ? -11.88044 1.64490   -11.39551 0.544 30.73083  ?  302 ARG A CG  1 
ATOM   264 C CG  B ARG A 1 37 ? -12.06977 1.34716   -11.39565 0.456 29.06141  ?  302 ARG A CG  1 
ATOM   265 C CD  A ARG A 1 37 ? -11.71795 1.33970   -9.91646  0.544 35.04963  ?  302 ARG A CD  1 
ATOM   266 C CD  B ARG A 1 37 ? -11.69971 1.89781   -10.03927 0.456 33.05590  ?  302 ARG A CD  1 
ATOM   267 N NE  A ARG A 1 37 ? -11.89866 -0.07824  -9.62036  0.544 37.58865  ?  302 ARG A NE  1 
ATOM   268 N NE  B ARG A 1 37 ? -12.80545 2.65902   -9.47124  0.456 34.88004  ?  302 ARG A NE  1 
ATOM   269 C CZ  A ARG A 1 37 ? -11.78175 -0.60405  -8.40555  0.544 40.55139  ?  302 ARG A CZ  1 
ATOM   270 C CZ  B ARG A 1 37 ? -12.80149 3.19341   -8.25715  0.456 36.29136  ?  302 ARG A CZ  1 
ATOM   271 N NH1 A ARG A 1 37 ? -11.48424 0.17295   -7.37268  0.544 41.51121  ?  302 ARG A NH1 1 
ATOM   272 N NH1 B ARG A 1 37 ? -11.74804 3.04138   -7.46783  0.456 37.64920  ?  302 ARG A NH1 1 
ATOM   273 N NH2 A ARG A 1 37 ? -11.96070 -1.90516  -8.22229  0.544 41.46863  ?  302 ARG A NH2 1 
ATOM   274 N NH2 B ARG A 1 37 ? -13.85492 3.87417   -7.83087  0.456 36.12537  ?  302 ARG A NH2 1 
ATOM   275 N N   . ASN A 1 38 ? -12.78903 2.07780   -14.72762 1.000 23.26780  ?  303 ASN A N   1 
ATOM   276 C CA  . ASN A 1 38 ? -13.25266 3.28659   -15.39743 1.000 24.08816  ?  303 ASN A CA  1 
ATOM   277 C C   . ASN A 1 38 ? -12.47670 3.54870   -16.68774 1.000 23.94420  ?  303 ASN A C   1 
ATOM   278 O O   . ASN A 1 38 ? -12.11708 4.68747   -17.00315 1.000 24.94820  ?  303 ASN A O   1 
ATOM   279 C CB  . ASN A 1 38 ? -13.23032 4.48639   -14.45230 1.000 25.91311  ?  303 ASN A CB  1 
ATOM   280 C CG  . ASN A 1 38 ? -14.19797 4.32565   -13.30876 1.000 26.99451  ?  303 ASN A CG  1 
ATOM   281 O OD1 . ASN A 1 38 ? -15.31203 3.83947   -13.49966 1.000 28.21986  ?  303 ASN A OD1 1 
ATOM   282 N ND2 . ASN A 1 38 ? -13.79476 4.74901   -12.11944 1.000 27.80844  ?  303 ASN A ND2 1 
ATOM   283 N N   . GLN A 1 39 ? -12.22099 2.47380   -17.43991 1.000 23.36867  ?  304 GLN A N   1 
ATOM   284 C CA  . GLN A 1 39 ? -11.60677 2.51863   -18.76226 1.000 24.29200  ?  304 GLN A CA  1 
ATOM   285 C C   . GLN A 1 39 ? -10.15520 2.95424   -18.72899 1.000 24.21760  ?  304 GLN A C   1 
ATOM   286 O O   . GLN A 1 39 ? -9.59290  3.31463   -19.76635 1.000 26.19572  ?  304 GLN A O   1 
ATOM   287 C CB  . GLN A 1 39 ? -12.39853 3.37474   -19.75331 1.000 25.98833  ?  304 GLN A CB  1 
ATOM   288 C CG  . GLN A 1 39 ? -13.81356 2.92659   -19.96072 1.000 29.03250  ?  304 GLN A CG  1 
ATOM   289 C CD  . GLN A 1 39 ? -14.46771 3.66966   -21.09851 1.000 29.88573  ?  304 GLN A CD  1 
ATOM   290 O OE1 . GLN A 1 39 ? -14.83348 4.84076   -20.96585 1.000 31.29945  ?  304 GLN A OE1 1 
ATOM   291 N NE2 . GLN A 1 39 ? -14.59860 3.00301   -22.23928 1.000 30.88650  ?  304 GLN A NE2 1 
ATOM   292 N N   . GLN A 1 40 ? -9.52478  2.91858   -17.56184 1.000 23.53752  ?  305 GLN A N   1 
ATOM   293 C CA  . GLN A 1 40 ? -8.10616  3.20560   -17.45694 1.000 23.80647  ?  305 GLN A CA  1 
ATOM   294 C C   . GLN A 1 40 ? -7.44139  2.14156   -16.59595 1.000 21.33188  ?  305 GLN A C   1 
ATOM   295 O O   . GLN A 1 40 ? -8.09683  1.35573   -15.90577 1.000 22.34268  ?  305 GLN A O   1 
ATOM   296 C CB  . GLN A 1 40 ? -7.83291  4.59086   -16.85330 1.000 27.97418  ?  305 GLN A CB  1 
ATOM   297 C CG  . GLN A 1 40 ? -8.51635  4.82572   -15.52944 1.000 78.71180  ?  305 GLN A CG  1 
ATOM   298 C CD  . GLN A 1 40 ? -7.75880  5.78883   -14.63969 1.000 92.85508  ?  305 GLN A CD  1 
ATOM   299 O OE1 . GLN A 1 40 ? -7.69117  6.98691   -14.91304 1.000 84.47215  ?  305 GLN A OE1 1 
ATOM   300 N NE2 . GLN A 1 40 ? -7.17542  5.26315   -13.56490 1.000 87.76341  ?  305 GLN A NE2 1 
ATOM   301 N N   . ILE A 1 41 ? -6.12426  2.12820   -16.63895 1.000 20.89962  ?  306 ILE A N   1 
ATOM   302 C CA  . ILE A 1 41 ? -5.33670  1.26832   -15.77280 1.000 21.92443  ?  306 ILE A CA  1 
ATOM   303 C C   . ILE A 1 41 ? -5.08116  2.00348   -14.46801 1.000 23.25190  ?  306 ILE A C   1 
ATOM   304 O O   . ILE A 1 41 ? -4.60959  3.14540   -14.46801 1.000 25.47807  ?  306 ILE A O   1 
ATOM   305 C CB  . ILE A 1 41 ? -4.01457  0.88209   -16.44969 1.000 23.32118  ?  306 ILE A CB  1 
ATOM   306 C CG1 . ILE A 1 41 ? -4.27867  0.22949   -17.81065 1.000 24.51086  ?  306 ILE A CG1 1 
ATOM   307 C CG2 . ILE A 1 41 ? -3.24520  -0.05548  -15.54558 1.000 26.53627  ?  306 ILE A CG2 1 
ATOM   308 C CD1 . ILE A 1 41 ? -5.18848  -0.97452  -17.73398 1.000 25.85858  ?  306 ILE A CD1 1 
ATOM   309 N N   . LEU A 1 42 ? -5.38010  1.34259   -13.35548 1.000 23.66918  ?  307 LEU A N   1 
ATOM   310 C CA  . LEU A 1 42 ? -5.16110  1.88079   -12.02618 1.000 25.33108  ?  307 LEU A CA  1 
ATOM   311 C C   . LEU A 1 42 ? -4.12155  1.01585   -11.32449 1.000 23.68785  ?  307 LEU A C   1 
ATOM   312 O O   . LEU A 1 42 ? -4.28683  -0.20754  -11.22770 1.000 24.73603  ?  307 LEU A O   1 
ATOM   313 C CB  . LEU A 1 42 ? -6.47626  1.83725   -11.25913 1.000 27.01393  ?  307 LEU A CB  1 
ATOM   314 C CG  . LEU A 1 42 ? -6.46854  2.45849   -9.87312  1.000 29.28424  ?  307 LEU A CG  1 
ATOM   315 C CD1 . LEU A 1 42 ? -6.44244  3.97454   -9.96423  1.000 29.60434  ?  307 LEU A CD1 1 
ATOM   316 C CD2 . LEU A 1 42 ? -7.68468  1.95519   -9.11917  1.000 31.20989  ?  307 LEU A CD2 1 
ATOM   317 N N   . HIS A 1 43 ? -3.04835  1.64350   -10.84510 1.000 22.85728  ?  308 HIS A N   1 
ATOM   318 C CA  . HIS A 1 43 ? -1.94497  0.93953   -10.20142 1.000 21.68733  ?  308 HIS A CA  1 
ATOM   319 C C   . HIS A 1 43 ? -2.06400  1.13429   -8.69368  1.000 21.29810  ?  308 HIS A C   1 
ATOM   320 O O   . HIS A 1 43 ? -1.80177  2.22766   -8.17969  1.000 23.23227  ?  308 HIS A O   1 
ATOM   321 C CB  . HIS A 1 43 ? -0.60974  1.47038   -10.71064 1.000 22.59666  ?  308 HIS A CB  1 
ATOM   322 C CG  . HIS A 1 43 ? -0.46812  1.41457   -12.19492 1.000 23.44451  ?  308 HIS A CG  1 
ATOM   323 N ND1 . HIS A 1 43 ? -0.19094  0.24691   -12.87199 1.000 23.20603  ?  308 HIS A ND1 1 
ATOM   324 C CD2 . HIS A 1 43 ? -0.58198  2.37946   -13.13622 1.000 25.76995  ?  308 HIS A CD2 1 
ATOM   325 C CE1 . HIS A 1 43 ? -0.12408  0.49813   -14.16640 1.000 24.60068  ?  308 HIS A CE1 1 
ATOM   326 N NE2 . HIS A 1 43 ? -0.36677  1.78256   -14.35351 1.000 25.98119  ?  308 HIS A NE2 1 
ATOM   327 N N   . ARG A 1 44 ? -2.44712  0.07434   -7.98850  1.000 19.74822  ?  309 ARG A N   1 
ATOM   328 C CA  A ARG A 1 44 ? -2.67380  0.13434   -6.55409  0.611 19.50689  ?  309 ARG A CA  1 
ATOM   329 C CA  B ARG A 1 44 ? -2.67571  0.12198   -6.54905  0.389 19.18031  ?  309 ARG A CA  1 
ATOM   330 C C   . ARG A 1 44 ? -1.43083  -0.35025  -5.82341  1.000 18.93090  ?  309 ARG A C   1 
ATOM   331 O O   . ARG A 1 44 ? -0.93808  -1.44811  -6.08648  1.000 21.60000  ?  309 ARG A O   1 
ATOM   332 C CB  A ARG A 1 44 ? -3.90576  -0.69518  -6.18945  0.611 20.56079  ?  309 ARG A CB  1 
ATOM   333 C CB  B ARG A 1 44 ? -3.83256  -0.79101  -6.15576  0.389 19.28891  ?  309 ARG A CB  1 
ATOM   334 C CG  A ARG A 1 44 ? -5.11568  -0.33779  -7.05993  0.611 22.12127  ?  309 ARG A CG  1 
ATOM   335 C CG  B ARG A 1 44 ? -5.18028  -0.33643  -6.62941  0.389 19.14280  ?  309 ARG A CG  1 
ATOM   336 C CD  A ARG A 1 44 ? -6.32594  -1.25283  -6.86305  0.611 23.77542  ?  309 ARG A CD  1 
ATOM   337 C CD  B ARG A 1 44 ? -6.17049  -1.47096  -6.52874  0.389 21.02785  ?  309 ARG A CD  1 
ATOM   338 N NE  A ARG A 1 44 ? -6.01766  -2.66313  -7.08071  0.611 23.09263  ?  309 ARG A NE  1 
ATOM   339 N NE  B ARG A 1 44 ? -7.53457  -0.98516  -6.67137  0.389 22.03611  ?  309 ARG A NE  1 
ATOM   340 C CZ  A ARG A 1 44 ? -6.90218  -3.64965  -6.97068  0.611 23.18409  ?  309 ARG A CZ  1 
ATOM   341 C CZ  B ARG A 1 44 ? -8.59087  -1.75917  -6.89165  0.389 24.30892  ?  309 ARG A CZ  1 
ATOM   342 N NH1 A ARG A 1 44 ? -8.16487  -3.38352  -6.66732  0.611 26.25439  ?  309 ARG A NH1 1 
ATOM   343 N NH1 B ARG A 1 44 ? -8.44654  -3.07038  -7.00529  0.389 24.85580  ?  309 ARG A NH1 1 
ATOM   344 N NH2 A ARG A 1 44 ? -6.52380  -4.90639  -7.15548  0.611 21.64361  ?  309 ARG A NH2 1 
ATOM   345 N NH2 B ARG A 1 44 ? -9.79469  -1.21673  -7.00403  0.389 25.40281  ?  309 ARG A NH2 1 
ATOM   346 N N   . VAL A 1 45 ? -0.92907  0.46848   -4.90695  1.000 16.75395  ?  310 VAL A N   1 
ATOM   347 C CA  . VAL A 1 45 ? 0.26330   0.13508   -4.14118  1.000 16.38005  ?  310 VAL A CA  1 
ATOM   348 C C   . VAL A 1 45 ? -0.17683  -0.44970  -2.80764  1.000 15.07835  ?  310 VAL A C   1 
ATOM   349 O O   . VAL A 1 45 ? -0.84054  0.22737   -2.01969  1.000 16.33707  ?  310 VAL A O   1 
ATOM   350 C CB  . VAL A 1 45 ? 1.15786   1.36640   -3.95734  1.000 18.73466  ?  310 VAL A CB  1 
ATOM   351 C CG1 . VAL A 1 45 ? 2.41274   0.98918   -3.20101  1.000 20.30073  ?  310 VAL A CG1 1 
ATOM   352 C CG2 . VAL A 1 45 ? 1.48800   1.97098   -5.31515  1.000 19.06840  ?  310 VAL A CG2 1 
ATOM   353 N N   . ARG A 1 46 ? 0.17214   -1.71033  -2.56328  1.000 14.82317  ?  311 ARG A N   1 
ATOM   354 C CA  . ARG A 1 46 ? -0.33459  -2.45157  -1.41833  1.000 14.90939  ?  311 ARG A CA  1 
ATOM   355 C C   . ARG A 1 46 ? 0.80377   -3.11188  -0.66626  1.000 14.90431  ?  311 ARG A C   1 
ATOM   356 O O   . ARG A 1 46 ? 1.92623   -3.23978  -1.16277  1.000 15.63847  ?  311 ARG A O   1 
ATOM   357 C CB  . ARG A 1 46 ? -1.35579  -3.50763  -1.85527  1.000 15.64211  ?  311 ARG A CB  1 
ATOM   358 C CG  . ARG A 1 46 ? -2.61495  -2.88249  -2.41351  1.000 16.59061  ?  311 ARG A CG  1 
ATOM   359 C CD  . ARG A 1 46 ? -3.62411  -3.89260  -2.88423  1.000 17.32227  ?  311 ARG A CD  1 
ATOM   360 N NE  . ARG A 1 46 ? -4.89589  -3.21366  -3.11780  1.000 17.60159  ?  311 ARG A NE  1 
ATOM   361 C CZ  . ARG A 1 46 ? -6.05516  -3.82931  -3.29265  1.000 20.63320  ?  311 ARG A CZ  1 
ATOM   362 N NH1 . ARG A 1 46 ? -6.11361  -5.15219  -3.30915  1.000 23.65403  ?  311 ARG A NH1 1 
ATOM   363 N NH2 . ARG A 1 46 ? -7.15646  -3.11286  -3.46405  1.000 23.10008  ?  311 ARG A NH2 1 
ATOM   364 N N   . LEU A 1 47 ? 0.50198   -3.52976  0.55294   1.000 15.46578  ?  312 LEU A N   1 
ATOM   365 C CA  . LEU A 1 47 ? 1.46980   -4.32817  1.28610   1.000 16.93825  ?  312 LEU A CA  1 
ATOM   366 C C   . LEU A 1 47 ? 0.77457   -5.37744  2.12995   1.000 15.03709  ?  312 LEU A C   1 
ATOM   367 O O   . LEU A 1 47 ? -0.37888  -5.22106  2.53195   1.000 16.10639  ?  312 LEU A O   1 
ATOM   368 C CB  . LEU A 1 47 ? 2.48137   -3.51333  2.06151   1.000 22.93240  ?  312 LEU A CB  1 
ATOM   369 C CG  . LEU A 1 47 ? 1.86189   -2.61503  3.08904   1.000 21.59797  ?  312 LEU A CG  1 
ATOM   370 C CD1 . LEU A 1 47 ? 1.99694   -3.23201  4.46405   1.000 25.92806  ?  312 LEU A CD1 1 
ATOM   371 C CD2 . LEU A 1 47 ? 2.57871   -1.29189  3.03570   1.000 27.58658  ?  312 LEU A CD2 1 
ATOM   372 N N   . GLY A 1 48 ? 1.49185   -6.46958  2.35607   1.000 15.74480  ?  313 GLY A N   1 
ATOM   373 C CA  . GLY A 1 48 ? 0.98469   -7.58570  3.10965   1.000 17.24642  ?  313 GLY A CA  1 
ATOM   374 C C   . GLY A 1 48 ? 1.38504   -8.89220  2.46287   1.000 17.84519  ?  313 GLY A C   1 
ATOM   375 O O   . GLY A 1 48 ? 2.00796   -8.90360  1.40102   1.000 19.59842  ?  313 GLY A O   1 
ATOM   376 N N   . PRO A 1 49 ? 0.99077   -10.02786 3.05839   1.000 17.20930  ?  314 PRO A N   1 
ATOM   377 C CA  . PRO A 1 49 ? 0.08712   -10.12213 4.20991   1.000 16.94793  ?  314 PRO A CA  1 
ATOM   378 C C   . PRO A 1 49 ? 0.76716   -9.80974  5.53256   1.000 16.34514  ?  314 PRO A C   1 
ATOM   379 O O   . PRO A 1 49 ? 1.89035   -10.25332 5.78096   1.000 19.80426  ?  314 PRO A O   1 
ATOM   380 C CB  . PRO A 1 49 ? -0.33863  -11.59052 4.19561   1.000 18.04191  ?  314 PRO A CB  1 
ATOM   381 C CG  . PRO A 1 49 ? 0.79943   -12.30271 3.55168   1.000 19.21007  ?  314 PRO A CG  1 
ATOM   382 C CD  . PRO A 1 49 ? 1.37261   -11.35797 2.54088   1.000 18.40056  ?  314 PRO A CD  1 
ATOM   383 N N   . ILE A 1 50 ? 0.07246   -9.05684  6.37336   1.000 16.19800  ?  315 ILE A N   1 
ATOM   384 C CA  . ILE A 1 50 ? 0.53936   -8.71553  7.70972   1.000 15.94912  ?  315 ILE A CA  1 
ATOM   385 C C   . ILE A 1 50 ? -0.14625  -9.63864  8.70696   1.000 15.78015  ?  315 ILE A C   1 
ATOM   386 O O   . ILE A 1 50 ? -1.34695  -9.90290  8.60282   1.000 17.37090  ?  315 ILE A O   1 
ATOM   387 C CB  . ILE A 1 50 ? 0.24551   -7.23182  8.00323   1.000 17.33950  ?  315 ILE A CB  1 
ATOM   388 C CG1 . ILE A 1 50 ? 1.01791   -6.33582  7.02681   1.000 20.38908  ?  315 ILE A CG1 1 
ATOM   389 C CG2 . ILE A 1 50 ? 0.56157   -6.88236  9.44722   1.000 17.92171  ?  315 ILE A CG2 1 
ATOM   390 C CD1 . ILE A 1 50 ? 0.74589   -4.86991  7.17711   1.000 23.02894  ?  315 ILE A CD1 1 
ATOM   391 N N   . GLY A 1 51 ? 0.62088   -10.15150 9.66998   1.000 16.10981  ?  316 GLY A N   1 
ATOM   392 C CA  . GLY A 1 51 ? 0.13476   -11.24403 10.49569  1.000 17.47321  ?  316 GLY A CA  1 
ATOM   393 C C   . GLY A 1 51 ? -0.76108  -10.88875 11.65812  1.000 17.86731  ?  316 GLY A C   1 
ATOM   394 O O   . GLY A 1 51 ? -1.32928  -11.80344 12.25752  1.000 20.30590  ?  316 GLY A O   1 
ATOM   395 N N   . SER A 1 52 ? -0.91599  -9.61104  11.99328  1.000 16.22140  ?  317 SER A N   1 
ATOM   396 C CA  . SER A 1 52 ? -1.68261  -9.24217  13.17640  1.000 16.68115  ?  317 SER A CA  1 
ATOM   397 C C   . SER A 1 52 ? -2.20871  -7.81934  13.05166  1.000 15.44468  ?  317 SER A C   1 
ATOM   398 O O   . SER A 1 52 ? -1.60718  -6.96827  12.39030  1.000 16.57805  ?  317 SER A O   1 
ATOM   399 C CB  . SER A 1 52 ? -0.83791  -9.38391  14.44968  1.000 18.25706  ?  317 SER A CB  1 
ATOM   400 O OG  . SER A 1 52 ? 0.14809   -8.35676  14.51101  1.000 17.77273  ?  317 SER A OG  1 
ATOM   401 N N   . ALA A 1 53 ? -3.32711  -7.56486  13.73409  1.000 16.69935  ?  318 ALA A N   1 
ATOM   402 C CA  . ALA A 1 53 ? -3.87385  -6.21393  13.78315  1.000 17.72340  ?  318 ALA A CA  1 
ATOM   403 C C   . ALA A 1 53 ? -2.88179  -5.23086  14.39063  1.000 17.11317  ?  318 ALA A C   1 
ATOM   404 O O   . ALA A 1 53 ? -2.75682  -4.09662  13.92152  1.000 16.91503  ?  318 ALA A O   1 
ATOM   405 C CB  . ALA A 1 53 ? -5.19248  -6.20868  14.55976  1.000 20.05999  ?  318 ALA A CB  1 
ATOM   406 N N   . ASP A 1 54 ? -2.16071  -5.63801  15.43719  1.000 17.63387  ?  319 ASP A N   1 
ATOM   407 C CA  . ASP A 1 54 ? -1.20553  -4.72388  16.05561  1.000 18.41572  ?  319 ASP A CA  1 
ATOM   408 C C   . ASP A 1 54 ? -0.09641  -4.34109  15.08465  1.000 16.74902  ?  319 ASP A C   1 
ATOM   409 O O   . ASP A 1 54 ? 0.30690   -3.17355  15.01843  1.000 16.95999  ?  319 ASP A O   1 
ATOM   410 C CB  . ASP A 1 54 ? -0.61989  -5.35253  17.31770  1.000 23.44473  ?  319 ASP A CB  1 
ATOM   411 C CG  . ASP A 1 54 ? -1.47979  -5.13003  18.52724  1.000 30.20037  ?  319 ASP A CG  1 
ATOM   412 O OD1 . ASP A 1 54 ? -2.54499  -4.47968  18.41837  1.000 30.83956  ?  319 ASP A OD1 1 
ATOM   413 O OD2 . ASP A 1 54 ? -1.08422  -5.63422  19.58132  1.000 33.76646  -1 319 ASP A OD2 1 
ATOM   414 N N   . GLU A 1 55 ? 0.37879   -5.29673  14.28486  1.000 15.65560  ?  320 GLU A N   1 
ATOM   415 C CA  . GLU A 1 55 ? 1.38243   -4.94049  13.29531  1.000 14.65843  ?  320 GLU A CA  1 
ATOM   416 C C   . GLU A 1 55 ? 0.79632   -4.01113  12.24131  1.000 14.26212  ?  320 GLU A C   1 
ATOM   417 O O   . GLU A 1 55 ? 1.47751   -3.08774  11.77575  1.000 15.45710  ?  320 GLU A O   1 
ATOM   418 C CB  . GLU A 1 55 ? 2.02228   -6.17650  12.66462  1.000 15.10522  ?  320 GLU A CB  1 
ATOM   419 C CG  . GLU A 1 55 ? 3.12324   -5.75970  11.70366  1.000 16.02594  ?  320 GLU A CG  1 
ATOM   420 C CD  . GLU A 1 55 ? 3.92094   -6.88339  11.09381  1.000 17.60704  ?  320 GLU A CD  1 
ATOM   421 O OE1 . GLU A 1 55 ? 3.82658   -8.03565  11.56260  1.000 18.76295  ?  320 GLU A OE1 1 
ATOM   422 O OE2 . GLU A 1 55 ? 4.64807   -6.59621  10.11882  1.000 18.56246  -1 320 GLU A OE2 1 
ATOM   423 N N   . VAL A 1 56 ? -0.46337  -4.22449  11.85275  1.000 14.18436  ?  321 VAL A N   1 
ATOM   424 C CA  . VAL A 1 56 ? -1.09652  -3.29669  10.91478  1.000 14.20865  ?  321 VAL A CA  1 
ATOM   425 C C   . VAL A 1 56 ? -1.07020  -1.87741  11.46775  1.000 15.21053  ?  321 VAL A C   1 
ATOM   426 O O   . VAL A 1 56 ? -0.69278  -0.92693  10.77220  1.000 15.45211  ?  321 VAL A O   1 
ATOM   427 C CB  . VAL A 1 56 ? -2.53139  -3.73559  10.57111  1.000 15.24396  ?  321 VAL A CB  1 
ATOM   428 C CG1 . VAL A 1 56 ? -3.26106  -2.60866  9.83198   1.000 17.09326  ?  321 VAL A CG1 1 
ATOM   429 C CG2 . VAL A 1 56 ? -2.51388  -5.00035  9.74496   1.000 16.59977  ?  321 VAL A CG2 1 
ATOM   430 N N   . SER A 1 57 ? -1.46580  -1.71046  12.73506  1.000 15.45409  ?  322 SER A N   1 
ATOM   431 C CA  A SER A 1 57 ? -1.51247  -0.37614  13.31550  0.372 16.27507  ?  322 SER A CA  1 
ATOM   432 C CA  B SER A 1 57 ? -1.51482  -0.36902  13.30034  0.248 16.44851  ?  322 SER A CA  1 
ATOM   433 C CA  C SER A 1 57 ? -1.50252  -0.38096  13.34528  0.380 16.52662  ?  322 SER A CA  1 
ATOM   434 C C   . SER A 1 57 ? -0.13655  0.28293   13.30923  1.000 15.96666  ?  322 SER A C   1 
ATOM   435 O O   . SER A 1 57 ? 0.00270   1.45522   12.94402  1.000 16.14149  ?  322 SER A O   1 
ATOM   436 C CB  A SER A 1 57 ? -2.07661  -0.45027  14.73148  0.372 18.33533  ?  322 SER A CB  1 
ATOM   437 C CB  B SER A 1 57 ? -2.13763  -0.39376  14.69819  0.248 18.49025  ?  322 SER A CB  1 
ATOM   438 C CB  C SER A 1 57 ? -1.93972  -0.49952  14.80253  0.380 18.94221  ?  322 SER A CB  1 
ATOM   439 O OG  A SER A 1 57 ? -2.36800  0.84630   15.19695  0.372 18.96504  ?  322 SER A OG  1 
ATOM   440 O OG  B SER A 1 57 ? -1.37531  -1.17933  15.59385  0.248 19.52092  ?  322 SER A OG  1 
ATOM   441 O OG  C SER A 1 57 ? -3.25761  -0.96440  14.89162  0.380 20.20943  ?  322 SER A OG  1 
ATOM   442 N N   . ARG A 1 58 ? 0.89673   -0.46312  13.72026  1.000 15.31264  ?  323 ARG A N   1 
ATOM   443 C CA  . ARG A 1 58 ? 2.23987   0.10221   13.74122  1.000 15.55384  ?  323 ARG A CA  1 
ATOM   444 C C   . ARG A 1 58 ? 2.74378   0.40188   12.33649  1.000 14.49396  ?  323 ARG A C   1 
ATOM   445 O O   . ARG A 1 58 ? 3.49077   1.36766   12.14087  1.000 16.19443  ?  323 ARG A O   1 
ATOM   446 C CB  . ARG A 1 58 ? 3.18918   -0.84035  14.48383  1.000 17.36497  ?  323 ARG A CB  1 
ATOM   447 C CG  . ARG A 1 58 ? 2.99289   -0.78501  15.99231  1.000 21.04659  ?  323 ARG A CG  1 
ATOM   448 C CD  . ARG A 1 58 ? 4.05092   -1.56661  16.73913  1.000 23.35877  ?  323 ARG A CD  1 
ATOM   449 N NE  . ARG A 1 58 ? 3.85174   -2.99972  16.58205  1.000 25.58318  ?  323 ARG A NE  1 
ATOM   450 C CZ  . ARG A 1 58 ? 3.12572   -3.74288  17.40996  1.000 26.17867  ?  323 ARG A CZ  1 
ATOM   451 N NH1 . ARG A 1 58 ? 2.99580   -5.03927  17.19153  1.000 26.49835  ?  323 ARG A NH1 1 
ATOM   452 N NH2 . ARG A 1 58 ? 2.51434   -3.18161  18.44384  1.000 27.48406  ?  323 ARG A NH2 1 
ATOM   453 N N   . THR A 1 59 ? 2.33510   -0.40080  11.35166  1.000 14.57086  ?  324 THR A N   1 
ATOM   454 C CA  . THR A 1 59 ? 2.73692   -0.15603  9.97251   1.000 14.71537  ?  324 THR A CA  1 
ATOM   455 C C   . THR A 1 59 ? 2.06206   1.09856   9.43272   1.000 14.48350  ?  324 THR A C   1 
ATOM   456 O O   . THR A 1 59 ? 2.70530   1.92258   8.77747   1.000 15.55799  ?  324 THR A O   1 
ATOM   457 C CB  . THR A 1 59 ? 2.41383   -1.38091  9.12009   1.000 15.12755  ?  324 THR A CB  1 
ATOM   458 O OG1 . THR A 1 59 ? 3.09465   -2.51463  9.65826   1.000 16.79800  ?  324 THR A OG1 1 
ATOM   459 C CG2 . THR A 1 59 ? 2.87143   -1.16990  7.69779   1.000 16.62062  ?  324 THR A CG2 1 
ATOM   460 N N   . GLN A 1 60 ? 0.77131   1.27858   9.72465   1.000 14.70870  ?  325 GLN A N   1 
ATOM   461 C CA  . GLN A 1 60 ? 0.09451   2.51481   9.36426   1.000 15.88770  ?  325 GLN A CA  1 
ATOM   462 C C   . GLN A 1 60 ? 0.80724   3.71321   9.96922   1.000 16.55466  ?  325 GLN A C   1 
ATOM   463 O O   . GLN A 1 60 ? 1.03088   4.72333   9.29154   1.000 17.04908  ?  325 GLN A O   1 
ATOM   464 C CB  . GLN A 1 60 ? -1.35679  2.45344   9.83927   1.000 16.34221  ?  325 GLN A CB  1 
ATOM   465 C CG  . GLN A 1 60 ? -2.21179  1.47080   9.05579   1.000 17.94165  ?  325 GLN A CG  1 
ATOM   466 C CD  . GLN A 1 60 ? -3.63076  1.38894   9.57834   1.000 18.83826  ?  325 GLN A CD  1 
ATOM   467 O OE1 . GLN A 1 60 ? -3.86025  1.04283   10.73837  1.000 22.63793  ?  325 GLN A OE1 1 
ATOM   468 N NE2 . GLN A 1 60 ? -4.59157  1.73982   8.73219   1.000 22.67383  ?  325 GLN A NE2 1 
ATOM   469 N N   . ASP A 1 61 ? 1.16765   3.62168   11.25505  1.000 16.51848  ?  326 ASP A N   1 
ATOM   470 C CA  . ASP A 1 61 ? 1.89493   4.70548   11.90954  1.000 18.03391  ?  326 ASP A CA  1 
ATOM   471 C C   . ASP A 1 61 ? 3.19745   5.01884   11.18102  1.000 17.34095  ?  326 ASP A C   1 
ATOM   472 O O   . ASP A 1 61 ? 3.50947   6.18639   10.93006  1.000 18.53181  ?  326 ASP A O   1 
ATOM   473 C CB  . ASP A 1 61 ? 2.19980   4.34515   13.36239  1.000 19.50532  ?  326 ASP A CB  1 
ATOM   474 C CG  . ASP A 1 61 ? 0.96321   4.22278   14.23422  1.000 21.98838  ?  326 ASP A CG  1 
ATOM   475 O OD1 . ASP A 1 61 ? -0.14738  4.59877   13.81075  1.000 22.82249  ?  326 ASP A OD1 1 
ATOM   476 O OD2 . ASP A 1 61 ? 1.12615   3.73873   15.38023  1.000 25.13135  -1 326 ASP A OD2 1 
ATOM   477 N N   . SER A 1 62 ? 3.97821   3.98662   10.83453  1.000 17.81141  ?  327 SER A N   1 
ATOM   478 C CA  A SER A 1 62 ? 5.26281   4.21523   10.17710  0.671 19.01327  ?  327 SER A CA  1 
ATOM   479 C CA  B SER A 1 62 ? 5.26332   4.22748   10.18509  0.329 18.54168  ?  327 SER A CA  1 
ATOM   480 C C   . SER A 1 62 ? 5.07814   4.87764   8.81729   1.000 18.21483  ?  327 SER A C   1 
ATOM   481 O O   . SER A 1 62 ? 5.87646   5.73646   8.41990   1.000 18.96395  ?  327 SER A O   1 
ATOM   482 C CB  A SER A 1 62 ? 6.01495   2.89448   10.03327  0.671 21.33059  ?  327 SER A CB  1 
ATOM   483 C CB  B SER A 1 62 ? 6.05580   2.92554   10.06954  0.329 19.83313  ?  327 SER A CB  1 
ATOM   484 O OG  A SER A 1 62 ? 6.35565   2.38666   11.30449  0.671 24.49231  ?  327 SER A OG  1 
ATOM   485 O OG  B SER A 1 62 ? 5.31800   1.94645   9.36879   0.329 21.67432  ?  327 SER A OG  1 
ATOM   486 N N   . ILE A 1 63 ? 4.02578   4.49776   8.09860   1.000 16.40426  ?  328 ILE A N   1 
ATOM   487 C CA  . ILE A 1 63 ? 3.76847   5.10566   6.80047   1.000 17.26172  ?  328 ILE A CA  1 
ATOM   488 C C   . ILE A 1 63 ? 3.40518   6.57710   6.95955   1.000 17.81185  ?  328 ILE A C   1 
ATOM   489 O O   . ILE A 1 63 ? 3.84712   7.43141   6.17680   1.000 19.11804  ?  328 ILE A O   1 
ATOM   490 C CB  . ILE A 1 63 ? 2.68487   4.31232   6.05581   1.000 17.55050  ?  328 ILE A CB  1 
ATOM   491 C CG1 . ILE A 1 63 ? 3.22144   2.92312   5.67697   1.000 17.79413  ?  328 ILE A CG1 1 
ATOM   492 C CG2 . ILE A 1 63 ? 2.19244   5.08531   4.84257   1.000 19.49063  ?  328 ILE A CG2 1 
ATOM   493 C CD1 . ILE A 1 63 ? 2.15223   1.91546   5.34634   1.000 19.56350  ?  328 ILE A CD1 1 
ATOM   494 N N   . ARG A 1 64 ? 2.62213   6.90622   7.98881   1.000 17.61744  ?  329 ARG A N   1 
ATOM   495 C CA  . ARG A 1 64 ? 2.28636   8.30615   8.23109   1.000 19.25242  ?  329 ARG A CA  1 
ATOM   496 C C   . ARG A 1 64 ? 3.51021   9.10921   8.66396   1.000 19.46473  ?  329 ARG A C   1 
ATOM   497 O O   . ARG A 1 64 ? 3.68041   10.25664  8.23984   1.000 20.38777  ?  329 ARG A O   1 
ATOM   498 C CB  . ARG A 1 64 ? 1.16831   8.41696   9.26707   1.000 20.02194  ?  329 ARG A CB  1 
ATOM   499 C CG  . ARG A 1 64 ? -0.15230  7.85440   8.78005   1.000 21.19776  ?  329 ARG A CG  1 
ATOM   500 C CD  . ARG A 1 64 ? -1.30654  8.33187   9.64199   1.000 25.97868  ?  329 ARG A CD  1 
ATOM   501 N NE  . ARG A 1 64 ? -2.58840  8.07395   8.99600   1.000 30.09740  ?  329 ARG A NE  1 
ATOM   502 C CZ  . ARG A 1 64 ? -3.32541  6.98559   9.18928   1.000 33.20770  ?  329 ARG A CZ  1 
ATOM   503 N NH1 . ARG A 1 64 ? -2.92405  6.04602   10.03660  1.000 31.76646  ?  329 ARG A NH1 1 
ATOM   504 N NH2 . ARG A 1 64 ? -4.47848  6.85016   8.54662   1.000 35.71182  ?  329 ARG A NH2 1 
ATOM   505 N N   . VAL A 1 65 ? 4.36993   8.52571   9.50849   1.000 19.35006  ?  330 VAL A N   1 
ATOM   506 C CA  . VAL A 1 65 ? 5.59040   9.21261   9.92778   1.000 20.45065  ?  330 VAL A CA  1 
ATOM   507 C C   . VAL A 1 65 ? 6.43159   9.57621   8.71864   1.000 21.54396  ?  330 VAL A C   1 
ATOM   508 O O   . VAL A 1 65 ? 7.00983   10.67023  8.64682   1.000 22.83817  ?  330 VAL A O   1 
ATOM   509 C CB  . VAL A 1 65 ? 6.38380   8.36125   10.93763  1.000 20.65363  ?  330 VAL A CB  1 
ATOM   510 C CG1 . VAL A 1 65 ? 7.77091   8.94023   11.15841  1.000 22.74759  ?  330 VAL A CG1 1 
ATOM   511 C CG2 . VAL A 1 65 ? 5.64895   8.26766   12.25234  1.000 21.32342  ?  330 VAL A CG2 1 
ATOM   512 N N   . ALA A 1 66 ? 6.50535   8.66637   7.74730   1.000 21.23173  ?  331 ALA A N   1 
ATOM   513 C CA  . ALA A 1 66 ? 7.27558   8.86744   6.52901   1.000 22.90510  ?  331 ALA A CA  1 
ATOM   514 C C   . ALA A 1 66 ? 6.57765   9.77578   5.52744   1.000 24.17636  ?  331 ALA A C   1 
ATOM   515 O O   . ALA A 1 66 ? 7.14951   10.05118  4.46892   1.000 25.49333  ?  331 ALA A O   1 
ATOM   516 C CB  . ALA A 1 66 ? 7.58695   7.51830   5.87706   1.000 22.86708  ?  331 ALA A CB  1 
ATOM   517 N N   . ASN A 1 67 ? 5.36743   10.24441  5.83463   1.000 24.45834  ?  332 ASN A N   1 
ATOM   518 C CA  . ASN A 1 67 ? 4.60738   11.12238  4.94080   1.000 26.59594  ?  332 ASN A CA  1 
ATOM   519 C C   . ASN A 1 67 ? 4.35111   10.46466  3.58693   1.000 25.96899  ?  332 ASN A C   1 
ATOM   520 O O   . ASN A 1 67 ? 4.42805   11.10434  2.53916   1.000 28.14043  ?  332 ASN A O   1 
ATOM   521 C CB  . ASN A 1 67 ? 5.26053   12.50279  4.79592   1.000 29.53535  ?  332 ASN A CB  1 
ATOM   522 C CG  . ASN A 1 67 ? 4.33471   13.52563  4.16521   1.000 32.20465  ?  332 ASN A CG  1 
ATOM   523 O OD1 . ASN A 1 67 ? 3.11610   13.45058  4.31973   1.000 32.03319  ?  332 ASN A OD1 1 
ATOM   524 N ND2 . ASN A 1 67 ? 4.91003   14.49183  3.45397   1.000 35.47699  ?  332 ASN A ND2 1 
ATOM   525 N N   . LEU A 1 68 ? 4.03326   9.17431   3.60631   1.000 24.46580  ?  333 LEU A N   1 
ATOM   526 C CA  . LEU A 1 68 ? 3.86112   8.40866   2.38224   1.000 24.50374  ?  333 LEU A CA  1 
ATOM   527 C C   . LEU A 1 68 ? 2.40431   8.14276   2.03286   1.000 27.19600  ?  333 LEU A C   1 
ATOM   528 O O   . LEU A 1 68 ? 2.13675   7.49341   1.01797   1.000 30.60393  ?  333 LEU A O   1 
ATOM   529 C CB  . LEU A 1 68 ? 4.63998   7.09213   2.45415   1.000 24.87118  ?  333 LEU A CB  1 
ATOM   530 C CG  . LEU A 1 68 ? 6.16078   7.25227   2.42933   1.000 25.09387  ?  333 LEU A CG  1 
ATOM   531 C CD1 . LEU A 1 68 ? 6.84088   5.89752   2.55900   1.000 25.21412  ?  333 LEU A CD1 1 
ATOM   532 C CD2 . LEU A 1 68 ? 6.62555   7.98264   1.17063   1.000 26.74192  ?  333 LEU A CD2 1 
ATOM   533 N N   . GLY A 1 69 ? 1.46301   8.62588   2.82638   1.000 26.60215  ?  334 GLY A N   1 
ATOM   534 C CA  . GLY A 1 69 ? 0.06791   8.49303   2.48198   1.000 27.38804  ?  334 GLY A CA  1 
ATOM   535 C C   . GLY A 1 69 ? -0.76068  8.13348   3.69064   1.000 26.80246  ?  334 GLY A C   1 
ATOM   536 O O   . GLY A 1 69 ? -0.27316  8.09371   4.81947   1.000 27.74488  ?  334 GLY A O   1 
ATOM   537 N N   . GLN A 1 70 ? -2.04453  7.87388   3.43621   1.000 27.74190  ?  335 GLN A N   1 
ATOM   538 C CA  . GLN A 1 70 ? -3.01803  7.52594   4.46591   1.000 27.63793  ?  335 GLN A CA  1 
ATOM   539 C C   . GLN A 1 70 ? -3.43314  6.08165   4.22798   1.000 25.86130  ?  335 GLN A C   1 
ATOM   540 O O   . GLN A 1 70 ? -4.43692  5.81681   3.54987   1.000 27.83459  ?  335 GLN A O   1 
ATOM   541 C CB  . GLN A 1 70 ? -4.22859  8.46148   4.40511   1.000 31.62684  ?  335 GLN A CB  1 
ATOM   542 C CG  . GLN A 1 70 ? -3.91525  9.91649   4.76934   1.000 34.83082  ?  335 GLN A CG  1 
ATOM   543 C CD  . GLN A 1 70 ? -3.31476  10.05991  6.15864   1.000 37.65942  ?  335 GLN A CD  1 
ATOM   544 O OE1 . GLN A 1 70 ? -3.71156  9.36623   7.09594   1.000 38.09493  ?  335 GLN A OE1 1 
ATOM   545 N NE2 . GLN A 1 70 ? -2.35147  10.96608  6.29651   1.000 39.98760  ?  335 GLN A NE2 1 
ATOM   546 N N   . PRO A 1 71 ? -2.68866  5.11559   4.75965   1.000 21.95350  ?  336 PRO A N   1 
ATOM   547 C CA  . PRO A 1 71 ? -2.89156  3.71414   4.37478   1.000 22.52946  ?  336 PRO A CA  1 
ATOM   548 C C   . PRO A 1 71 ? -4.14637  3.13477   4.99469   1.000 21.64223  ?  336 PRO A C   1 
ATOM   549 O O   . PRO A 1 71 ? -4.44055  3.34856   6.17363   1.000 24.45223  ?  336 PRO A O   1 
ATOM   550 C CB  . PRO A 1 71 ? -1.64724  3.01878   4.92609   1.000 25.25957  ?  336 PRO A CB  1 
ATOM   551 C CG  . PRO A 1 71 ? -1.21163  3.86952   6.05206   1.000 26.69828  ?  336 PRO A CG  1 
ATOM   552 C CD  . PRO A 1 71 ? -1.58260  5.28543   5.71337   1.000 24.91748  ?  336 PRO A CD  1 
ATOM   553 N N   . THR A 1 72 ? -4.86218  2.35589   4.19059   1.000 20.41504  ?  337 THR A N   1 
ATOM   554 C CA  A THR A 1 72 ? -6.14347  1.81014   4.59443   0.668 21.43527  ?  337 THR A CA  1 
ATOM   555 C CA  B THR A 1 72 ? -6.17411  1.82320   4.52242   0.332 21.20200  ?  337 THR A CA  1 
ATOM   556 C C   . THR A 1 72 ? -6.16916  0.30911   4.35918   1.000 18.83194  ?  337 THR A C   1 
ATOM   557 O O   . THR A 1 72 ? -5.54530  -0.21282  3.44190   1.000 17.60187  ?  337 THR A O   1 
ATOM   558 C CB  A THR A 1 72 ? -7.32641  2.51165   3.88564   0.668 26.12384  ?  337 THR A CB  1 
ATOM   559 C CB  B THR A 1 72 ? -7.19797  2.41639   3.54876   0.332 24.87695  ?  337 THR A CB  1 
ATOM   560 O OG1 A THR A 1 72 ? -7.37572  2.11953   2.50886   0.668 27.25733  ?  337 THR A OG1 1 
ATOM   561 O OG1 B THR A 1 72 ? -7.05524  3.84280   3.51375   0.332 27.57687  ?  337 THR A OG1 1 
ATOM   562 C CG2 A THR A 1 72 ? -7.19145  4.03117   3.97779   0.668 28.78929  ?  337 THR A CG2 1 
ATOM   563 C CG2 B THR A 1 72 ? -8.60797  2.05645   3.96479   0.332 24.81246  ?  337 THR A CG2 1 
ATOM   564 N N   . LEU A 1 73 ? -6.87356  -0.39077  5.23053   1.000 17.43503  ?  338 LEU A N   1 
ATOM   565 C CA  . LEU A 1 73 ? -7.03367  -1.82692  5.06975   1.000 17.39558  ?  338 LEU A CA  1 
ATOM   566 C C   . LEU A 1 73 ? -7.85368  -2.11492  3.82394   1.000 18.17673  ?  338 LEU A C   1 
ATOM   567 O O   . LEU A 1 73 ? -8.84616  -1.43229  3.54354   1.000 20.12992  ?  338 LEU A O   1 
ATOM   568 C CB  . LEU A 1 73 ? -7.74338  -2.41450  6.28707   1.000 19.07373  ?  338 LEU A CB  1 
ATOM   569 C CG  . LEU A 1 73 ? -6.85382  -2.64888  7.50616   1.000 19.68268  ?  338 LEU A CG  1 
ATOM   570 C CD1 . LEU A 1 73 ? -7.68795  -2.81123  8.75463   1.000 23.60916  ?  338 LEU A CD1 1 
ATOM   571 C CD2 . LEU A 1 73 ? -5.98218  -3.87959  7.29963   1.000 21.23308  ?  338 LEU A CD2 1 
ATOM   572 N N   . VAL A 1 74 ? -7.45224  -3.15209  3.09120   1.000 18.55175  ?  339 VAL A N   1 
ATOM   573 C CA  . VAL A 1 74 ? -8.15442  -3.58528  1.89010   1.000 22.48829  ?  339 VAL A CA  1 
ATOM   574 C C   . VAL A 1 74 ? -8.20974  -5.10315  1.89033   1.000 30.80863  ?  339 VAL A C   1 
ATOM   575 O O   . VAL A 1 74 ? -7.34592  -5.77570  2.45834   1.000 27.63902  ?  339 VAL A O   1 
ATOM   576 C CB  . VAL A 1 74 ? -7.47292  -3.09221  0.58910   1.000 23.19559  ?  339 VAL A CB  1 
ATOM   577 C CG1 . VAL A 1 74 ? -7.59742  -1.57758  0.44706   1.000 24.83987  ?  339 VAL A CG1 1 
ATOM   578 C CG2 . VAL A 1 74 ? -6.00986  -3.59126  0.47510   1.000 22.12313  ?  339 VAL A CG2 1 
ATOM   579 N N   . ARG A 1 75 ? -9.22771  -5.64480  1.24890   1.000 43.34529  ?  340 ARG A N   1 
ATOM   580 C CA  . ARG A 1 75 ? -9.05209  -7.07403  1.09162   1.000 56.65866  ?  340 ARG A CA  1 
ATOM   581 C C   . ARG A 1 75 ? -8.73165  -7.39107  -0.35883  1.000 62.93708  ?  340 ARG A C   1 
ATOM   582 O O   . ARG A 1 75 ? -9.33145  -6.80343  -1.26477  1.000 62.76086  ?  340 ARG A O   1 
ATOM   583 C CB  . ARG A 1 75 ? -10.28322 -7.87183  1.53581   1.000 63.50546  ?  340 ARG A CB  1 
ATOM   584 C CG  . ARG A 1 75 ? -10.28555 -8.19336  3.02654   1.000 69.91211  ?  340 ARG A CG  1 
ATOM   585 C CD  . ARG A 1 75 ? -11.69761 -8.32590  3.54823   1.000 75.44628  ?  340 ARG A CD  1 
ATOM   586 N NE  . ARG A 1 75 ? -12.39102 -7.04314  3.54617   1.000 79.91272  ?  340 ARG A NE  1 
ATOM   587 C CZ  . ARG A 1 75 ? -13.70033 -6.91331  3.37401   1.000 83.20524  ?  340 ARG A CZ  1 
ATOM   588 N NH1 . ARG A 1 75 ? -14.25973 -5.71182  3.38096   1.000 84.34812  ?  340 ARG A NH1 1 
ATOM   589 N NH2 . ARG A 1 75 ? -14.44705 -7.99055  3.18326   1.000 84.33204  ?  340 ARG A NH2 1 
ATOM   590 N N   . PRO A 1 76 ? -7.78217  -8.28485  -0.61326  1.000 69.65370  ?  341 PRO A N   1 
ATOM   591 C CA  . PRO A 1 76 ? -7.39605  -8.55713  -1.99773  1.000 75.57270  ?  341 PRO A CA  1 
ATOM   592 C C   . PRO A 1 76 ? -8.47960  -9.33538  -2.71828  1.000 83.46121  ?  341 PRO A C   1 
ATOM   593 O O   . PRO A 1 76 ? -9.22374  -10.11873 -2.12257  1.000 83.31569  ?  341 PRO A O   1 
ATOM   594 C CB  . PRO A 1 76 ? -6.11805  -9.39527  -1.86440  1.000 73.68981  ?  341 PRO A CB  1 
ATOM   595 C CG  . PRO A 1 76 ? -5.91300  -9.63036  -0.40825  1.000 72.10566  ?  341 PRO A CG  1 
ATOM   596 C CD  . PRO A 1 76 ? -7.12671  -9.19499  0.33636   1.000 70.74222  ?  341 PRO A CD  1 
ATOM   597 N N   . ASP A 1 77 ? -8.57073  -9.09308  -4.01777  1.000 91.45201  ?  342 ASP A N   1 
ATOM   598 C CA  . ASP A 1 77 ? -9.45705  -9.86233  -4.87215  1.000 99.02067  ?  342 ASP A CA  1 
ATOM   599 C C   . ASP A 1 77 ? -8.60982  -10.67701 -5.84061  1.000 102.93037 ?  342 ASP A C   1 
ATOM   600 O O   . ASP A 1 77 ? -7.66644  -10.15587 -6.43781  1.000 104.40924 ?  342 ASP A O   1 
ATOM   601 C CB  . ASP A 1 77 ? -10.41090 -8.93740  -5.62977  1.000 101.68827 ?  342 ASP A CB  1 
ATOM   602 C CG  . ASP A 1 77 ? -9.71906  -7.69685  -6.16379  1.000 103.55571 ?  342 ASP A CG  1 
ATOM   603 O OD1 . ASP A 1 77 ? -8.89922  -7.10602  -5.42858  1.000 104.05953 ?  342 ASP A OD1 1 
ATOM   604 O OD2 . ASP A 1 77 ? -9.99356  -7.31393  -7.32066  1.000 104.26351 -1 342 ASP A OD2 1 
ATOM   605 O OXT . ASP A 1 77 ? -8.83684  -11.87074 -6.03918  1.000 104.29372 -1 342 ASP A OXT 1 
HETATM 606 C C1  . AMV B 2 .  ? -12.28827 3.78708   -1.61284  1.000 55.13524  ?  1   AMV B C1  1 
HETATM 607 C C2  . AMV B 2 .  ? -11.89621 3.72085   -3.11284  1.000 57.07700  ?  1   AMV B C2  1 
HETATM 608 C C3  . AMV B 2 .  ? -10.37812 3.91822   -3.30750  1.000 45.17395  ?  1   AMV B C3  1 
HETATM 609 C C4  . AMV B 2 .  ? -9.88290  5.15824   -2.53870  1.000 51.53321  ?  1   AMV B C4  1 
HETATM 610 C C5  . AMV B 2 .  ? -10.34891 5.07931   -1.06997  1.000 52.44052  ?  1   AMV B C5  1 
HETATM 611 C C6  . AMV B 2 .  ? -9.94381  6.32508   -0.26164  1.000 57.79445  ?  1   AMV B C6  1 
HETATM 612 C C7  . AMV B 2 .  ? -13.38112 2.39106   -4.62583  1.000 60.24285  ?  1   AMV B C7  1 
HETATM 613 C C8  . AMV B 2 .  ? -13.64812 1.00104   -5.14044  1.000 67.09065  ?  1   AMV B C8  1 
HETATM 614 C C9  . AMV B 2 .  ? -8.97701  3.48546   -5.27303  1.000 72.51097  ?  1   AMV B C9  1 
HETATM 615 C C10 . AMV B 2 .  ? -9.21701  1.95066   -5.40676  1.000 57.07988  ?  1   AMV B C10 1 
HETATM 616 C C11 . AMV B 2 .  ? -8.70000  4.13583   -6.62212  1.000 47.48169  ?  1   AMV B C11 1 
HETATM 617 O O1  . AMV B 2 .  ? -13.68228 3.83002   -1.54156  1.000 63.37937  ?  1   AMV B O1  1 
HETATM 618 O O3  . AMV B 2 .  ? -10.13586 4.13873   -4.71598  1.000 48.83998  ?  1   AMV B O3  1 
HETATM 619 O O4  . AMV B 2 .  ? -8.44906  5.22830   -2.65370  1.000 37.46386  ?  1   AMV B O4  1 
HETATM 620 O O5  . AMV B 2 .  ? -11.77506 4.96954   -0.99918  1.000 64.39670  ?  1   AMV B O5  1 
HETATM 621 O O6  . AMV B 2 .  ? -8.56853  6.27339   0.11576   1.000 101.96403 ?  1   AMV B O6  1 
HETATM 622 O O7  . AMV B 2 .  ? -14.04697 3.36240   -4.97717  1.000 99.21569  ?  1   AMV B O7  1 
HETATM 623 O O11 . AMV B 2 .  ? -10.41506 1.57820   -5.57364  1.000 85.96687  ?  1   AMV B O11 1 
HETATM 624 N N2  . AMV B 2 .  ? -12.33532 2.45880   -3.73836  1.000 66.85506  ?  1   AMV B N2  1 
HETATM 625 C C12 . AMV B 2 .  ? -14.16236 3.70107   -0.20628  1.000 65.67262  ?  1   AMV B C12 1 
HETATM 626 O OXT . AMV B 2 .  ? -8.21297  1.18128   -5.33705  1.000 78.46333  ?  1   AMV B OXT 1 
HETATM 627 C C1  . NAG B 2 .  ? -7.71830  6.29275   -3.12328  1.000 35.69300  ?  2   NAG B C1  1 
HETATM 628 C C2  . NAG B 2 .  ? -6.19913  6.29432   -2.99769  1.000 34.30706  ?  2   NAG B C2  1 
HETATM 629 C C3  . NAG B 2 .  ? -5.57864  7.57937   -3.55963  1.000 34.81259  ?  2   NAG B C3  1 
HETATM 630 C C4  . NAG B 2 .  ? -6.17062  7.93806   -4.93383  1.000 36.76840  ?  2   NAG B C4  1 
HETATM 631 C C5  . NAG B 2 .  ? -7.70198  7.85295   -4.90018  1.000 43.46466  ?  2   NAG B C5  1 
HETATM 632 C C6  . NAG B 2 .  ? -8.30975  8.11418   -6.28719  1.000 44.91576  ?  2   NAG B C6  1 
HETATM 633 C C7  . NAG B 2 .  ? -5.35140  4.89607   -1.15990  1.000 35.40604  ?  2   NAG B C7  1 
HETATM 634 C C8  . NAG B 2 .  ? -4.96653  4.86059   0.29250   1.000 26.88835  ?  2   NAG B C8  1 
HETATM 635 N N2  . NAG B 2 .  ? -5.78450  6.10878   -1.60194  1.000 31.34783  ?  2   NAG B N2  1 
HETATM 636 O O3  . NAG B 2 .  ? -4.15221  7.40542   -3.66184  1.000 31.36599  ?  2   NAG B O3  1 
HETATM 637 O O4  . NAG B 2 .  ? -5.77013  9.26871   -5.26550  1.000 40.58385  ?  2   NAG B O4  1 
HETATM 638 O O5  . NAG B 2 .  ? -8.11986  6.54922   -4.46341  1.000 50.54389  ?  2   NAG B O5  1 
HETATM 639 O O6  . NAG B 2 .  ? -9.72872  7.91642   -6.23736  1.000 53.23101  ?  2   NAG B O6  1 
HETATM 640 O O7  . NAG B 2 .  ? -5.28290  3.92221   -1.90239  1.000 29.07799  ?  2   NAG B O7  1 
HETATM 641 C C1  . AMU B 2 .  ? -4.60366  9.40039   -5.97587  1.000 33.20533  ?  3   AMU B C1  1 
HETATM 642 C C2  . AMU B 2 .  ? -4.46890  10.02519  -7.38410  1.000 34.56876  ?  3   AMU B C2  1 
HETATM 643 C C3  . AMU B 2 .  ? -3.00558  10.45575  -7.61400  1.000 41.14484  ?  3   AMU B C3  1 
HETATM 644 C C4  . AMU B 2 .  ? -2.52545  11.33719  -6.44017  1.000 38.28921  ?  3   AMU B C4  1 
HETATM 645 C C5  . AMU B 2 .  ? -2.74933  10.59953  -5.10470  1.000 29.24630  ?  3   AMU B C5  1 
HETATM 646 C C6  . AMU B 2 .  ? -2.32020  11.45203  -3.89890  1.000 52.15561  ?  3   AMU B C6  1 
HETATM 647 C C7  . AMU B 2 .  ? -6.12962  9.10635   -9.02323  1.000 66.85550  ?  3   AMU B C7  1 
HETATM 648 C C8  . AMU B 2 .  ? -6.32264  8.02001   -10.04736 1.000 83.44837  ?  3   AMU B C8  1 
HETATM 649 C C9  . AMU B 2 .  ? -1.76344  10.92377  -9.67536  1.000 53.37653  ?  3   AMU B C9  1 
HETATM 650 C C10 . AMU B 2 .  ? -1.90482  9.58331   -10.46865 1.000 37.10554  ?  3   AMU B C10 1 
HETATM 651 C C11 . AMU B 2 .  ? -1.60296  12.12151  -10.60320 1.000 52.80917  ?  3   AMU B C11 1 
HETATM 652 O O3  . AMU B 2 .  ? -2.93405  11.20056  -8.85618  1.000 37.85553  ?  3   AMU B O3  1 
HETATM 653 O O4  . AMU B 2 .  ? -1.13955  11.66647  -6.59999  1.000 36.97417  ?  3   AMU B O4  1 
HETATM 654 O O5  . AMU B 2 .  ? -4.13601  10.25857  -4.94569  1.000 35.35460  ?  3   AMU B O5  1 
HETATM 655 O O6  . AMU B 2 .  ? -2.09611  10.60556  -2.76425  1.000 89.20397  ?  3   AMU B O6  1 
HETATM 656 O O7  . AMU B 2 .  ? -7.00494  9.93140   -8.77297  1.000 45.34137  ?  3   AMU B O7  1 
HETATM 657 O O10 . AMU B 2 .  ? -3.05841  9.08781   -10.62056 1.000 38.89522  ?  3   AMU B O10 1 
HETATM 658 O O11 . AMU B 2 .  ? -0.81971  9.09602   -10.90814 1.000 43.41436  ?  3   AMU B O11 1 
HETATM 659 N N2  . AMU B 2 .  ? -4.90107  9.07514   -8.41717  1.000 40.77589  ?  3   AMU B N2  1 
HETATM 660 C C1  . NAG B 2 .  ? -0.67892  12.95783  -6.69833  1.000 55.38148  ?  4   NAG B C1  1 
HETATM 661 C C2  . NAG B 2 .  ? 0.84023   12.82992  -6.76524  1.000 47.81080  ?  4   NAG B C2  1 
HETATM 662 C C3  . NAG B 2 .  ? 1.48383   14.23225  -6.80691  1.000 76.64709  ?  4   NAG B C3  1 
HETATM 663 C C4  . NAG B 2 .  ? 0.84824   15.09215  -7.91441  1.000 62.65533  ?  4   NAG B C4  1 
HETATM 664 C C5  . NAG B 2 .  ? -0.67734  15.10370  -7.73958  1.000 50.56582  ?  4   NAG B C5  1 
HETATM 665 C C6  . NAG B 2 .  ? -1.36722  15.85937  -8.88125  1.000 42.61292  ?  4   NAG B C6  1 
HETATM 666 C C7  . NAG B 2 .  ? 2.18523   10.94416  -5.82870  1.000 61.40788  ?  4   NAG B C7  1 
HETATM 667 C C8  . NAG B 2 .  ? 2.58316   10.26028  -4.54641  1.000 57.43405  ?  4   NAG B C8  1 
HETATM 668 N N2  . NAG B 2 .  ? 1.35332   12.02004  -5.64377  1.000 53.87344  ?  4   NAG B N2  1 
HETATM 669 O O3  . NAG B 2 .  ? 2.90143   14.12733  -7.04899  1.000 63.28941  ?  4   NAG B O3  1 
HETATM 670 O O4  . NAG B 2 .  ? 1.37755   16.42449  -7.87012  1.000 81.55821  ?  4   NAG B O4  1 
HETATM 671 O O5  . NAG B 2 .  ? -1.18685  13.75749  -7.75987  1.000 63.78952  ?  4   NAG B O5  1 
HETATM 672 O O6  . NAG B 2 .  ? -2.75346  15.49219  -8.90934  1.000 54.54655  ?  4   NAG B O6  1 
HETATM 673 O O7  . NAG B 2 .  ? 2.57896   10.56601  -6.93051  1.000 88.91524  ?  4   NAG B O7  1 
HETATM 674 O O   . HOH C 3 .  ? -4.69454  1.41433   15.64947  1.000 49.56489  ?  501 HOH A O   1 
HETATM 675 O O   . HOH C 3 .  ? -3.35768  -2.27245  17.69739  1.000 30.85885  ?  502 HOH A O   1 
HETATM 676 O O   . HOH C 3 .  ? 8.52938   -3.01595  -9.18415  1.000 50.08800  ?  503 HOH A O   1 
HETATM 677 O O   . HOH C 3 .  ? -9.17727  3.95361   -12.67299 1.000 38.08764  ?  504 HOH A O   1 
HETATM 678 O O   . HOH C 3 .  ? -2.05454  4.80569   15.54357  1.000 51.34848  ?  505 HOH A O   1 
HETATM 679 O O   . HOH C 3 .  ? 10.13687  -2.30846  -3.47233  1.000 42.22529  ?  506 HOH A O   1 
HETATM 680 O O   . HOH C 3 .  ? 4.47611   -10.53515 5.67028   1.000 18.56844  ?  507 HOH A O   1 
HETATM 681 O O   . HOH C 3 .  ? -2.94338  -13.63189 2.23873   1.000 38.97807  ?  508 HOH A O   1 
HETATM 682 O O   . HOH C 3 .  ? -1.39440  6.38393   12.17192  1.000 31.21004  ?  509 HOH A O   1 
HETATM 683 O O   . HOH C 3 .  ? -6.95470  -6.89410  4.82996   1.000 23.92240  ?  510 HOH A O   1 
HETATM 684 O O   . HOH C 3 .  ? -0.04386  1.61509   16.47824  1.000 36.65991  ?  511 HOH A O   1 
HETATM 685 O O   . HOH C 3 .  ? -7.40283  -9.60492  4.57233   1.000 36.46808  ?  512 HOH A O   1 
HETATM 686 O O   . HOH C 3 .  ? 1.72409   11.76695  7.16814   1.000 29.43304  ?  513 HOH A O   1 
HETATM 687 O O   . HOH C 3 .  ? 9.37232   -4.51570  2.62504   1.000 23.12764  ?  514 HOH A O   1 
HETATM 688 O O   . HOH C 3 .  ? 4.94106   8.28888   -5.90397  1.000 33.41423  ?  515 HOH A O   1 
HETATM 689 O O   . HOH C 3 .  ? -11.09381 -4.20400  -0.08535  1.000 49.14184  ?  516 HOH A O   1 
HETATM 690 O O   . HOH C 3 .  ? 9.62165   9.70942   3.38661   1.000 46.79944  ?  517 HOH A O   1 
HETATM 691 O O   . HOH C 3 .  ? 2.57640   -10.46002 -0.78425  1.000 27.11346  ?  518 HOH A O   1 
HETATM 692 O O   . HOH C 3 .  ? 9.34593   -0.00758  -7.28746  1.000 33.56262  ?  519 HOH A O   1 
HETATM 693 O O   . HOH C 3 .  ? 8.65990   12.23041  7.09405   1.000 43.67094  ?  520 HOH A O   1 
HETATM 694 O O   . HOH C 3 .  ? -5.11471  -7.17954  -13.52845 1.000 26.57938  ?  521 HOH A O   1 
HETATM 695 O O   . HOH C 3 .  ? -3.19702  4.59381   -16.33578 1.000 37.48353  ?  522 HOH A O   1 
HETATM 696 O O   . HOH C 3 .  ? 3.51253   -9.75126  9.40802   0.463 15.77222  ?  523 HOH A O   1 
HETATM 697 O O   . HOH C 3 .  ? 11.59855  5.42453   2.40179   1.000 36.01291  ?  524 HOH A O   1 
HETATM 698 O O   . HOH C 3 .  ? -10.74075 -5.20544  4.82461   1.000 50.89722  ?  525 HOH A O   1 
HETATM 699 O O   . HOH C 3 .  ? 3.60242   2.87076   16.31263  1.000 31.24889  ?  526 HOH A O   1 
HETATM 700 O O   . HOH C 3 .  ? 1.89641   -6.10537  19.52471  1.000 34.27922  ?  527 HOH A O   1 
HETATM 701 O O   . HOH C 3 .  ? -14.67175 0.16562   -13.94516 1.000 37.50048  ?  528 HOH A O   1 
HETATM 702 O O   . HOH C 3 .  ? 12.67705  -3.73536  3.78770   1.000 50.88776  ?  529 HOH A O   1 
HETATM 703 O O   . HOH C 3 .  ? 8.53147   5.71064   9.33314   1.000 25.45279  ?  530 HOH A O   1 
HETATM 704 O O   . HOH C 3 .  ? -5.13451  10.30275  -12.09574 1.000 48.77056  ?  531 HOH A O   1 
HETATM 705 O O   . HOH C 3 .  ? 10.25233  -4.55242  0.19424   1.000 32.08097  ?  532 HOH A O   1 
HETATM 706 O O   . HOH C 3 .  ? 4.78448   -5.24929  -7.56832  1.000 26.82683  ?  533 HOH A O   1 
HETATM 707 O O   . HOH C 3 .  ? 6.50983   -6.83163  -5.45870  1.000 44.87776  ?  534 HOH A O   1 
HETATM 708 O O   . HOH C 3 .  ? -0.54665  2.81118   -17.00133 1.000 35.06167  ?  535 HOH A O   1 
HETATM 709 O O   . HOH C 3 .  ? -11.01558 -0.05327  4.77198   1.000 25.14759  ?  536 HOH A O   1 
HETATM 710 O O   . HOH C 3 .  ? -2.08547  7.97349   -1.54561  1.000 57.62838  ?  537 HOH A O   1 
HETATM 711 O O   . HOH C 3 .  ? 5.26255   2.32372   14.16507  1.000 24.23941  ?  538 HOH A O   1 
HETATM 712 O O   . HOH C 3 .  ? -4.21661  -7.21753  -3.85603  1.000 38.34829  ?  539 HOH A O   1 
HETATM 713 O O   . HOH C 3 .  ? 6.68522   -0.55496  9.69666   1.000 27.97545  ?  540 HOH A O   1 
HETATM 714 O O   . HOH C 3 .  ? -8.64415  -5.57266  -14.49417 1.000 27.08210  ?  541 HOH A O   1 
HETATM 715 O O   . HOH C 3 .  ? 0.58320   7.85261   -1.38430  1.000 53.74261  ?  542 HOH A O   1 
HETATM 716 O O   . HOH C 3 .  ? -4.57649  -9.84432  14.99149  1.000 30.18276  ?  543 HOH A O   1 
HETATM 717 O O   . HOH C 3 .  ? -3.67566  -7.51656  -9.91325  1.000 38.26100  ?  544 HOH A O   1 
HETATM 718 O O   . HOH C 3 .  ? 6.24540   -8.09811  -3.40071  1.000 56.00060  ?  545 HOH A O   1 
HETATM 719 O O   . HOH C 3 .  ? -3.01828  -7.84523  17.13808  1.000 29.24946  ?  546 HOH A O   1 
HETATM 720 O O   . HOH C 3 .  ? 5.91574   8.67649   -3.40854  1.000 42.86167  ?  547 HOH A O   1 
HETATM 721 O O   . HOH C 3 .  ? -3.18045  -12.25767 14.48666  1.000 37.04327  ?  548 HOH A O   1 
HETATM 722 O O   . HOH C 3 .  ? -4.97411  3.76904   -18.78371 1.000 36.92939  ?  549 HOH A O   1 
HETATM 723 O O   . HOH C 3 .  ? -6.89804  7.18107   2.70608   1.000 47.82530  ?  550 HOH A O   1 
HETATM 724 O O   . HOH C 3 .  ? -13.54665 -0.14191  -17.26265 1.000 29.94505  ?  551 HOH A O   1 
HETATM 725 O O   . HOH C 3 .  ? 13.29790  0.30559   -2.58212  1.000 59.51453  ?  552 HOH A O   1 
HETATM 726 O O   . HOH C 3 .  ? -7.32998  2.71011   9.31241   1.000 45.09816  ?  553 HOH A O   1 
HETATM 727 O O   . HOH C 3 .  ? -5.88331  8.40756   0.26547   1.000 36.28107  ?  554 HOH A O   1 
HETATM 728 O O   . HOH C 3 .  ? -3.05883  8.85684   0.80018   1.000 39.17391  ?  555 HOH A O   1 
HETATM 729 O O   . HOH C 3 .  ? -11.06147 5.53392   -11.18964 1.000 46.37301  ?  556 HOH A O   1 
HETATM 730 O O   . HOH C 3 .  ? -2.79159  3.29307   13.29644  1.000 40.64175  ?  557 HOH A O   1 
HETATM 731 O O   . HOH C 3 .  ? 1.30268   11.08299  4.58463   1.000 37.60620  ?  558 HOH A O   1 
HETATM 732 O O   . HOH C 3 .  ? 8.51271   -6.31643  -1.10696  1.000 28.34429  ?  559 HOH A O   1 
HETATM 733 O O   . HOH C 3 .  ? -9.43867  -0.78321  -3.33687  1.000 55.16230  ?  560 HOH A O   1 
HETATM 734 O O   . HOH C 3 .  ? -0.61616  -14.59778 11.18971  1.000 48.63615  ?  561 HOH A O   1 
HETATM 735 O O   . HOH C 3 .  ? 5.88080   -3.93141  -9.63355  1.000 41.64050  ?  562 HOH A O   1 
HETATM 736 O O   . HOH C 3 .  ? 9.88846   2.87875   9.56682   1.000 38.69502  ?  563 HOH A O   1 
HETATM 737 O O   . HOH C 3 .  ? -1.06174  12.33716  3.77077   1.000 48.08733  ?  564 HOH A O   1 
HETATM 738 O O   . HOH C 3 .  ? -0.27144  -0.19558  18.54181  1.000 59.29303  ?  565 HOH A O   1 
HETATM 739 O O   . HOH C 3 .  ? 12.27472  2.78033   8.93288   1.000 53.82178  ?  566 HOH A O   1 
HETATM 740 O O   . HOH C 3 .  ? 6.02985   4.90077   13.65537  1.000 30.36639  ?  567 HOH A O   1 
HETATM 741 O O   . HOH C 3 .  ? 8.40487   5.16143   12.25561  1.000 38.52390  ?  568 HOH A O   1 
HETATM 742 O O   . HOH C 3 .  ? 11.86055  -1.45417  7.99830   1.000 46.77067  ?  569 HOH A O   1 
HETATM 743 O O   . HOH C 3 .  ? -9.21788  0.98963   -1.10773  1.000 52.73246  ?  570 HOH A O   1 
HETATM 744 O O   . HOH C 3 .  ? 13.00517  -4.21440  6.09184   1.000 35.20378  ?  571 HOH A O   1 
HETATM 745 O O   . HOH C 3 .  ? 11.01003  -1.19151  -5.82001  1.000 50.60238  ?  572 HOH A O   1 
HETATM 746 O O   . HOH C 3 .  ? 10.39177  7.60590   8.37380   1.000 36.10158  ?  573 HOH A O   1 
HETATM 747 O O   . HOH C 3 .  ? -2.34052  11.56190  1.29925   1.000 45.26087  ?  574 HOH A O   1 
HETATM 748 O O   . HOH C 3 .  ? 1.87810   6.19544   18.82488  1.000 49.76106  ?  575 HOH A O   1 
HETATM 749 O O   . HOH C 3 .  ? -4.24793  5.79072   14.65361  1.000 53.10069  ?  576 HOH A O   1 
HETATM 750 O O   . HOH C 3 .  ? -5.72163  -11.61239 12.09291  1.000 56.49803  ?  577 HOH A O   1 
HETATM 751 O O   . HOH C 3 .  ? 4.10775   -12.60572 0.20686   1.000 51.49408  ?  578 HOH A O   1 
HETATM 752 O O   . HOH C 3 .  ? -18.04179 4.35984   -2.19458  1.000 58.43094  ?  579 HOH A O   1 
HETATM 753 O O   . HOH C 3 .  ? 3.65240   1.77021   18.71427  1.000 52.69656  ?  580 HOH A O   1 
HETATM 754 O O   . HOH C 3 .  ? 10.59521  8.00257   1.93972   1.000 49.36827  ?  581 HOH A O   1 
HETATM 755 O O   . HOH C 3 .  ? -1.88278  -12.59266 16.93076  1.000 49.15857  ?  582 HOH A O   1 
HETATM 756 O O   . HOH C 3 .  ? 3.54529   20.11651  -5.50110  1.000 62.02748  ?  583 HOH A O   1 
HETATM 757 O O   . HOH C 3 .  ? 6.09530   6.39488   15.98562  0.50  46.69441  ?  584 HOH A O   1 
# 
loop_
_atom_site_anisotrop.id 
_atom_site_anisotrop.type_symbol 
_atom_site_anisotrop.pdbx_label_atom_id 
_atom_site_anisotrop.pdbx_label_alt_id 
_atom_site_anisotrop.pdbx_label_comp_id 
_atom_site_anisotrop.pdbx_label_asym_id 
_atom_site_anisotrop.pdbx_label_seq_id 
_atom_site_anisotrop.pdbx_PDB_ins_code 
_atom_site_anisotrop.U[1][1] 
_atom_site_anisotrop.U[2][2] 
_atom_site_anisotrop.U[3][3] 
_atom_site_anisotrop.U[1][2] 
_atom_site_anisotrop.U[1][3] 
_atom_site_anisotrop.U[2][3] 
_atom_site_anisotrop.pdbx_auth_seq_id 
_atom_site_anisotrop.pdbx_auth_comp_id 
_atom_site_anisotrop.pdbx_auth_asym_id 
_atom_site_anisotrop.pdbx_auth_atom_id 
1   N N   . GLY A 1  ? 0.35576 0.29629 0.53219 -0.03603 -0.02917 -0.02756 266 GLY A N   
2   C CA  . GLY A 1  ? 0.30394 0.26018 0.46019 -0.02677 0.00018  -0.03153 266 GLY A CA  
3   C C   . GLY A 1  ? 0.28075 0.28491 0.38996 -0.04187 0.01468  -0.01321 266 GLY A C   
4   O O   . GLY A 1  ? 0.28518 0.30855 0.37470 -0.07130 -0.00537 -0.02893 266 GLY A O   
5   N N   . LEU A 2  ? 0.24338 0.22659 0.30874 -0.00935 0.03150  -0.01659 267 LEU A N   
6   C CA  . LEU A 2  ? 0.19100 0.23771 0.23506 -0.01494 0.02829  -0.01651 267 LEU A CA  
7   C C   . LEU A 2  ? 0.16811 0.20468 0.20756 -0.01086 0.01074  -0.02440 267 LEU A C   
8   O O   . LEU A 2  ? 0.18675 0.21480 0.22582 -0.00536 0.01789  -0.01103 267 LEU A O   
9   C CB  . LEU A 2  ? 0.23327 0.29254 0.20425 -0.05151 0.02837  -0.00702 267 LEU A CB  
10  C CG  . LEU A 2  ? 0.21358 0.33102 0.21769 -0.05450 0.02058  -0.00137 267 LEU A CG  
11  C CD1 . LEU A 2  ? 0.25675 0.33445 0.23741 -0.05035 0.00228  -0.01134 267 LEU A CD1 
12  C CD2 . LEU A 2  ? 0.20885 0.37170 0.25533 -0.06545 0.01186  0.01124  267 LEU A CD2 
13  N N   . TYR A 3  ? 0.18200 0.21800 0.22144 -0.02572 0.01106  -0.01352 268 TYR A N   
14  C CA  . TYR A 3  ? 0.19893 0.20782 0.18570 -0.01618 0.00312  -0.03506 268 TYR A CA  
15  C C   . TYR A 3  ? 0.18239 0.20563 0.19458 0.00889  -0.00021 -0.03849 268 TYR A C   
16  O O   . TYR A 3  ? 0.17678 0.24145 0.22235 -0.00172 -0.00143 -0.01899 268 TYR A O   
17  C CB  . TYR A 3  ? 0.25594 0.21917 0.20635 -0.02481 -0.01803 -0.02477 268 TYR A CB  
18  C CG  . TYR A 3  ? 0.27313 0.21374 0.20584 -0.02889 -0.00820 -0.03736 268 TYR A CG  
19  C CD1 . TYR A 3  ? 0.29964 0.22265 0.23019 -0.03673 -0.02114 -0.04351 268 TYR A CD1 
20  C CD2 . TYR A 3  ? 0.30438 0.22403 0.21432 -0.03190 -0.02370 -0.05694 268 TYR A CD2 
21  C CE1 . TYR A 3  ? 0.30704 0.22029 0.24976 -0.03236 -0.01209 -0.05042 268 TYR A CE1 
22  C CE2 . TYR A 3  ? 0.29965 0.22892 0.24494 -0.02690 -0.02850 -0.06631 268 TYR A CE2 
23  C CZ  . TYR A 3  ? 0.33298 0.21812 0.25356 -0.01856 -0.02761 -0.07826 268 TYR A CZ  
24  O OH  . TYR A 3  ? 0.33639 0.24056 0.32367 0.00911  -0.02976 -0.07504 268 TYR A OH  
25  N N   . LEU A 4  ? 0.19099 0.19184 0.17499 -0.00267 -0.00106 -0.02492 269 LEU A N   
26  C CA  . LEU A 4  ? 0.19264 0.20464 0.15420 0.01182  -0.00770 -0.02272 269 LEU A CA  
27  C C   . LEU A 4  ? 0.20694 0.21739 0.17257 0.02947  -0.00156 -0.02694 269 LEU A C   
28  O O   . LEU A 4  ? 0.23286 0.22849 0.18489 0.03260  0.01654  -0.02821 269 LEU A O   
29  C CB  . LEU A 4  ? 0.20941 0.21700 0.15560 0.01017  -0.01138 -0.02158 269 LEU A CB  
30  C CG  . LEU A 4  ? 0.17788 0.21241 0.16647 0.01171  -0.00475 -0.03291 269 LEU A CG  
31  C CD1 . LEU A 4  ? 0.16335 0.22126 0.21084 -0.00990 -0.02477 -0.03340 269 LEU A CD1 
32  C CD2 . LEU A 4  ? 0.16318 0.26500 0.17996 0.01398  0.00824  -0.03554 269 LEU A CD2 
33  N N   . GLN A 5  ? 0.20693 0.22564 0.15658 0.03072  -0.00552 -0.02542 270 GLN A N   
34  C CA  . GLN A 5  ? 0.22298 0.24281 0.16194 0.03371  -0.01516 -0.02842 270 GLN A CA  
35  C C   . GLN A 5  ? 0.26199 0.21900 0.17351 0.02643  -0.02205 -0.05846 270 GLN A C   
36  O O   . GLN A 5  ? 0.27108 0.21959 0.18207 0.02316  -0.01001 -0.04666 270 GLN A O   
37  C CB  . GLN A 5  ? 0.21569 0.27796 0.18338 0.06148  -0.03094 -0.03152 270 GLN A CB  
38  C CG  . GLN A 5  ? 0.26112 0.27120 0.17385 0.06588  -0.05351 -0.05121 270 GLN A CG  
39  C CD  . GLN A 5  ? 0.30114 0.25328 0.21279 0.09844  -0.06709 -0.07269 270 GLN A CD  
40  O OE1 . GLN A 5  ? 0.27437 0.29481 0.22732 0.09060  -0.06946 -0.07130 270 GLN A OE1 
41  N NE2 . GLN A 5  ? 0.32212 0.30187 0.26112 0.10316  -0.06519 -0.05480 270 GLN A NE2 
42  N N   . VAL A 6  ? 0.29856 0.23105 0.18107 0.00672  -0.01541 -0.03901 271 VAL A N   
43  C CA  . VAL A 6  ? 0.35060 0.27338 0.18079 -0.02370 -0.00771 -0.03294 271 VAL A CA  
44  C C   . VAL A 6  ? 0.42440 0.26481 0.21368 -0.01586 -0.03019 -0.04653 271 VAL A C   
45  O O   . VAL A 6  ? 0.48447 0.24969 0.24551 -0.01543 -0.02083 -0.07373 271 VAL A O   
46  C CB  . VAL A 6  ? 0.34575 0.31956 0.18647 -0.05455 0.00240  -0.00765 271 VAL A CB  
47  C CG1 . VAL A 6  ? 0.36047 0.31433 0.22877 -0.05151 -0.00016 -0.03375 271 VAL A CG1 
48  C CG2 . VAL A 6  ? 0.32840 0.35527 0.20777 -0.06091 -0.00057 0.01555  271 VAL A CG2 
49  N N   . GLY A 7  ? 0.44874 0.22618 0.19035 0.00865  -0.03983 -0.04007 272 GLY A N   
50  C CA  . GLY A 7  ? 0.47437 0.22557 0.18481 0.03069  -0.05613 -0.03217 272 GLY A CA  
51  C C   . GLY A 7  ? 0.47586 0.21692 0.17749 0.05291  -0.04512 -0.02597 272 GLY A C   
52  O O   . GLY A 7  ? 0.40351 0.21337 0.18880 0.08050  -0.02873 -0.04168 272 GLY A O   
53  N N   . ALA A 8  ? 0.54801 0.22132 0.18911 0.06300  -0.05349 -0.02459 273 ALA A N   
54  C CA  . ALA A 8  ? 0.58971 0.23473 0.19329 0.07994  -0.05856 -0.01359 273 ALA A CA  
55  C C   . ALA A 8  ? 0.63589 0.19739 0.21843 0.11296  -0.06348 -0.02103 273 ALA A C   
56  O O   . ALA A 8  ? 0.66336 0.22227 0.25649 0.12006  -0.04764 -0.00990 273 ALA A O   
57  C CB  . ALA A 8  ? 0.58178 0.25217 0.25949 0.07409  -0.05771 0.00940  273 ALA A CB  
58  N N   . PHE A 9  ? 0.63042 0.22008 0.20771 0.10752  -0.07297 0.00385  274 PHE A N   
59  C CA  . PHE A 9  ? 0.67933 0.23534 0.20037 0.07977  -0.07191 0.00852  274 PHE A CA  
60  C C   . PHE A 9  ? 0.68933 0.24906 0.23035 0.09273  -0.07344 0.00542  274 PHE A C   
61  O O   . PHE A 9  ? 0.66746 0.25800 0.21332 0.09797  -0.05397 -0.02007 274 PHE A O   
62  C CB  . PHE A 9  ? 0.69631 0.24601 0.22836 0.06672  -0.07597 -0.00168 274 PHE A CB  
63  C CG  . PHE A 9  ? 0.69474 0.25204 0.25720 0.06668  -0.10153 -0.01617 274 PHE A CG  
64  C CD1 . PHE A 9  ? 0.71122 0.26869 0.28551 0.04283  -0.11354 -0.02233 274 PHE A CD1 
65  C CD2 . PHE A 9  ? 0.69017 0.26573 0.25394 0.06363  -0.10543 -0.01137 274 PHE A CD2 
66  C CE1 . PHE A 9  ? 0.70796 0.28317 0.28769 0.03797  -0.10934 -0.02341 274 PHE A CE1 
67  C CE2 . PHE A 9  ? 0.69543 0.24973 0.26006 0.06623  -0.10387 -0.03716 274 PHE A CE2 
68  C CZ  . PHE A 9  ? 0.69218 0.26682 0.29782 0.05850  -0.10272 -0.03238 274 PHE A CZ  
69  N N   . ALA A 10 ? 0.72221 0.26891 0.22892 0.08869  -0.08068 0.03095  275 ALA A N   
70  C CA  . ALA A 10 ? 0.74927 0.27979 0.24272 0.07937  -0.06608 0.04768  275 ALA A CA  
71  C C   . ALA A 10 ? 0.77283 0.30639 0.25532 0.04731  -0.05667 0.04563  275 ALA A C   
72  O O   . ALA A 10 ? 0.77913 0.36603 0.25023 0.02925  -0.04827 0.04059  275 ALA A O   
73  C CB  . ALA A 10 ? 0.74810 0.28480 0.28225 0.09229  -0.07054 0.06354  275 ALA A CB  
74  N N   . ASN A 11 ? 0.78450 0.28661 0.28875 0.03210  -0.05475 0.05703  276 ASN A N   
75  C CA  . ASN A 11 ? 0.79106 0.30652 0.29463 0.00138  -0.01834 0.04692  276 ASN A CA  
76  C C   . ASN A 11 ? 0.73881 0.32235 0.25643 -0.03153 0.01898  0.03700  276 ASN A C   
77  O O   . ASN A 11 ? 0.74762 0.29612 0.23578 -0.04149 0.02690  0.04673  276 ASN A O   
78  C CB  . ASN A 11 ? 0.84618 0.31083 0.36658 0.00339  -0.01081 0.07045  276 ASN A CB  
79  C CG  . ASN A 11 ? 0.89236 0.36018 0.39459 -0.01345 0.00604  0.08469  276 ASN A CG  
80  O OD1 . ASN A 11 ? 0.91389 0.39443 0.41214 -0.03150 0.01799  0.11759  276 ASN A OD1 
81  N ND2 . ASN A 11 ? 0.90736 0.41886 0.43055 -0.01699 -0.00326 0.08176  276 ASN A ND2 
82  N N   . PRO A 12 ? 0.69820 0.36859 0.22479 -0.06898 0.04162  0.03324  277 PRO A N   
83  C CA  . PRO A 12 ? 0.66246 0.37365 0.25357 -0.07829 0.05211  0.01900  277 PRO A CA  
84  C C   . PRO A 12 ? 0.66224 0.36069 0.23895 -0.10279 0.06516  0.01498  277 PRO A C   
85  O O   . PRO A 12 ? 0.64371 0.35572 0.20059 -0.10529 0.08014  -0.00984 277 PRO A O   
86  C CB  . PRO A 12 ? 0.63492 0.39361 0.24484 -0.07095 0.06843  0.00000  277 PRO A CB  
87  C CG  . PRO A 12 ? 0.64920 0.40245 0.22777 -0.07074 0.05560  -0.01414 277 PRO A CG  
88  C CD  . PRO A 12 ? 0.66903 0.39262 0.22141 -0.07122 0.05180  0.00155  277 PRO A CD  
89  N N   . ASP A 13 ? 0.69106 0.37325 0.25164 -0.12199 0.06054  0.02742  278 ASP A N   
90  C CA  . ASP A 13 ? 0.70864 0.37630 0.26904 -0.13414 0.07007  0.02815  278 ASP A CA  
91  C C   . ASP A 13 ? 0.68714 0.33906 0.24453 -0.13444 0.05922  0.02552  278 ASP A C   
92  O O   . ASP A 13 ? 0.69305 0.35335 0.24344 -0.15199 0.04657  0.01703  278 ASP A O   
93  C CB  . ASP A 13 ? 0.76542 0.42141 0.30551 -0.14594 0.08417  0.03544  278 ASP A CB  
94  C CG  . ASP A 13 ? 0.81071 0.45383 0.36635 -0.14848 0.08007  0.04839  278 ASP A CG  
95  O OD1 . ASP A 13 ? 0.80795 0.47242 0.41535 -0.12892 0.07227  0.04065  278 ASP A OD1 
96  O OD2 . ASP A 13 ? 0.83079 0.46112 0.39960 -0.14797 0.07263  0.05245  278 ASP A OD2 
97  N N   . ALA A 14 ? 0.67573 0.27529 0.24476 -0.10892 0.03333  0.01429  279 ALA A N   
98  C CA  . ALA A 14 ? 0.63401 0.26030 0.24918 -0.08684 0.02284  0.01260  279 ALA A CA  
99  C C   . ALA A 14 ? 0.58168 0.24899 0.21508 -0.08302 0.01473  -0.00180 279 ALA A C   
100 O O   . ALA A 14 ? 0.57078 0.25557 0.22438 -0.07512 0.00600  -0.00075 279 ALA A O   
101 C CB  . ALA A 14 ? 0.63547 0.24104 0.30157 -0.06699 0.01245  0.01897  279 ALA A CB  
102 N N   . ALA A 15 ? 0.52348 0.24193 0.20537 -0.07865 0.01864  -0.00551 280 ALA A N   
103 C CA  . ALA A 15 ? 0.46378 0.23631 0.21769 -0.07083 0.02968  0.00069  280 ALA A CA  
104 C C   . ALA A 15 ? 0.41846 0.24014 0.21025 -0.07256 0.04591  -0.00341 280 ALA A C   
105 O O   . ALA A 15 ? 0.37053 0.22467 0.21599 -0.06440 0.04236  0.00363  280 ALA A O   
106 C CB  . ALA A 15 ? 0.48073 0.24067 0.19909 -0.06057 0.01958  -0.02155 280 ALA A CB  
107 N N   . GLU A 16 ? 0.42222 0.27054 0.23249 -0.08916 0.06174  -0.01315 281 GLU A N   
108 C CA  . GLU A 16 ? 0.43277 0.32514 0.23241 -0.10318 0.07759  -0.01621 281 GLU A CA  
109 C C   . GLU A 16 ? 0.39511 0.30652 0.23837 -0.10448 0.08825  0.00015  281 GLU A C   
110 O O   . GLU A 16 ? 0.37793 0.30192 0.25195 -0.09511 0.08573  -0.00009 281 GLU A O   
111 C CB  . GLU A 16 ? 0.48425 0.38228 0.22035 -0.11304 0.08976  -0.03794 281 GLU A CB  
112 C CG  . GLU A 16 ? 0.52439 0.45180 0.24671 -0.11796 0.08448  -0.04127 281 GLU A CG  
113 C CD  . GLU A 16 ? 0.57567 0.50816 0.35011 -0.12076 0.03072  -0.03483 281 GLU A CD  
114 O OE1 . GLU A 16 ? 0.60207 0.53135 0.43480 -0.12772 -0.00824 -0.01807 281 GLU A OE1 
115 O OE2 . GLU A 16 ? 0.59320 0.52057 0.39722 -0.11358 0.01941  -0.03526 281 GLU A OE2 
116 N N   . LEU A 17 ? 0.42542 0.30228 0.21608 -0.11520 0.06968  -0.01079 282 LEU A N   
117 C CA  . LEU A 17 ? 0.43767 0.28970 0.25600 -0.10684 0.03757  0.00824  282 LEU A CA  
118 C C   . LEU A 17 ? 0.42309 0.28667 0.24261 -0.10929 0.03564  0.01222  282 LEU A C   
119 O O   . LEU A 17 ? 0.42192 0.28916 0.25293 -0.12019 0.04926  0.03161  282 LEU A O   
120 C CB  . LEU A 17 ? 0.43112 0.29138 0.27365 -0.08542 0.04863  0.00607  282 LEU A CB  
121 C CG  . LEU A 17 ? 0.45145 0.28555 0.31173 -0.06474 0.04867  0.00270  282 LEU A CG  
122 C CD1 . LEU A 17 ? 0.45420 0.29071 0.31319 -0.06443 0.04536  -0.00787 282 LEU A CD1 
123 C CD2 . LEU A 17 ? 0.45318 0.25595 0.34483 -0.05427 0.05904  0.01683  282 LEU A CD2 
124 N N   . LEU A 18 ? 0.40650 0.27437 0.21216 -0.10456 0.02681  0.01539  283 LEU A N   
125 C CA  . LEU A 18 ? 0.36903 0.27060 0.21068 -0.07836 0.03022  -0.00225 283 LEU A CA  
126 C C   . LEU A 18 ? 0.33527 0.26070 0.21188 -0.07108 0.05054  0.00482  283 LEU A C   
127 O O   . LEU A 18 ? 0.31743 0.26502 0.21504 -0.05724 0.01855  -0.01913 283 LEU A O   
128 C CB  . LEU A 18 ? 0.36931 0.29454 0.18263 -0.06828 0.01071  -0.00351 283 LEU A CB  
129 C CG  . LEU A 18 ? 0.37168 0.31989 0.18063 -0.05273 -0.01609 -0.02124 283 LEU A CG  
130 C CD1 . LEU A 18 ? 0.39754 0.31724 0.19767 -0.04720 -0.01939 -0.04578 283 LEU A CD1 
131 C CD2 . LEU A 18 ? 0.35928 0.33383 0.23278 -0.04999 -0.03552 -0.01148 283 LEU A CD2 
132 N N   . LYS A 19 ? 0.34515 0.22431 0.22877 -0.05383 0.06386  0.00610  284 LYS A N   
133 C CA  . LYS A 19 ? 0.31847 0.23387 0.23860 -0.05273 0.07358  0.00215  284 LYS A CA  
134 C C   . LYS A 19 ? 0.26669 0.27091 0.25026 -0.05438 0.08123  0.01384  284 LYS A C   
135 O O   . LYS A 19 ? 0.25694 0.28739 0.26790 -0.05614 0.05016  0.02739  284 LYS A O   
136 C CB  . LYS A 19 ? 0.35481 0.23085 0.23884 -0.05479 0.06879  -0.00001 284 LYS A CB  
137 C CG  . LYS A 19 ? 0.34848 0.23654 0.26983 -0.03881 0.08071  -0.00474 284 LYS A CG  
138 C CD  . LYS A 19 ? 0.37906 0.25205 0.30231 -0.02882 0.06912  -0.02388 284 LYS A CD  
139 C CE  . LYS A 19 ? 0.41174 0.29484 0.34616 -0.03446 0.03590  -0.04377 284 LYS A CE  
140 N NZ  . LYS A 19 ? 0.43956 0.36384 0.41075 -0.05623 0.01016  -0.02636 284 LYS A NZ  
141 N N   . ALA A 20 ? 0.30801 0.28589 0.29174 -0.07430 0.07835  -0.00132 285 ALA A N   
142 C CA  . ALA A 20 ? 0.31749 0.32059 0.29847 -0.09881 0.07689  0.02128  285 ALA A CA  
143 C C   . ALA A 20 ? 0.32700 0.32939 0.32021 -0.10079 0.04210  0.01584  285 ALA A C   
144 O O   . ALA A 20 ? 0.31837 0.34301 0.35130 -0.08963 0.05252  0.01083  285 ALA A O   
145 C CB  . ALA A 20 ? 0.34934 0.33431 0.30582 -0.11257 0.08437  0.04049  285 ALA A CB  
146 N N   . LYS A 21 ? 0.33620 0.27899 0.28123 -0.10691 0.02740  0.00523  286 LYS A N   
147 C CA  . LYS A 21 ? 0.37941 0.26656 0.29238 -0.09974 0.00207  -0.00069 286 LYS A CA  
148 C C   . LYS A 21 ? 0.33438 0.26550 0.26449 -0.09197 -0.00164 -0.01875 286 LYS A C   
149 O O   . LYS A 21 ? 0.31385 0.30149 0.29669 -0.08532 -0.01312 -0.01295 286 LYS A O   
150 C CB  . LYS A 21 ? 0.45329 0.27240 0.29022 -0.10985 0.01132  0.00355  286 LYS A CB  
151 C CG  . LYS A 21 ? 0.50487 0.28494 0.33497 -0.11146 0.01304  0.01882  286 LYS A CG  
152 C CD  . LYS A 21 ? 0.57076 0.28953 0.38626 -0.09626 0.00326  0.02539  286 LYS A CD  
153 C CE  . LYS A 21 ? 0.62416 0.30233 0.43517 -0.08557 -0.00361 0.04152  286 LYS A CE  
154 N NZ  . LYS A 21 ? 0.66066 0.33435 0.46745 -0.08206 -0.02097 0.03988  286 LYS A NZ  
155 N N   . LEU A 22 ? 0.32424 0.25842 0.24619 -0.10060 0.00770  0.00220  287 LEU A N   
156 C CA  . LEU A 22 ? 0.32259 0.25781 0.23479 -0.06836 0.00811  0.00013  287 LEU A CA  
157 C C   . LEU A 22 ? 0.32691 0.25874 0.25116 -0.03891 0.01942  0.00279  287 LEU A C   
158 O O   . LEU A 22 ? 0.32109 0.29027 0.21984 -0.03658 0.01697  0.01324  287 LEU A O   
159 C CB  . LEU A 22 ? 0.31707 0.25604 0.20880 -0.07772 0.00956  -0.01303 287 LEU A CB  
160 C CG  . LEU A 22 ? 0.31364 0.26099 0.18196 -0.06276 0.01801  -0.04117 287 LEU A CG  
161 C CD1 . LEU A 22 ? 0.29876 0.27750 0.19309 -0.07118 0.00786  -0.04008 287 LEU A CD1 
162 C CD2 . LEU A 22 ? 0.31686 0.26467 0.19807 -0.05020 0.02009  -0.04953 287 LEU A CD2 
163 N N   . SER A 23 ? 0.33353 0.26157 0.30095 -0.01812 0.03041  0.00783  288 SER A N   
164 C CA  . SER A 23 ? 0.34101 0.29563 0.32595 -0.00168 0.04732  -0.00061 288 SER A CA  
165 C C   . SER A 23 ? 0.32715 0.30861 0.36817 -0.00950 0.05156  0.02305  288 SER A C   
166 O O   . SER A 23 ? 0.31538 0.33725 0.39969 -0.00532 0.05593  0.03106  288 SER A O   
167 C CB  . SER A 23 ? 0.36710 0.32452 0.33577 0.00394  0.05248  -0.02281 288 SER A CB  
168 O OG  . SER A 23 ? 0.38649 0.37159 0.41576 -0.00387 0.05596  0.01644  288 SER A OG  
169 N N   . GLY A 24 ? 0.32323 0.32206 0.36237 -0.01521 0.03114  0.01070  289 GLY A N   
170 C CA  . GLY A 24 ? 0.32731 0.35255 0.35278 -0.02587 -0.01201 0.01854  289 GLY A CA  
171 C C   . GLY A 24 ? 0.35770 0.34464 0.37753 -0.01667 -0.05292 -0.00137 289 GLY A C   
172 O O   . GLY A 24 ? 0.38718 0.39179 0.42165 -0.03760 -0.09562 -0.00378 289 GLY A O   
173 N N   . VAL A 25 ? 0.34674 0.30526 0.33526 0.01273  -0.02389 -0.01598 290 VAL A N   
174 C CA  . VAL A 25 ? 0.39191 0.31543 0.33004 0.02952  -0.01080 -0.02238 290 VAL A CA  
175 C C   . VAL A 25 ? 0.38783 0.31309 0.26931 0.04905  0.00713  -0.03277 290 VAL A C   
176 O O   . VAL A 25 ? 0.44470 0.35387 0.27832 0.03815  -0.00520 -0.03278 290 VAL A O   
177 C CB  . VAL A 25 ? 0.44241 0.31594 0.41828 0.03476  -0.01212 0.00137  290 VAL A CB  
178 C CG1 . VAL A 25 ? 0.46503 0.32584 0.45398 0.03093  -0.00788 0.00804  290 VAL A CG1 
179 C CG2 . VAL A 25 ? 0.46465 0.32688 0.46317 0.03409  -0.02941 0.00969  290 VAL A CG2 
180 N N   . THR A 26 ? 0.33242 0.29694 0.26936 0.05262  0.01781  -0.01596 291 THR A N   
181 C CA  . THR A 26 ? 0.28182 0.29643 0.26379 0.04379  0.03104  0.00013  291 THR A CA  
182 C C   . THR A 26 ? 0.23611 0.29144 0.22435 0.02070  0.03756  0.01406  291 THR A C   
183 O O   . THR A 26 ? 0.26048 0.28029 0.22952 0.00894  0.03763  0.01288  291 THR A O   
184 C CB  . THR A 26 ? 0.27949 0.33912 0.26651 0.03498  0.03799  0.02552  291 THR A CB  
185 O OG1 . THR A 26 ? 0.25394 0.37144 0.35481 0.03263  0.05093  0.04077  291 THR A OG1 
186 C CG2 . THR A 26 ? 0.28106 0.38190 0.28355 0.02323  0.01964  0.04363  291 THR A CG2 
187 N N   . ALA A 27 ? 0.20030 0.30065 0.22705 0.01014  0.00551  0.01785  292 ALA A N   
188 C CA  . ALA A 27 ? 0.20996 0.29261 0.18920 -0.01307 -0.00549 0.03139  292 ALA A CA  
189 C C   . ALA A 27 ? 0.19259 0.30129 0.19365 -0.02374 -0.00639 0.04734  292 ALA A C   
190 O O   . ALA A 27 ? 0.24574 0.28234 0.20729 -0.03588 -0.02439 0.04817  292 ALA A O   
191 C CB  . ALA A 27 ? 0.20745 0.31470 0.19842 -0.01475 -0.02821 0.03129  292 ALA A CB  
192 N N   . ALA A 28 ? 0.20540 0.36116 0.21869 -0.04793 -0.01249 0.07237  293 ALA A N   
193 C CA  . ALA A 28 ? 0.20544 0.38380 0.22273 -0.05024 -0.01866 0.07618  293 ALA A CA  
194 C C   . ALA A 28 ? 0.23835 0.31432 0.21116 -0.04094 -0.03202 0.07402  293 ALA A C   
195 O O   . ALA A 28 ? 0.23080 0.31500 0.19758 -0.04624 -0.02253 0.07063  293 ALA A O   
196 C CB  . ALA A 28 ? 0.21535 0.42206 0.24492 -0.03480 0.00028  0.06822  293 ALA A CB  
197 N N   . PRO A 29 ? 0.24045 0.28463 0.26347 -0.03698 -0.04986 0.09368  294 PRO A N   
198 C CA  . PRO A 29 ? 0.22866 0.24899 0.26716 -0.01407 -0.04503 0.06052  294 PRO A CA  
199 C C   . PRO A 29 ? 0.20560 0.26605 0.21488 -0.01392 -0.03412 0.04771  294 PRO A C   
200 O O   . PRO A 29 ? 0.19165 0.29029 0.22986 -0.01725 -0.01009 0.07902  294 PRO A O   
201 C CB  . PRO A 29 ? 0.29100 0.25737 0.29905 -0.02310 -0.06052 0.05753  294 PRO A CB  
202 C CG  . PRO A 29 ? 0.33588 0.26254 0.30480 -0.03365 -0.08639 0.07441  294 PRO A CG  
203 C CD  . PRO A 29 ? 0.32721 0.28883 0.24242 -0.06367 -0.06990 0.09278  294 PRO A CD  
204 N N   . VAL A 30 ? 0.18967 0.23773 0.21006 0.00134  -0.00900 0.03228  295 VAL A N   
205 C CA  . VAL A 30 ? 0.20162 0.23548 0.19647 -0.00007 -0.00206 0.03302  295 VAL A CA  
206 C C   . VAL A 30 ? 0.19432 0.24690 0.18829 0.01544  0.00193  0.01897  295 VAL A C   
207 O O   . VAL A 30 ? 0.21852 0.27999 0.20692 0.03371  0.00474  0.00038  295 VAL A O   
208 C CB  . VAL A 30 ? 0.22075 0.25753 0.21003 -0.01799 0.00332  0.03781  295 VAL A CB  
209 C CG1 . VAL A 30 ? 0.22282 0.23581 0.23927 -0.00686 -0.00908 0.03705  295 VAL A CG1 
210 C CG2 . VAL A 30 ? 0.26783 0.28645 0.21542 -0.03169 -0.00264 0.04314  295 VAL A CG2 
211 N N   . PHE A 31 ? 0.21364 0.21377 0.17015 0.01611  -0.01622 -0.00124 296 PHE A N   
212 C CA  . PHE A 31 ? 0.26313 0.19533 0.15495 0.01681  -0.03545 -0.02454 296 PHE A CA  
213 C C   . PHE A 31 ? 0.23994 0.21943 0.15148 0.01868  -0.01629 -0.01572 296 PHE A C   
214 O O   . PHE A 31 ? 0.26185 0.22189 0.15826 0.03636  -0.02372 -0.02086 296 PHE A O   
215 C CB  . PHE A 31 ? 0.25675 0.19208 0.20147 0.02758  -0.02208 -0.03108 296 PHE A CB  
216 C CG  . PHE A 31 ? 0.27000 0.20647 0.17777 0.00670  -0.00869 -0.02642 296 PHE A CG  
217 C CD1 . PHE A 31 ? 0.28636 0.23237 0.20362 0.00309  -0.00325 -0.01895 296 PHE A CD1 
218 C CD2 . PHE A 31 ? 0.26493 0.22835 0.21388 -0.00896 -0.00234 -0.02268 296 PHE A CD2 
219 C CE1 . PHE A 31 ? 0.29335 0.24620 0.23498 -0.01001 -0.01144 -0.01505 296 PHE A CE1 
220 C CE2 . PHE A 31 ? 0.26206 0.22172 0.21344 -0.01203 0.01145  -0.03221 296 PHE A CE2 
221 C CZ  . PHE A 31 ? 0.28156 0.23884 0.21444 -0.02351 0.00040  -0.01878 296 PHE A CZ  
222 N N   . ILE A 32 ? 0.24512 0.20088 0.16310 0.00606  -0.02140 -0.01070 297 ILE A N   
223 C CA  . ILE A 32 ? 0.28708 0.19726 0.15249 0.00101  -0.03012 -0.01578 297 ILE A CA  
224 C C   . ILE A 32 ? 0.29493 0.21429 0.15817 0.01005  -0.03595 -0.04008 297 ILE A C   
225 O O   . ILE A 32 ? 0.31048 0.24050 0.21270 0.00797  -0.01496 -0.06699 297 ILE A O   
226 C CB  . ILE A 32 ? 0.31007 0.23510 0.20076 -0.02881 -0.03957 0.01131  297 ILE A CB  
227 C CG1 . ILE A 32 ? 0.33203 0.27101 0.25498 -0.05955 -0.04580 0.03414  297 ILE A CG1 
228 C CG2 . ILE A 32 ? 0.33942 0.23964 0.21944 -0.02779 -0.05821 0.00813  297 ILE A CG2 
229 C CD1 . ILE A 32 ? 0.36781 0.31044 0.27550 -0.08470 -0.03848 0.05139  297 ILE A CD1 
230 N N   . SER A 33 ? 0.27896 0.22245 0.16416 0.03589  -0.06235 -0.04340 298 SER A N   
231 C CA  . SER A 33 ? 0.29898 0.24304 0.20337 0.03752  -0.08188 -0.04970 298 SER A CA  
232 C C   . SER A 33 ? 0.32662 0.22551 0.21038 0.07854  -0.10600 -0.06602 298 SER A C   
233 O O   . SER A 33 ? 0.36469 0.23972 0.25669 0.08290  -0.11875 -0.08464 298 SER A O   
234 C CB  . SER A 33 ? 0.29311 0.29198 0.25039 0.01144  -0.05651 -0.06169 298 SER A CB  
235 O OG  . SER A 33 ? 0.31437 0.34493 0.33209 -0.01644 -0.06332 -0.05442 298 SER A OG  
236 N N   . SER A 34 ? 0.34434 0.24937 0.21997 0.09356  -0.13380 -0.06552 299 SER A N   
237 C CA  . SER A 34 ? 0.40503 0.26324 0.24333 0.08550  -0.15906 -0.06943 299 SER A CA  
238 C C   . SER A 34 ? 0.40112 0.26848 0.25993 0.10657  -0.15348 -0.08503 299 SER A C   
239 O O   . SER A 34 ? 0.42103 0.27053 0.31894 0.10086  -0.16995 -0.10412 299 SER A O   
240 C CB  . SER A 34 ? 0.44521 0.30154 0.29399 0.04455  -0.18176 -0.03249 299 SER A CB  
241 O OG  . SER A 34 ? 0.49803 0.31418 0.27560 0.01426  -0.19356 -0.02895 299 SER A OG  
242 N N   . VAL A 35 ? 0.39936 0.29189 0.19159 0.09844  -0.08512 -0.06122 300 VAL A N   
243 C CA  . VAL A 35 ? 0.37794 0.30395 0.18705 0.10174  -0.04365 -0.02456 300 VAL A CA  
244 C C   . VAL A 35 ? 0.35694 0.27775 0.17734 0.10702  -0.03744 -0.02002 300 VAL A C   
245 O O   . VAL A 35 ? 0.39695 0.29672 0.19751 0.08654  -0.08178 -0.02665 300 VAL A O   
246 C CB  . VAL A 35 ? 0.39836 0.32633 0.20743 0.10324  -0.00516 -0.00457 300 VAL A CB  
247 C CG1 . VAL A 35 ? 0.42957 0.31847 0.25105 0.10194  -0.00453 0.01903  300 VAL A CG1 
248 C CG2 . VAL A 35 ? 0.40234 0.35375 0.22999 0.09933  -0.00882 -0.00567 300 VAL A CG2 
249 N N   . VAL A 36 ? 0.29323 0.27146 0.15354 0.10698  -0.00340 -0.00068 301 VAL A N   
250 C CA  . VAL A 36 ? 0.27009 0.27798 0.18176 0.11044  0.00698  -0.00962 301 VAL A CA  
251 C C   . VAL A 36 ? 0.29002 0.28287 0.20271 0.09857  0.03066  0.01418  301 VAL A C   
252 O O   . VAL A 36 ? 0.31338 0.27999 0.24389 0.08052  0.03190  0.01316  301 VAL A O   
253 C CB  . VAL A 36 ? 0.27797 0.27846 0.17245 0.10372  -0.00801 -0.02407 301 VAL A CB  
254 C CG1 . VAL A 36 ? 0.27561 0.30960 0.19099 0.08514  -0.03147 0.00593  301 VAL A CG1 
255 C CG2 . VAL A 36 ? 0.28834 0.31722 0.19783 0.09801  0.00255  -0.04386 301 VAL A CG2 
256 N N   . ARG A 37 ? 0.28973 0.28178 0.23166 0.12959  0.04208  0.01159  302 ARG A N   
257 C CA  A ARG A 37 ? 0.32865 0.30241 0.26429 0.13479  0.02963  -0.00740 302 ARG A CA  
258 C CA  B ARG A 37 ? 0.32502 0.29463 0.26375 0.13971  0.02714  -0.01123 302 ARG A CA  
259 C C   . ARG A 37 ? 0.30296 0.30302 0.26250 0.14468  0.02987  -0.00957 302 ARG A C   
260 O O   . ARG A 37 ? 0.31005 0.32291 0.25075 0.12364  0.02252  0.02395  302 ARG A O   
261 C CB  A ARG A 37 ? 0.38657 0.33412 0.29500 0.13105  0.02878  -0.02770 302 ARG A CB  
262 C CB  B ARG A 37 ? 0.37621 0.30933 0.29369 0.14624  0.02047  -0.03922 302 ARG A CB  
263 C CG  A ARG A 37 ? 0.43324 0.38596 0.34843 0.11051  0.00720  -0.01234 302 ARG A CG  
264 C CG  B ARG A 37 ? 0.41611 0.34193 0.34616 0.13712  -0.00677 -0.03361 302 ARG A CG  
265 C CD  A ARG A 37 ? 0.48028 0.44229 0.40914 0.07823  -0.01774 0.01013  302 ARG A CD  
266 C CD  B ARG A 37 ? 0.45939 0.40064 0.39594 0.10688  -0.03733 -0.01687 302 ARG A CD  
267 N NE  A ARG A 37 ? 0.50322 0.48082 0.44416 0.05848  -0.03337 0.01937  302 ARG A NE  
268 N NE  B ARG A 37 ? 0.48135 0.43347 0.41047 0.09421  -0.05588 -0.02192 302 ARG A NE  
269 C CZ  A ARG A 37 ? 0.53713 0.52317 0.48047 0.03387  -0.04694 0.02690  302 ARG A CZ  
270 C CZ  B ARG A 37 ? 0.51288 0.46282 0.40319 0.07629  -0.07552 -0.02347 302 ARG A CZ  
271 N NH1 A ARG A 37 ? 0.54952 0.53352 0.49420 0.02738  -0.05018 0.02140  302 ARG A NH1 
272 N NH1 B ARG A 37 ? 0.53891 0.47967 0.41192 0.06294  -0.08071 -0.01518 302 ARG A NH1 
273 N NH2 A ARG A 37 ? 0.54293 0.53634 0.49635 0.03015  -0.05080 0.03168  302 ARG A NH2 
274 N NH2 B ARG A 37 ? 0.50816 0.46028 0.40414 0.08119  -0.07924 -0.03101 302 ARG A NH2 
275 N N   . ASN A 38 ? 0.27936 0.32650 0.27821 0.14300  0.03428  -0.00530 303 ASN A N   
276 C CA  . ASN A 38 ? 0.28628 0.33987 0.28910 0.13708  0.02025  0.00410  303 ASN A CA  
277 C C   . ASN A 38 ? 0.28241 0.36697 0.26039 0.12680  0.01270  0.00095  303 ASN A C   
278 O O   . ASN A 38 ? 0.30547 0.35472 0.28772 0.11749  -0.00355 0.01686  303 ASN A O   
279 C CB  . ASN A 38 ? 0.32951 0.34941 0.30566 0.12031  0.03259  0.00334  303 ASN A CB  
280 C CG  . ASN A 38 ? 0.32159 0.35685 0.34723 0.13220  0.04028  -0.00258 303 ASN A CG  
281 O OD1 . ASN A 38 ? 0.31538 0.37648 0.38036 0.12553  0.05732  0.00645  303 ASN A OD1 
282 N ND2 . ASN A 38 ? 0.33748 0.37741 0.34171 0.13260  0.03180  -0.01676 303 ASN A ND2 
283 N N   . GLN A 39 ? 0.25249 0.38105 0.25436 0.14398  0.01051  -0.01059 304 GLN A N   
284 C CA  . GLN A 39 ? 0.27059 0.39570 0.25669 0.12386  0.00759  0.01556  304 GLN A CA  
285 C C   . GLN A 39 ? 0.27480 0.39047 0.25489 0.09449  0.01262  0.05338  304 GLN A C   
286 O O   . GLN A 39 ? 0.32824 0.39525 0.27184 0.08929  -0.00385 0.06893  304 GLN A O   
287 C CB  . GLN A 39 ? 0.29629 0.40942 0.28173 0.13485  -0.00148 0.00270  304 GLN A CB  
288 C CG  . GLN A 39 ? 0.34035 0.43849 0.32427 0.13874  -0.02395 -0.02102 304 GLN A CG  
289 C CD  . GLN A 39 ? 0.37689 0.44874 0.30989 0.15915  -0.03485 -0.06401 304 GLN A CD  
290 O OE1 . GLN A 39 ? 0.41468 0.45699 0.31756 0.16092  -0.05160 -0.05622 304 GLN A OE1 
291 N NE2 . GLN A 39 ? 0.39368 0.44404 0.33582 0.16981  -0.03886 -0.07994 304 GLN A NE2 
292 N N   . GLN A 40 ? 0.28469 0.36079 0.24884 0.06581  0.00090  0.07526  305 GLN A N   
293 C CA  . GLN A 40 ? 0.25952 0.35983 0.28519 0.04336  0.00222  0.06529  305 GLN A CA  
294 C C   . GLN A 40 ? 0.26636 0.32227 0.22189 0.07751  0.00812  0.03796  305 GLN A C   
295 O O   . GLN A 40 ? 0.27663 0.31566 0.25663 0.08446  0.02845  0.04876  305 GLN A O   
301 N N   . ILE A 41 ? 0.27245 0.32663 0.19501 0.08018  -0.03588 -0.01138 306 ILE A N   
302 C CA  . ILE A 41 ? 0.30890 0.31190 0.21224 0.08328  -0.05797 -0.04826 306 ILE A CA  
303 C C   . ILE A 41 ? 0.37988 0.28347 0.22012 0.09035  -0.06087 -0.04279 306 ILE A C   
304 O O   . ILE A 41 ? 0.41145 0.31625 0.24035 0.07208  -0.06679 -0.04863 306 ILE A O   
305 C CB  . ILE A 41 ? 0.27114 0.34689 0.26807 0.07216  -0.07112 -0.08948 306 ILE A CB  
306 C CG1 . ILE A 41 ? 0.29467 0.35507 0.28156 0.04688  -0.06629 -0.11460 306 ILE A CG1 
307 C CG2 . ILE A 41 ? 0.29839 0.37925 0.33062 0.06374  -0.09983 -0.06233 306 ILE A CG2 
308 C CD1 . ILE A 41 ? 0.30223 0.35645 0.32382 0.04817  -0.06113 -0.10157 306 ILE A CD1 
309 N N   . LEU A 42 ? 0.41499 0.27636 0.20798 0.10422  -0.08820 -0.04081 307 LEU A N   
310 C CA  . LEU A 42 ? 0.46203 0.26342 0.23701 0.11677  -0.09058 -0.03244 307 LEU A CA  
311 C C   . LEU A 42 ? 0.47264 0.21199 0.21540 0.11231  -0.10548 -0.04090 307 LEU A C   
312 O O   . LEU A 42 ? 0.46846 0.22566 0.24574 0.11456  -0.14540 -0.04778 307 LEU A O   
313 C CB  . LEU A 42 ? 0.50288 0.28087 0.24265 0.11940  -0.09115 -0.04543 307 LEU A CB  
314 C CG  . LEU A 42 ? 0.55496 0.30211 0.25560 0.09663  -0.08948 -0.05410 307 LEU A CG  
315 C CD1 . LEU A 42 ? 0.58461 0.28234 0.25788 0.09143  -0.08914 -0.05830 307 LEU A CD1 
316 C CD2 . LEU A 42 ? 0.54087 0.35157 0.29339 0.09093  -0.07378 -0.04077 307 LEU A CD2 
317 N N   . HIS A 43 ? 0.46441 0.24980 0.15427 0.07114  -0.07369 -0.01801 308 HIS A N   
318 C CA  . HIS A 43 ? 0.44588 0.21921 0.15893 0.06670  -0.05911 -0.01405 308 HIS A CA  
319 C C   . HIS A 43 ? 0.43845 0.19387 0.17690 0.08367  -0.06406 -0.02466 308 HIS A C   
320 O O   . HIS A 43 ? 0.48460 0.20653 0.19160 0.08431  -0.06813 -0.03484 308 HIS A O   
321 C CB  . HIS A 43 ? 0.45668 0.22793 0.17397 0.03402  -0.06716 -0.01891 308 HIS A CB  
322 C CG  . HIS A 43 ? 0.43913 0.24898 0.20268 0.01611  -0.06247 -0.02099 308 HIS A CG  
323 N ND1 . HIS A 43 ? 0.39774 0.28968 0.19430 0.00952  -0.04273 -0.00812 308 HIS A ND1 
324 C CD2 . HIS A 43 ? 0.45438 0.30558 0.21918 -0.01173 -0.07918 -0.01355 308 HIS A CD2 
325 C CE1 . HIS A 43 ? 0.39574 0.33544 0.20354 -0.01386 -0.04302 0.00120  308 HIS A CE1 
326 N NE2 . HIS A 43 ? 0.41656 0.34078 0.22983 -0.02793 -0.04847 0.00033  308 HIS A NE2 
327 N N   . ARG A 44 ? 0.37231 0.20802 0.17002 0.07495  -0.06682 -0.02859 309 ARG A N   
328 C CA  A ARG A 44 ? 0.35944 0.21040 0.17134 0.06800  -0.06387 -0.03045 309 ARG A CA  
329 C CA  B ARG A 44 ? 0.35615 0.22030 0.15231 0.07011  -0.06233 -0.03981 309 ARG A CA  
330 C C   . ARG A 44 ? 0.35512 0.21057 0.15360 0.06109  -0.05918 -0.04814 309 ARG A C   
331 O O   . ARG A 44 ? 0.36001 0.22439 0.23631 0.09341  -0.09938 -0.08158 309 ARG A O   
332 C CB  A ARG A 44 ? 0.36221 0.20549 0.21352 0.06200  -0.06757 -0.02023 309 ARG A CB  
333 C CB  B ARG A 44 ? 0.34652 0.23753 0.14884 0.07059  -0.06210 -0.04851 309 ARG A CB  
334 C CG  A ARG A 44 ? 0.34037 0.24300 0.25714 0.05392  -0.05975 -0.01310 309 ARG A CG  
335 C CG  B ARG A 44 ? 0.33055 0.26427 0.13252 0.07194  -0.04906 -0.06357 309 ARG A CG  
336 C CD  A ARG A 44 ? 0.35769 0.27988 0.26579 0.03723  -0.05387 -0.01249 309 ARG A CD  
337 C CD  B ARG A 44 ? 0.31748 0.29506 0.18643 0.07418  -0.02990 -0.04716 309 ARG A CD  
338 N NE  A ARG A 44 ? 0.33513 0.30469 0.23760 0.02958  -0.03593 -0.01867 309 ARG A NE  
339 N NE  B ARG A 44 ? 0.26882 0.34124 0.22721 0.07769  -0.01650 -0.04341 309 ARG A NE  
340 C CZ  A ARG A 44 ? 0.31460 0.34194 0.22436 0.02138  -0.01728 -0.03098 309 ARG A CZ  
341 C CZ  B ARG A 44 ? 0.31319 0.35702 0.25342 0.06199  -0.04411 -0.04707 309 ARG A CZ  
342 N NH1 A ARG A 44 ? 0.32855 0.39703 0.27198 0.00881  -0.03063 -0.01924 309 ARG A NH1 
343 N NH1 B ARG A 44 ? 0.29000 0.37183 0.28258 0.06756  -0.04853 -0.04061 309 ARG A NH1 
344 N NH2 A ARG A 44 ? 0.31425 0.30588 0.20224 0.01696  0.01814  -0.01371 309 ARG A NH2 
345 N NH2 B ARG A 44 ? 0.33308 0.36407 0.26804 0.06237  -0.04496 -0.04349 309 ARG A NH2 
346 N N   . VAL A 45 ? 0.28669 0.19748 0.15241 0.04019  -0.02441 -0.01552 310 VAL A N   
347 C CA  . VAL A 45 ? 0.27782 0.20245 0.14209 0.01250  -0.01770 -0.01300 310 VAL A CA  
348 C C   . VAL A 45 ? 0.22821 0.19439 0.15031 0.02390  -0.00499 -0.03089 310 VAL A C   
349 O O   . VAL A 45 ? 0.24565 0.20761 0.16747 0.01775  -0.00256 -0.02976 310 VAL A O   
350 C CB  . VAL A 45 ? 0.31364 0.21340 0.18478 -0.00812 -0.01448 -0.00669 310 VAL A CB  
351 C CG1 . VAL A 45 ? 0.28026 0.28591 0.20516 -0.02969 -0.01497 0.01696  310 VAL A CG1 
352 C CG2 . VAL A 45 ? 0.34816 0.20977 0.16658 -0.03065 0.01076  0.00098  310 VAL A CG2 
353 N N   . ARG A 46 ? 0.20885 0.19640 0.15796 -0.00007 -0.00406 -0.00061 311 ARG A N   
354 C CA  . ARG A 46 ? 0.19844 0.20123 0.16682 -0.00279 -0.01363 -0.00205 311 ARG A CA  
355 C C   . ARG A 46 ? 0.19558 0.21845 0.15226 0.00131  -0.00131 -0.00883 311 ARG A C   
356 O O   . ARG A 46 ? 0.19240 0.22577 0.17602 0.02068  -0.00459 -0.00254 311 ARG A O   
357 C CB  . ARG A 46 ? 0.20993 0.20259 0.18181 0.01987  -0.01579 -0.02920 311 ARG A CB  
358 C CG  . ARG A 46 ? 0.23473 0.22129 0.17436 0.01812  -0.02676 -0.01827 311 ARG A CG  
359 C CD  . ARG A 46 ? 0.22626 0.23510 0.19681 0.02749  -0.03006 -0.02699 311 ARG A CD  
360 N NE  . ARG A 46 ? 0.20879 0.28104 0.17895 0.02178  -0.03849 -0.03860 311 ARG A NE  
361 C CZ  . ARG A 46 ? 0.21755 0.33186 0.23455 0.01583  -0.03752 -0.00496 311 ARG A CZ  
362 N NH1 . ARG A 46 ? 0.24686 0.35126 0.30062 -0.00680 -0.03661 0.01782  311 ARG A NH1 
363 N NH2 . ARG A 46 ? 0.23375 0.37415 0.26980 0.02065  -0.03220 0.01027  311 ARG A NH2 
364 N N   . LEU A 47 ? 0.19298 0.22907 0.16558 -0.00291 -0.02152 0.01434  312 LEU A N   
365 C CA  . LEU A 47 ? 0.23076 0.24340 0.16942 -0.01087 -0.03868 0.00979  312 LEU A CA  
366 C C   . LEU A 47 ? 0.20000 0.21294 0.15839 -0.01370 0.00333  -0.01056 312 LEU A C   
367 O O   . LEU A 47 ? 0.21608 0.19957 0.19632 -0.00692 0.02541  -0.00961 312 LEU A O   
368 C CB  . LEU A 47 ? 0.31379 0.28518 0.27235 0.00812  -0.05357 0.02489  312 LEU A CB  
369 C CG  . LEU A 47 ? 0.29697 0.28191 0.24176 0.05591  -0.01345 -0.01773 312 LEU A CG  
370 C CD1 . LEU A 47 ? 0.36450 0.35842 0.26223 0.01818  -0.04249 0.00219  312 LEU A CD1 
371 C CD2 . LEU A 47 ? 0.34419 0.32970 0.37428 0.00239  -0.01471 0.06258  312 LEU A CD2 
372 N N   . GLY A 48 ? 0.22171 0.20422 0.17230 -0.01044 0.00326  -0.01290 313 GLY A N   
373 C CA  . GLY A 48 ? 0.24478 0.19212 0.21838 -0.02260 0.02080  -0.01976 313 GLY A CA  
374 C C   . GLY A 48 ? 0.22988 0.20503 0.24312 -0.01789 0.03880  -0.03156 313 GLY A C   
375 O O   . GLY A 48 ? 0.26312 0.22412 0.25741 -0.03399 0.06043  -0.04006 313 GLY A O   
376 N N   . PRO A 49 ? 0.22515 0.19391 0.23482 -0.00603 0.03399  -0.03536 314 PRO A N   
377 C CA  . PRO A 49 ? 0.22408 0.19739 0.22246 -0.00900 0.02045  -0.03790 314 PRO A CA  
378 C C   . PRO A 49 ? 0.19031 0.20460 0.22611 0.01371  0.00898  -0.04584 314 PRO A C   
379 O O   . PRO A 49 ? 0.20634 0.26630 0.27983 0.03423  -0.00662 -0.05759 314 PRO A O   
380 C CB  . PRO A 49 ? 0.25460 0.16030 0.27060 -0.00071 0.00759  -0.02458 314 PRO A CB  
381 C CG  . PRO A 49 ? 0.29283 0.16260 0.27446 0.00484  0.01605  -0.01899 314 PRO A CG  
382 C CD  . PRO A 49 ? 0.28907 0.16245 0.24762 -0.00306 0.03094  -0.03872 314 PRO A CD  
383 N N   . ILE A 50 ? 0.18795 0.21278 0.21471 0.00223  0.01452  -0.04014 315 ILE A N   
384 C CA  . ILE A 50 ? 0.18034 0.20698 0.21867 0.00357  0.01862  -0.03216 315 ILE A CA  
385 C C   . ILE A 50 ? 0.16804 0.21048 0.22106 0.01248  0.01988  -0.00860 315 ILE A C   
386 O O   . ILE A 50 ? 0.17853 0.24024 0.24125 -0.01599 0.00578  0.01496  315 ILE A O   
387 C CB  . ILE A 50 ? 0.23824 0.18655 0.23404 -0.01876 0.03446  -0.03575 315 ILE A CB  
388 C CG1 . ILE A 50 ? 0.30911 0.19066 0.27492 -0.02804 0.04255  -0.01463 315 ILE A CG1 
389 C CG2 . ILE A 50 ? 0.23099 0.20574 0.24421 -0.00570 0.00961  -0.05749 315 ILE A CG2 
390 C CD1 . ILE A 50 ? 0.32399 0.22369 0.32732 -0.04144 0.04733  0.00289  315 ILE A CD1 
391 N N   . GLY A 51 ? 0.17884 0.18957 0.24369 0.02044  0.00642  -0.00780 316 GLY A N   
392 C CA  . GLY A 51 ? 0.20857 0.19522 0.26010 0.01137  0.00043  -0.00547 316 GLY A CA  
393 C C   . GLY A 51 ? 0.20592 0.20820 0.26476 0.01459  0.00001  -0.00477 316 GLY A C   
394 O O   . GLY A 51 ? 0.25228 0.23683 0.28242 -0.00489 0.02247  0.01164  316 GLY A O   
395 N N   . SER A 52 ? 0.16802 0.22963 0.21869 0.00921  0.01962  -0.01473 317 SER A N   
396 C CA  . SER A 52 ? 0.19184 0.21927 0.22269 0.00613  0.03019  0.00227  317 SER A CA  
397 C C   . SER A 52 ? 0.16148 0.20858 0.21677 0.00862  0.02566  -0.00387 317 SER A C   
398 O O   . SER A 52 ? 0.17413 0.22700 0.22876 -0.00261 0.02010  -0.01109 317 SER A O   
399 C CB  . SER A 52 ? 0.23888 0.22806 0.22674 -0.00133 0.01593  -0.00616 317 SER A CB  
400 O OG  . SER A 52 ? 0.24763 0.21269 0.21496 0.02392  -0.01694 -0.01465 317 SER A OG  
401 N N   . ALA A 53 ? 0.18300 0.20536 0.24614 0.02279  0.02372  -0.01474 318 ALA A N   
402 C CA  . ALA A 53 ? 0.17847 0.22489 0.27005 0.01958  0.04172  -0.00870 318 ALA A CA  
403 C C   . ALA A 53 ? 0.17892 0.23433 0.23697 0.03432  0.02663  -0.01383 318 ALA A C   
404 O O   . ALA A 53 ? 0.18888 0.21243 0.24139 0.03676  0.02551  -0.01461 318 ALA A O   
405 C CB  . ALA A 53 ? 0.18158 0.23599 0.34461 0.01018  0.05648  -0.00480 318 ALA A CB  
406 N N   . ASP A 54 ? 0.21472 0.26906 0.18623 0.03756  0.00424  -0.03814 319 ASP A N   
407 C CA  . ASP A 54 ? 0.23945 0.28923 0.17103 0.03347  0.01827  -0.02702 319 ASP A CA  
408 C C   . ASP A 54 ? 0.20940 0.22954 0.19744 0.04213  0.01390  -0.02964 319 ASP A C   
409 O O   . ASP A 54 ? 0.21577 0.22128 0.20735 0.03679  0.00587  -0.04720 319 ASP A O   
410 C CB  . ASP A 54 ? 0.31251 0.39346 0.18483 0.01502  0.01358  -0.01213 319 ASP A CB  
411 C CG  . ASP A 54 ? 0.39678 0.46200 0.28869 -0.00088 0.02345  0.02912  319 ASP A CG  
412 O OD1 . ASP A 54 ? 0.41538 0.48168 0.27472 -0.00098 0.07588  0.01211  319 ASP A OD1 
413 O OD2 . ASP A 54 ? 0.47774 0.51660 0.28864 -0.03835 0.02451  0.06520  319 ASP A OD2 
414 N N   . GLU A 55 ? 0.20086 0.22429 0.16970 0.04413  0.01491  -0.02712 320 GLU A N   
415 C CA  . GLU A 55 ? 0.18209 0.19122 0.18365 0.04501  0.00640  -0.02677 320 GLU A CA  
416 C C   . GLU A 55 ? 0.14820 0.19702 0.19668 0.03931  0.00026  -0.02277 320 GLU A C   
417 O O   . GLU A 55 ? 0.17751 0.20075 0.20904 0.02668  -0.00580 -0.03453 320 GLU A O   
418 C CB  . GLU A 55 ? 0.19042 0.17747 0.20603 0.04953  0.00175  -0.01595 320 GLU A CB  
419 C CG  . GLU A 55 ? 0.16407 0.21748 0.22736 0.05163  0.02392  -0.01738 320 GLU A CG  
420 C CD  . GLU A 55 ? 0.21225 0.22293 0.23380 0.04633  0.02512  -0.02172 320 GLU A CD  
421 O OE1 . GLU A 55 ? 0.21378 0.23029 0.26884 0.04814  0.02068  -0.02820 320 GLU A OE1 
422 O OE2 . GLU A 55 ? 0.21729 0.23665 0.25135 0.05877  0.03085  -0.01696 320 GLU A OE2 
423 N N   . VAL A 56 ? 0.15214 0.17818 0.20863 0.03209  -0.00237 -0.01808 321 VAL A N   
424 C CA  . VAL A 56 ? 0.14102 0.20549 0.19336 0.02729  -0.00674 -0.00303 321 VAL A CA  
425 C C   . VAL A 56 ? 0.17172 0.20485 0.20135 0.02763  0.01309  -0.00823 321 VAL A C   
426 O O   . VAL A 56 ? 0.17947 0.19355 0.21409 0.01184  0.00227  -0.01404 321 VAL A O   
427 C CB  . VAL A 56 ? 0.15702 0.19699 0.22519 0.01964  -0.03222 0.00679  321 VAL A CB  
428 C CG1 . VAL A 56 ? 0.17695 0.23983 0.23269 0.01324  -0.03306 0.01820  321 VAL A CG1 
429 C CG2 . VAL A 56 ? 0.21607 0.19373 0.22092 0.00959  -0.02538 -0.03318 321 VAL A CG2 
430 N N   . SER A 57 ? 0.17645 0.19727 0.21346 0.04464  0.01567  -0.02563 322 SER A N   
431 C CA  A SER A 57 ? 0.21372 0.18641 0.21824 0.05073  0.02788  -0.03717 322 SER A CA  
432 C CA  B SER A 57 ? 0.21057 0.19169 0.22270 0.03817  0.01631  -0.03282 322 SER A CA  
433 C CA  C SER A 57 ? 0.20304 0.19826 0.22663 0.04567  0.01606  -0.03552 322 SER A CA  
434 C C   . SER A 57 ? 0.21637 0.17929 0.21100 0.04372  0.01218  -0.03672 322 SER A C   
435 O O   . SER A 57 ? 0.23648 0.17101 0.20581 0.03607  -0.00476 -0.03738 322 SER A O   
436 C CB  A SER A 57 ? 0.25056 0.20394 0.24215 0.05241  0.05187  -0.04381 322 SER A CB  
437 C CB  B SER A 57 ? 0.23339 0.21372 0.25545 0.01863  0.02099  -0.02977 322 SER A CB  
438 C CB  C SER A 57 ? 0.20797 0.23692 0.27483 0.04064  0.01604  -0.03486 322 SER A CB  
439 O OG  A SER A 57 ? 0.27675 0.21236 0.23147 0.06162  0.07036  -0.05835 322 SER A OG  
440 O OG  B SER A 57 ? 0.24473 0.23193 0.26504 0.00430  0.02089  -0.02971 322 SER A OG  
441 O OG  C SER A 57 ? 0.19002 0.27300 0.30485 0.04005  0.01018  -0.03734 322 SER A OG  
442 N N   . ARG A 58 ? 0.21953 0.17593 0.18636 0.04569  0.00452  -0.04407 323 ARG A N   
443 C CA  . ARG A 58 ? 0.21070 0.19347 0.18680 0.02208  -0.02054 -0.02647 323 ARG A CA  
444 C C   . ARG A 58 ? 0.16599 0.19678 0.18794 0.00470  -0.02025 -0.04034 323 ARG A C   
445 O O   . ARG A 58 ? 0.20797 0.20246 0.20489 -0.01251 -0.03501 -0.03122 323 ARG A O   
446 C CB  . ARG A 58 ? 0.24904 0.22002 0.19073 0.01597  -0.00728 -0.00154 323 ARG A CB  
447 C CG  . ARG A 58 ? 0.30624 0.24996 0.24347 0.02935  -0.03050 0.02313  323 ARG A CG  
448 C CD  . ARG A 58 ? 0.33395 0.25564 0.29793 0.03454  -0.04137 0.04161  323 ARG A CD  
449 N NE  . ARG A 58 ? 0.34311 0.28444 0.34451 0.02612  -0.03757 0.07057  323 ARG A NE  
450 C CZ  . ARG A 58 ? 0.34097 0.32954 0.32417 0.01764  -0.02451 0.06874  323 ARG A CZ  
451 N NH1 . ARG A 58 ? 0.31820 0.33452 0.35410 0.02261  -0.03122 0.07890  323 ARG A NH1 
452 N NH2 . ARG A 58 ? 0.38019 0.34198 0.32210 0.01669  -0.03023 0.04779  323 ARG A NH2 
453 N N   . THR A 59 ? 0.18333 0.19383 0.17648 0.01509  -0.00509 -0.05484 324 THR A N   
454 C CA  . THR A 59 ? 0.21210 0.16702 0.18000 0.00551  0.00346  -0.04493 324 THR A CA  
455 C C   . THR A 59 ? 0.19435 0.17671 0.17925 0.00060  -0.00919 -0.03427 324 THR A C   
456 O O   . THR A 59 ? 0.23111 0.17124 0.18877 -0.02190 -0.00171 -0.03500 324 THR A O   
457 C CB  . THR A 59 ? 0.21993 0.18976 0.16507 0.01740  0.01450  -0.03992 324 THR A CB  
458 O OG1 . THR A 59 ? 0.23151 0.19671 0.21003 0.03041  0.00514  -0.03215 324 THR A OG1 
459 C CG2 . THR A 59 ? 0.24207 0.20736 0.18207 -0.00005 0.00975  -0.03480 324 THR A CG2 
460 N N   . GLN A 60 ? 0.19331 0.17647 0.18908 0.01507  -0.02598 -0.03036 325 GLN A N   
461 C CA  . GLN A 60 ? 0.22339 0.17337 0.20691 0.03126  -0.02258 -0.05738 325 GLN A CA  
462 C C   . GLN A 60 ? 0.25589 0.17880 0.19431 0.01818  -0.01903 -0.04766 325 GLN A C   
463 O O   . GLN A 60 ? 0.26964 0.17614 0.20201 0.00151  -0.02189 -0.02933 325 GLN A O   
464 C CB  . GLN A 60 ? 0.20894 0.19591 0.21608 0.02706  -0.01965 -0.04400 325 GLN A CB  
465 C CG  . GLN A 60 ? 0.22007 0.23778 0.22385 0.02549  -0.01756 -0.02955 325 GLN A CG  
466 C CD  . GLN A 60 ? 0.20732 0.28515 0.22330 0.06622  0.01201  -0.03097 325 GLN A CD  
467 O OE1 . GLN A 60 ? 0.26403 0.33798 0.25812 0.02930  -0.00089 0.00824  325 GLN A OE1 
468 N NE2 . GLN A 60 ? 0.24147 0.38584 0.23419 0.04382  0.00607  -0.03580 325 GLN A NE2 
469 N N   . ASP A 61 ? 0.26313 0.19348 0.17101 0.01884  -0.03204 -0.06151 326 ASP A N   
470 C CA  . ASP A 61 ? 0.29991 0.20550 0.17980 0.00974  -0.04046 -0.05365 326 ASP A CA  
471 C C   . ASP A 61 ? 0.27037 0.19774 0.19076 -0.00350 -0.03056 -0.06534 326 ASP A C   
472 O O   . ASP A 61 ? 0.29914 0.18524 0.21974 -0.03101 -0.02650 -0.05773 326 ASP A O   
473 C CB  . ASP A 61 ? 0.33914 0.22434 0.17763 0.02467  -0.03565 -0.04850 326 ASP A CB  
474 C CG  . ASP A 61 ? 0.37069 0.24101 0.22376 0.02745  -0.02933 -0.03926 326 ASP A CG  
475 O OD1 . ASP A 61 ? 0.36667 0.23665 0.26383 0.03890  -0.00258 -0.05302 326 ASP A OD1 
476 O OD2 . ASP A 61 ? 0.40799 0.31188 0.23501 0.00980  -0.03672 -0.02191 326 ASP A OD2 
477 N N   . SER A 62 ? 0.25263 0.21862 0.20549 -0.02185 -0.02687 -0.05804 327 SER A N   
478 C CA  A SER A 62 ? 0.25304 0.24183 0.22754 -0.01697 -0.02966 -0.05422 327 SER A CA  
479 C CA  B SER A 62 ? 0.26175 0.22477 0.21799 -0.02279 -0.03061 -0.05283 327 SER A CA  
480 C C   . SER A 62 ? 0.25661 0.21516 0.22030 -0.01700 -0.02121 -0.05761 327 SER A C   
481 O O   . SER A 62 ? 0.27264 0.22169 0.22621 -0.03991 -0.01352 -0.05702 327 SER A O   
482 C CB  A SER A 62 ? 0.25344 0.27889 0.27813 -0.01026 -0.03553 -0.04053 327 SER A CB  
483 C CB  B SER A 62 ? 0.27927 0.23043 0.24387 -0.02840 -0.04562 -0.03983 327 SER A CB  
484 O OG  A SER A 62 ? 0.27269 0.31027 0.34765 -0.00004 -0.04491 -0.01318 327 SER A OG  
485 O OG  B SER A 62 ? 0.30610 0.23382 0.28360 -0.03236 -0.06515 -0.01923 327 SER A OG  
486 N N   . ILE A 63 ? 0.25484 0.18833 0.18012 -0.00456 -0.01752 -0.04909 328 ILE A N   
487 C CA  . ILE A 63 ? 0.29242 0.17756 0.18588 -0.01233 -0.02922 -0.04592 328 ILE A CA  
488 C C   . ILE A 63 ? 0.31120 0.17261 0.19297 -0.01061 -0.03006 -0.05081 328 ILE A C   
489 O O   . ILE A 63 ? 0.34291 0.17454 0.20895 -0.02046 -0.01243 -0.02678 328 ILE A O   
490 C CB  . ILE A 63 ? 0.30008 0.19036 0.17639 -0.03001 -0.02542 -0.05286 328 ILE A CB  
491 C CG1 . ILE A 63 ? 0.30692 0.17314 0.19603 -0.03102 -0.00482 -0.06987 328 ILE A CG1 
492 C CG2 . ILE A 63 ? 0.32678 0.21952 0.19425 -0.04038 -0.04909 -0.02435 328 ILE A CG2 
493 C CD1 . ILE A 63 ? 0.34160 0.18010 0.22162 -0.06011 -0.03855 -0.05664 328 ILE A CD1 
494 N N   . ARG A 64 ? 0.28532 0.17585 0.20821 0.01389  -0.03237 -0.06933 329 ARG A N   
495 C CA  . ARG A 64 ? 0.30238 0.19055 0.23858 0.00546  -0.02050 -0.05902 329 ARG A CA  
496 C C   . ARG A 64 ? 0.32771 0.19168 0.22017 -0.02331 -0.01523 -0.05154 329 ARG A C   
497 O O   . ARG A 64 ? 0.34545 0.18017 0.24902 -0.03316 -0.01199 -0.03896 329 ARG A O   
498 C CB  . ARG A 64 ? 0.28622 0.22794 0.24657 0.00319  -0.01930 -0.05283 329 ARG A CB  
499 C CG  . ARG A 64 ? 0.27477 0.25345 0.27720 0.02630  -0.01325 -0.07567 329 ARG A CG  
500 C CD  . ARG A 64 ? 0.30979 0.35934 0.31794 0.02261  -0.01568 -0.08985 329 ARG A CD  
501 N NE  . ARG A 64 ? 0.33609 0.40852 0.39895 0.03330  -0.01913 -0.09055 329 ARG A NE  
502 C CZ  . ARG A 64 ? 0.34358 0.45120 0.46697 0.05989  -0.03732 -0.07191 329 ARG A CZ  
503 N NH1 . ARG A 64 ? 0.32126 0.42331 0.46241 0.11152  -0.02790 -0.08681 329 ARG A NH1 
504 N NH2 . ARG A 64 ? 0.34828 0.49271 0.51590 0.04892  -0.05708 -0.05789 329 ARG A NH2 
505 N N   . VAL A 65 ? 0.29441 0.20665 0.23415 -0.02488 -0.01835 -0.06830 330 VAL A N   
506 C CA  . VAL A 65 ? 0.31466 0.20759 0.25478 -0.03939 -0.00639 -0.05337 330 VAL A CA  
507 C C   . VAL A 65 ? 0.35020 0.21901 0.24938 -0.05088 0.02361  -0.04653 330 VAL A C   
508 O O   . VAL A 65 ? 0.37050 0.22827 0.26897 -0.05345 0.01634  -0.06125 330 VAL A O   
509 C CB  . VAL A 65 ? 0.27660 0.24656 0.26160 -0.04551 -0.00446 -0.05305 330 VAL A CB  
510 C CG1 . VAL A 65 ? 0.29653 0.27910 0.28867 -0.06507 -0.02262 -0.05541 330 VAL A CG1 
511 C CG2 . VAL A 65 ? 0.29165 0.27152 0.24703 -0.05436 -0.00618 -0.06856 330 VAL A CG2 
512 N N   . ALA A 66 ? 0.33767 0.23310 0.23594 -0.03463 0.04033  -0.06343 331 ALA A N   
513 C CA  . ALA A 66 ? 0.37786 0.24025 0.25218 -0.04687 0.04280  -0.05742 331 ALA A CA  
514 C C   . ALA A 66 ? 0.44318 0.22823 0.24718 -0.06261 0.03342  -0.05591 331 ALA A C   
515 O O   . ALA A 66 ? 0.45682 0.24610 0.26572 -0.08030 0.04675  -0.02955 331 ALA A O   
516 C CB  . ALA A 66 ? 0.36989 0.23963 0.25932 -0.03777 0.04463  -0.06229 331 ALA A CB  
517 N N   . ASN A 67 ? 0.46042 0.20395 0.26494 -0.04407 0.02627  -0.05523 332 ASN A N   
518 C CA  . ASN A 67 ? 0.51206 0.20826 0.29021 -0.04667 0.02133  -0.03336 332 ASN A CA  
519 C C   . ASN A 67 ? 0.52124 0.20045 0.26502 -0.04944 0.02429  -0.02155 332 ASN A C   
520 O O   . ASN A 67 ? 0.54435 0.23260 0.29225 -0.05484 0.02729  0.00144  332 ASN A O   
521 C CB  . ASN A 67 ? 0.53718 0.24050 0.34453 -0.04964 0.02469  -0.01318 332 ASN A CB  
522 C CG  . ASN A 67 ? 0.56819 0.26903 0.38641 -0.05070 0.02582  -0.00320 332 ASN A CG  
523 O OD1 . ASN A 67 ? 0.57820 0.25583 0.38309 -0.03555 0.03322  -0.01257 332 ASN A OD1 
524 N ND2 . ASN A 67 ? 0.58561 0.30766 0.45468 -0.05340 0.00346  0.02229  332 ASN A ND2 
525 N N   . LEU A 68 ? 0.48876 0.18547 0.25536 -0.04141 0.02382  -0.02462 333 LEU A N   
526 C CA  . LEU A 68 ? 0.45739 0.21391 0.25973 -0.03343 0.01765  -0.03447 333 LEU A CA  
527 C C   . LEU A 68 ? 0.44456 0.27973 0.30903 -0.03240 0.02025  -0.04553 333 LEU A C   
528 O O   . LEU A 68 ? 0.44995 0.33824 0.37461 -0.04363 0.00154  -0.08535 333 LEU A O   
529 C CB  . LEU A 68 ? 0.45761 0.20797 0.27941 -0.03022 -0.01079 -0.02339 333 LEU A CB  
530 C CG  . LEU A 68 ? 0.45187 0.20326 0.29832 -0.02802 -0.02213 -0.00118 333 LEU A CG  
531 C CD1 . LEU A 68 ? 0.47008 0.20122 0.28673 -0.01666 -0.04902 -0.01820 333 LEU A CD1 
532 C CD2 . LEU A 68 ? 0.43826 0.24808 0.32972 -0.04641 -0.02276 0.02252  333 LEU A CD2 
533 N N   . GLY A 69 ? 0.42049 0.26057 0.32970 -0.02050 0.02882  -0.00812 334 GLY A N   
534 C CA  . GLY A 69 ? 0.41496 0.27418 0.35148 -0.01659 0.00950  0.00648  334 GLY A CA  
535 C C   . GLY A 69 ? 0.41218 0.27476 0.33142 -0.01525 0.01505  -0.00354 334 GLY A C   
536 O O   . GLY A 69 ? 0.43390 0.27272 0.34757 -0.02353 0.00775  -0.01017 334 GLY A O   
537 N N   . GLN A 70 ? 0.41793 0.27622 0.35991 -0.00483 0.00603  -0.00360 335 GLN A N   
538 C CA  . GLN A 70 ? 0.42848 0.25457 0.36707 -0.00092 0.01274  -0.02724 335 GLN A CA  
539 C C   . GLN A 70 ? 0.41648 0.26590 0.30024 -0.03256 -0.01114 -0.03610 335 GLN A C   
540 O O   . GLN A 70 ? 0.43296 0.28706 0.33757 -0.03989 -0.02838 -0.01437 335 GLN A O   
541 C CB  . GLN A 70 ? 0.49660 0.26319 0.44189 0.00913  0.01508  -0.02735 335 GLN A CB  
542 C CG  . GLN A 70 ? 0.56826 0.27255 0.48260 0.01456  0.02551  -0.03085 335 GLN A CG  
543 C CD  . GLN A 70 ? 0.62802 0.30060 0.50226 0.00343  0.04492  -0.04077 335 GLN A CD  
544 O OE1 . GLN A 70 ? 0.62372 0.32158 0.50214 0.00660  0.06864  -0.05585 335 GLN A OE1 
545 N NE2 . GLN A 70 ? 0.66318 0.33268 0.52348 -0.00800 0.03853  -0.02383 335 GLN A NE2 
546 N N   . PRO A 71 ? 0.37540 0.24341 0.21533 -0.03221 0.00407  -0.05354 336 PRO A N   
547 C CA  . PRO A 71 ? 0.36512 0.25612 0.23476 -0.02495 0.04206  -0.04391 336 PRO A CA  
548 C C   . PRO A 71 ? 0.34497 0.28392 0.19342 -0.02725 0.05559  -0.04900 336 PRO A C   
549 O O   . PRO A 71 ? 0.37274 0.33270 0.22362 -0.05479 0.05481  -0.05570 336 PRO A O   
550 C CB  . PRO A 71 ? 0.37772 0.25667 0.32535 -0.01584 0.02511  0.00606  336 PRO A CB  
551 C CG  . PRO A 71 ? 0.39366 0.28164 0.33912 -0.03340 -0.02278 0.02517  336 PRO A CG  
552 C CD  . PRO A 71 ? 0.38904 0.28336 0.27435 -0.04663 -0.04285 -0.01546 336 PRO A CD  
553 N N   . THR A 72 ? 0.30066 0.25083 0.22419 0.01187  0.01767  -0.04659 337 THR A N   
554 C CA  A THR A 72 ? 0.28154 0.25108 0.28182 0.04540  -0.00296 -0.04243 337 THR A CA  
555 C CA  B THR A 72 ? 0.28220 0.26272 0.26067 0.03051  0.00079  -0.03550 337 THR A CA  
556 C C   . THR A 72 ? 0.22591 0.26430 0.22532 0.03439  0.00203  -0.03668 337 THR A C   
557 O O   . THR A 72 ? 0.20959 0.24840 0.21080 0.03426  0.01518  -0.03616 337 THR A O   
558 C CB  A THR A 72 ? 0.37233 0.24662 0.37363 0.06414  -0.04737 -0.05101 337 THR A CB  
559 C CB  B THR A 72 ? 0.34047 0.27430 0.33044 0.03601  -0.02568 -0.02349 337 THR A CB  
560 O OG1 A THR A 72 ? 0.36444 0.28428 0.38694 0.06768  -0.04150 -0.03991 337 THR A OG1 
561 O OG1 B THR A 72 ? 0.38704 0.30163 0.35912 0.02660  -0.03351 -0.00920 337 THR A OG1 
562 C CG2 A THR A 72 ? 0.43018 0.25721 0.40647 0.05634  -0.07072 -0.05354 337 THR A CG2 
563 C CG2 B THR A 72 ? 0.32150 0.27453 0.34674 0.04199  -0.02573 -0.02008 337 THR A CG2 
564 N N   . LEU A 73 ? 0.19271 0.27202 0.19771 0.03913  0.00400  -0.04513 338 LEU A N   
565 C CA  . LEU A 73 ? 0.18902 0.29756 0.17438 0.02218  -0.00193 -0.02802 338 LEU A CA  
566 C C   . LEU A 73 ? 0.18415 0.31309 0.19339 0.02119  -0.01933 -0.01595 338 LEU A C   
567 O O   . LEU A 73 ? 0.20929 0.32651 0.22905 0.03508  -0.03435 -0.00016 338 LEU A O   
568 C CB  . LEU A 73 ? 0.19373 0.34798 0.18300 0.01120  -0.01760 0.00067  338 LEU A CB  
569 C CG  . LEU A 73 ? 0.17304 0.37271 0.20209 0.02307  -0.00971 0.01807  338 LEU A CG  
570 C CD1 . LEU A 73 ? 0.24485 0.43580 0.21640 -0.01843 0.00257  0.05685  338 LEU A CD1 
571 C CD2 . LEU A 73 ? 0.20472 0.35636 0.24568 0.03421  -0.01932 0.01310  338 LEU A CD2 
572 N N   . VAL A 74 ? 0.19219 0.32653 0.18616 -0.00066 -0.02224 -0.03902 339 VAL A N   
573 C CA  . VAL A 74 ? 0.27336 0.37738 0.20372 -0.01848 -0.03109 -0.06586 339 VAL A CA  
574 C C   . VAL A 74 ? 0.38687 0.48339 0.30034 -0.06925 -0.03257 -0.07724 339 VAL A C   
575 O O   . VAL A 74 ? 0.35909 0.41975 0.27132 -0.08931 0.01951  -0.05650 339 VAL A O   
576 C CB  . VAL A 74 ? 0.27533 0.37558 0.23042 -0.00716 -0.00704 -0.05606 339 VAL A CB  
577 C CG1 . VAL A 74 ? 0.30846 0.37418 0.26118 -0.00083 -0.00570 -0.05514 339 VAL A CG1 
578 C CG2 . VAL A 74 ? 0.25557 0.36782 0.21718 0.00360  -0.01264 -0.05645 339 VAL A CG2 
579 N N   . ARG A 75 ? 0.56136 0.62623 0.45933 -0.08054 -0.06550 -0.09048 340 ARG A N   
580 C CA  . ARG A 75 ? 0.74347 0.75262 0.65668 -0.07066 -0.09114 -0.09620 340 ARG A CA  
581 C C   . ARG A 75 ? 0.85109 0.79282 0.74741 -0.05458 -0.09721 -0.11536 340 ARG A C   
582 O O   . ARG A 75 ? 0.85023 0.78407 0.75032 -0.04567 -0.09625 -0.12382 340 ARG A O   
583 C CB  . ARG A 75 ? 0.80780 0.83511 0.77000 -0.07291 -0.10726 -0.07700 340 ARG A CB  
584 C CG  . ARG A 75 ? 0.86029 0.92005 0.87599 -0.07454 -0.11944 -0.04973 340 ARG A CG  
585 C CD  . ARG A 75 ? 0.90517 1.00046 0.96100 -0.07746 -0.12677 -0.02625 340 ARG A CD  
586 N NE  . ARG A 75 ? 0.94063 1.06778 1.02791 -0.07903 -0.12997 -0.00763 340 ARG A NE  
587 C CZ  . ARG A 75 ? 0.96780 1.11807 1.07555 -0.08217 -0.13320 0.00579  340 ARG A CZ  
588 N NH1 . ARG A 75 ? 0.97826 1.13581 1.09078 -0.08176 -0.13374 0.00939  340 ARG A NH1 
589 N NH2 . ARG A 75 ? 0.97794 1.13559 1.09071 -0.08368 -0.13506 0.01093  340 ARG A NH2 
590 N N   . PRO A 76 ? 0.95449 0.85153 0.84050 -0.04874 -0.09994 -0.11372 341 PRO A N   
591 C CA  . PRO A 76 ? 1.04326 0.90936 0.91879 -0.04588 -0.09717 -0.10452 341 PRO A CA  
592 C C   . PRO A 76 ? 1.17069 0.99042 1.01003 -0.04570 -0.09734 -0.09683 341 PRO A C   
593 O O   . PRO A 76 ? 1.17585 0.98802 1.00175 -0.04371 -0.09932 -0.10412 341 PRO A O   
594 C CB  . PRO A 76 ? 1.00896 0.89029 0.90064 -0.04420 -0.09628 -0.10661 341 PRO A CB  
595 C CG  . PRO A 76 ? 0.98372 0.87377 0.88220 -0.04357 -0.09936 -0.11073 341 PRO A CG  
596 C CD  . PRO A 76 ? 0.96517 0.86028 0.86244 -0.04418 -0.10049 -0.11412 341 PRO A CD  
597 N N   . ASP A 77 ? 1.28637 1.07675 1.11164 -0.04836 -0.09391 -0.07854 342 ASP A N   
598 C CA  . ASP A 77 ? 1.38976 1.15965 1.21292 -0.04831 -0.09090 -0.05708 342 ASP A CA  
599 C C   . ASP A 77 ? 1.43482 1.20245 1.27362 -0.05623 -0.09595 -0.04138 342 ASP A C   
600 O O   . ASP A 77 ? 1.45051 1.22048 1.29608 -0.05865 -0.09542 -0.03664 342 ASP A O   
601 C CB  . ASP A 77 ? 1.43176 1.18926 1.24268 -0.03752 -0.08373 -0.05314 342 ASP A CB  
602 C CG  . ASP A 77 ? 1.46239 1.21047 1.26178 -0.02754 -0.07882 -0.05063 342 ASP A CG  
603 O OD1 . ASP A 77 ? 1.47344 1.21622 1.26412 -0.02470 -0.07674 -0.05100 342 ASP A OD1 
604 O OD2 . ASP A 77 ? 1.47171 1.21975 1.27008 -0.02357 -0.07729 -0.04909 342 ASP A OD2 
605 O OXT . ASP A 77 ? 1.44993 1.21543 1.29734 -0.05879 -0.09700 -0.03737 342 ASP A OXT 
# 
